data_7H3I
# 
_entry.id   7H3I 
# 
_audit_conform.dict_name       mmcif_pdbx.dic 
_audit_conform.dict_version    5.397 
_audit_conform.dict_location   http://mmcif.pdb.org/dictionaries/ascii/mmcif_pdbx.dic 
# 
loop_
_database_2.database_id 
_database_2.database_code 
_database_2.pdbx_database_accession 
_database_2.pdbx_DOI 
PDB   7H3I         pdb_00007h3i 10.2210/pdb7h3i/pdb 
WWPDB D_1001406977 ?            ?                   
# 
loop_
_pdbx_audit_revision_history.ordinal 
_pdbx_audit_revision_history.data_content_type 
_pdbx_audit_revision_history.major_revision 
_pdbx_audit_revision_history.minor_revision 
_pdbx_audit_revision_history.revision_date 
1 'Structure model' 1 0 2024-04-24 
2 'Structure model' 1 1 2024-10-16 
# 
_pdbx_audit_revision_details.ordinal             1 
_pdbx_audit_revision_details.revision_ordinal    1 
_pdbx_audit_revision_details.data_content_type   'Structure model' 
_pdbx_audit_revision_details.provider            repository 
_pdbx_audit_revision_details.type                'Initial release' 
_pdbx_audit_revision_details.description         ? 
_pdbx_audit_revision_details.details             ? 
# 
loop_
_pdbx_audit_revision_group.ordinal 
_pdbx_audit_revision_group.revision_ordinal 
_pdbx_audit_revision_group.data_content_type 
_pdbx_audit_revision_group.group 
1 2 'Structure model' 'Database references' 
2 2 'Structure model' 'Structure summary'   
# 
loop_
_pdbx_audit_revision_category.ordinal 
_pdbx_audit_revision_category.revision_ordinal 
_pdbx_audit_revision_category.data_content_type 
_pdbx_audit_revision_category.category 
1 2 'Structure model' citation           
2 2 'Structure model' citation_author    
3 2 'Structure model' pdbx_entry_details 
# 
loop_
_pdbx_audit_revision_item.ordinal 
_pdbx_audit_revision_item.revision_ordinal 
_pdbx_audit_revision_item.data_content_type 
_pdbx_audit_revision_item.item 
1 2 'Structure model' '_citation.country'                 
2 2 'Structure model' '_citation.journal_abbrev'          
3 2 'Structure model' '_citation.journal_id_CSD'          
4 2 'Structure model' '_citation.journal_id_ISSN'         
5 2 'Structure model' '_citation.pdbx_database_id_DOI'    
6 2 'Structure model' '_citation.pdbx_database_id_PubMed' 
7 2 'Structure model' '_citation.title'                   
8 2 'Structure model' '_citation.year'                    
# 
_pdbx_database_status.entry_id                        7H3I 
_pdbx_database_status.status_code                     REL 
_pdbx_database_status.status_code_sf                  REL 
_pdbx_database_status.status_code_mr                  ? 
_pdbx_database_status.status_code_cs                  ? 
_pdbx_database_status.recvd_initial_deposition_date   2024-04-04 
_pdbx_database_status.status_code_nmr_data            ? 
_pdbx_database_status.deposit_site                    RCSB 
_pdbx_database_status.process_site                    RCSB 
_pdbx_database_status.SG_entry                        ? 
_pdbx_database_status.pdb_format_compatible           Y 
_pdbx_database_status.methods_development_category    ? 
# 
_pdbx_contact_author.id                 1 
_pdbx_contact_author.email              frank.von-delft@diamond.ac.uk 
_pdbx_contact_author.name_first         Frank 
_pdbx_contact_author.name_last          'von Delft' 
_pdbx_contact_author.role               'principal investigator/group leader' 
_pdbx_contact_author.identifier_ORCID   0000-0003-0378-0017 
_pdbx_contact_author.name_mi            ? 
# 
loop_
_audit_author.name 
_audit_author.pdbx_ordinal 
'Lithgo, R.M.'        1  
'Fairhead, M.'        2  
'Koekemoer, L.'       3  
'Balcomb, B.H.'       4  
'Capkin, E.'          5  
'Chandran, A.V.'      6  
'Golding, M.'         7  
'Godoy, A.S.'         8  
'Aschenbrenner, J.C.' 9  
'Marples, P.G.'       10 
'Ni, X.'              11 
'Thompson, W.'        12 
'Tomlinson, C.W.E.'   13 
'Wild, C.'            14 
'Winokan, M.'         15 
'Xavier, M.-A.E.'     16 
'Fearon, D.'          17 
'von Delft, F.'       18 
# 
_citation.id                        primary 
_citation.title                     
;Crystallographic Fragment Screen of Coxsackievirus A16 2A Protease identifies new opportunities for the development of broad-spectrum anti-enterovirals.
;
_citation.journal_abbrev            Biorxiv 
_citation.journal_volume            ? 
_citation.page_first                ? 
_citation.page_last                 ? 
_citation.year                      2024 
_citation.journal_id_ASTM           ? 
_citation.country                   US 
_citation.journal_id_ISSN           2692-8205 
_citation.journal_id_CSD            ? 
_citation.book_publisher            ? 
_citation.pdbx_database_id_PubMed   38746446 
_citation.pdbx_database_id_DOI      10.1101/2024.04.29.591684 
# 
loop_
_citation_author.citation_id 
_citation_author.name 
_citation_author.identifier_ORCID 
_citation_author.ordinal 
primary 'Lithgo, R.M.'        0000-0002-4706-9916 1  
primary 'Tomlinson, C.W.E.'   0000-0002-1845-6028 2  
primary 'Fairhead, M.'        0000-0001-5361-3933 3  
primary 'Winokan, M.'         ?                   4  
primary 'Thompson, W.'        0000-0003-1474-7810 5  
primary 'Wild, C.'            0000-0003-0654-8141 6  
primary 'Aschenbrenner, J.C.' 0000-0002-4318-0481 7  
primary 'Balcomb, B.H.'       0000-0001-7599-8467 8  
primary 'Marples, P.G.'       0000-0002-8787-7969 9  
primary 'Chandran, A.V.'      0000-0001-9942-2614 10 
primary 'Golding, M.'         0009-0004-7472-8333 11 
primary 'Koekemoer, L.'       0000-0001-9226-9127 12 
primary 'Williams, E.P.'      0000-0002-1331-9518 13 
primary 'Wang, S.'            ?                   14 
primary 'Ni, X.'              0000-0002-7769-8297 15 
primary 'MacLean, E.'         0000-0003-1680-4292 16 
primary 'Giroud, C.'          0000-0002-1629-1581 17 
primary 'Godoy, A.S.'         0000-0002-0613-9164 18 
primary 'Xavier, M.A.'        0000-0002-1709-9479 19 
primary 'Walsh, M.'           0000-0001-5683-1151 20 
primary 'Fearon, D.'          0000-0003-3529-7863 21 
primary 'von Delft, F.'       0000-0003-0378-0017 22 
# 
loop_
_entity.id 
_entity.type 
_entity.src_method 
_entity.pdbx_description 
_entity.formula_weight 
_entity.pdbx_number_of_molecules 
_entity.pdbx_ec 
_entity.pdbx_mutation 
_entity.pdbx_fragment 
_entity.details 
1 polymer     man 'Protease 2A'                                16493.311 1   3.4.22.29 ? ? ? 
2 non-polymer man '5-(methoxymethyl)-1,3,4-thiadiazol-2-amine' 145.183   1   ?         ? ? ? 
3 non-polymer syn 'ZINC ION'                                   65.409    1   ?         ? ? ? 
4 non-polymer syn 'DIMETHYL SULFOXIDE'                         78.133    5   ?         ? ? ? 
5 water       nat water                                        18.015    235 ?         ? ? ? 
# 
_entity_name_com.entity_id   1 
_entity_name_com.name        'P2A,Picornain 2A,Protein 2A' 
# 
_entity_poly.entity_id                      1 
_entity_poly.type                           'polypeptide(L)' 
_entity_poly.nstd_linkage                   no 
_entity_poly.nstd_monomer                   no 
_entity_poly.pdbx_seq_one_letter_code       
;QEQTGGSGAIYVGNYRVVNRHLATHNDWANLVWEDSSRDLLVSSTTAQGCDTIARCDCQTGVYYCSSRRKHYPVSFSKPS
LIFVEASEYYPARYQSHLMLAVGHSEPGDCGGILRCQHGVVGIVSTGGNGLVGFADVRDLLWLDEEAMEQ
;
_entity_poly.pdbx_seq_one_letter_code_can   
;QEQTGGSGAIYVGNYRVVNRHLATHNDWANLVWEDSSRDLLVSSTTAQGCDTIARCDCQTGVYYCSSRRKHYPVSFSKPS
LIFVEASEYYPARYQSHLMLAVGHSEPGDCGGILRCQHGVVGIVSTGGNGLVGFADVRDLLWLDEEAMEQ
;
_entity_poly.pdbx_strand_id                 A 
_entity_poly.pdbx_target_identifier         ? 
# 
loop_
_pdbx_entity_nonpoly.entity_id 
_pdbx_entity_nonpoly.name 
_pdbx_entity_nonpoly.comp_id 
2 '5-(methoxymethyl)-1,3,4-thiadiazol-2-amine' UVS 
3 'ZINC ION'                                   ZN  
4 'DIMETHYL SULFOXIDE'                         DMS 
5 water                                        HOH 
# 
loop_
_entity_poly_seq.entity_id 
_entity_poly_seq.num 
_entity_poly_seq.mon_id 
_entity_poly_seq.hetero 
1 1   GLN n 
1 2   GLU n 
1 3   GLN n 
1 4   THR n 
1 5   GLY n 
1 6   GLY n 
1 7   SER n 
1 8   GLY n 
1 9   ALA n 
1 10  ILE n 
1 11  TYR n 
1 12  VAL n 
1 13  GLY n 
1 14  ASN n 
1 15  TYR n 
1 16  ARG n 
1 17  VAL n 
1 18  VAL n 
1 19  ASN n 
1 20  ARG n 
1 21  HIS n 
1 22  LEU n 
1 23  ALA n 
1 24  THR n 
1 25  HIS n 
1 26  ASN n 
1 27  ASP n 
1 28  TRP n 
1 29  ALA n 
1 30  ASN n 
1 31  LEU n 
1 32  VAL n 
1 33  TRP n 
1 34  GLU n 
1 35  ASP n 
1 36  SER n 
1 37  SER n 
1 38  ARG n 
1 39  ASP n 
1 40  LEU n 
1 41  LEU n 
1 42  VAL n 
1 43  SER n 
1 44  SER n 
1 45  THR n 
1 46  THR n 
1 47  ALA n 
1 48  GLN n 
1 49  GLY n 
1 50  CYS n 
1 51  ASP n 
1 52  THR n 
1 53  ILE n 
1 54  ALA n 
1 55  ARG n 
1 56  CYS n 
1 57  ASP n 
1 58  CYS n 
1 59  GLN n 
1 60  THR n 
1 61  GLY n 
1 62  VAL n 
1 63  TYR n 
1 64  TYR n 
1 65  CYS n 
1 66  SER n 
1 67  SER n 
1 68  ARG n 
1 69  ARG n 
1 70  LYS n 
1 71  HIS n 
1 72  TYR n 
1 73  PRO n 
1 74  VAL n 
1 75  SER n 
1 76  PHE n 
1 77  SER n 
1 78  LYS n 
1 79  PRO n 
1 80  SER n 
1 81  LEU n 
1 82  ILE n 
1 83  PHE n 
1 84  VAL n 
1 85  GLU n 
1 86  ALA n 
1 87  SER n 
1 88  GLU n 
1 89  TYR n 
1 90  TYR n 
1 91  PRO n 
1 92  ALA n 
1 93  ARG n 
1 94  TYR n 
1 95  GLN n 
1 96  SER n 
1 97  HIS n 
1 98  LEU n 
1 99  MET n 
1 100 LEU n 
1 101 ALA n 
1 102 VAL n 
1 103 GLY n 
1 104 HIS n 
1 105 SER n 
1 106 GLU n 
1 107 PRO n 
1 108 GLY n 
1 109 ASP n 
1 110 CYS n 
1 111 GLY n 
1 112 GLY n 
1 113 ILE n 
1 114 LEU n 
1 115 ARG n 
1 116 CYS n 
1 117 GLN n 
1 118 HIS n 
1 119 GLY n 
1 120 VAL n 
1 121 VAL n 
1 122 GLY n 
1 123 ILE n 
1 124 VAL n 
1 125 SER n 
1 126 THR n 
1 127 GLY n 
1 128 GLY n 
1 129 ASN n 
1 130 GLY n 
1 131 LEU n 
1 132 VAL n 
1 133 GLY n 
1 134 PHE n 
1 135 ALA n 
1 136 ASP n 
1 137 VAL n 
1 138 ARG n 
1 139 ASP n 
1 140 LEU n 
1 141 LEU n 
1 142 TRP n 
1 143 LEU n 
1 144 ASP n 
1 145 GLU n 
1 146 GLU n 
1 147 ALA n 
1 148 MET n 
1 149 GLU n 
1 150 GLN n 
# 
loop_
_entity_src_gen.entity_id 
_entity_src_gen.pdbx_src_id 
_entity_src_gen.pdbx_alt_source_flag 
_entity_src_gen.pdbx_seq_type 
_entity_src_gen.pdbx_beg_seq_num 
_entity_src_gen.pdbx_end_seq_num 
_entity_src_gen.gene_src_common_name 
_entity_src_gen.gene_src_genus 
_entity_src_gen.pdbx_gene_src_gene 
_entity_src_gen.gene_src_species 
_entity_src_gen.gene_src_strain 
_entity_src_gen.gene_src_tissue 
_entity_src_gen.gene_src_tissue_fraction 
_entity_src_gen.gene_src_details 
_entity_src_gen.pdbx_gene_src_fragment 
_entity_src_gen.pdbx_gene_src_scientific_name 
_entity_src_gen.pdbx_gene_src_ncbi_taxonomy_id 
_entity_src_gen.pdbx_gene_src_variant 
_entity_src_gen.pdbx_gene_src_cell_line 
_entity_src_gen.pdbx_gene_src_atcc 
_entity_src_gen.pdbx_gene_src_organ 
_entity_src_gen.pdbx_gene_src_organelle 
_entity_src_gen.pdbx_gene_src_cell 
_entity_src_gen.pdbx_gene_src_cellular_location 
_entity_src_gen.host_org_common_name 
_entity_src_gen.pdbx_host_org_scientific_name 
_entity_src_gen.pdbx_host_org_ncbi_taxonomy_id 
_entity_src_gen.host_org_genus 
_entity_src_gen.pdbx_host_org_gene 
_entity_src_gen.pdbx_host_org_organ 
_entity_src_gen.host_org_species 
_entity_src_gen.pdbx_host_org_tissue 
_entity_src_gen.pdbx_host_org_tissue_fraction 
_entity_src_gen.pdbx_host_org_strain 
_entity_src_gen.pdbx_host_org_variant 
_entity_src_gen.pdbx_host_org_cell_line 
_entity_src_gen.pdbx_host_org_atcc 
_entity_src_gen.pdbx_host_org_culture_collection 
_entity_src_gen.pdbx_host_org_cell 
_entity_src_gen.pdbx_host_org_organelle 
_entity_src_gen.pdbx_host_org_cellular_location 
_entity_src_gen.pdbx_host_org_vector_type 
_entity_src_gen.pdbx_host_org_vector 
_entity_src_gen.host_org_details 
_entity_src_gen.expression_system_id 
_entity_src_gen.plasmid_name 
_entity_src_gen.plasmid_details 
_entity_src_gen.pdbx_description 
1 1 sample 'Biological sequence' 1 150 ? ? ? ? ? ? ? ? ? 'Coxsackievirus A16' 31704 ? ? ? ? ? ? ? ? 'Escherichia coli' 562 ? ? ? ? 
? ? ? ? ? ? ? ? ? ? ? ? ? ? ? ? ? 
2 1 sample ?                     ? ?   ? ? ? ? ? ? ? ? ? 'Coxsackievirus A16' 31704 ? ? ? ? ? ? ? ? 'Escherichia coli' 562 ? ? ? ? 
? ? ? ? ? ? ? ? ? ? ? ? ? ? ? ? ? 
# 
loop_
_chem_comp.id 
_chem_comp.type 
_chem_comp.mon_nstd_flag 
_chem_comp.name 
_chem_comp.pdbx_synonyms 
_chem_comp.formula 
_chem_comp.formula_weight 
ALA 'L-peptide linking' y ALANINE                                      ? 'C3 H7 N O2'     89.093  
ARG 'L-peptide linking' y ARGININE                                     ? 'C6 H15 N4 O2 1' 175.209 
ASN 'L-peptide linking' y ASPARAGINE                                   ? 'C4 H8 N2 O3'    132.118 
ASP 'L-peptide linking' y 'ASPARTIC ACID'                              ? 'C4 H7 N O4'     133.103 
CYS 'L-peptide linking' y CYSTEINE                                     ? 'C3 H7 N O2 S'   121.158 
DMS non-polymer         . 'DIMETHYL SULFOXIDE'                         ? 'C2 H6 O S'      78.133  
GLN 'L-peptide linking' y GLUTAMINE                                    ? 'C5 H10 N2 O3'   146.144 
GLU 'L-peptide linking' y 'GLUTAMIC ACID'                              ? 'C5 H9 N O4'     147.129 
GLY 'peptide linking'   y GLYCINE                                      ? 'C2 H5 N O2'     75.067  
HIS 'L-peptide linking' y HISTIDINE                                    ? 'C6 H10 N3 O2 1' 156.162 
HOH non-polymer         . WATER                                        ? 'H2 O'           18.015  
ILE 'L-peptide linking' y ISOLEUCINE                                   ? 'C6 H13 N O2'    131.173 
LEU 'L-peptide linking' y LEUCINE                                      ? 'C6 H13 N O2'    131.173 
LYS 'L-peptide linking' y LYSINE                                       ? 'C6 H15 N2 O2 1' 147.195 
MET 'L-peptide linking' y METHIONINE                                   ? 'C5 H11 N O2 S'  149.211 
PHE 'L-peptide linking' y PHENYLALANINE                                ? 'C9 H11 N O2'    165.189 
PRO 'L-peptide linking' y PROLINE                                      ? 'C5 H9 N O2'     115.130 
SER 'L-peptide linking' y SERINE                                       ? 'C3 H7 N O3'     105.093 
THR 'L-peptide linking' y THREONINE                                    ? 'C4 H9 N O3'     119.119 
TRP 'L-peptide linking' y TRYPTOPHAN                                   ? 'C11 H12 N2 O2'  204.225 
TYR 'L-peptide linking' y TYROSINE                                     ? 'C9 H11 N O3'    181.189 
UVS non-polymer         . '5-(methoxymethyl)-1,3,4-thiadiazol-2-amine' ? 'C4 H7 N3 O S'   145.183 
VAL 'L-peptide linking' y VALINE                                       ? 'C5 H11 N O2'    117.146 
ZN  non-polymer         . 'ZINC ION'                                   ? 'Zn 2'           65.409  
# 
loop_
_pdbx_poly_seq_scheme.asym_id 
_pdbx_poly_seq_scheme.entity_id 
_pdbx_poly_seq_scheme.seq_id 
_pdbx_poly_seq_scheme.mon_id 
_pdbx_poly_seq_scheme.ndb_seq_num 
_pdbx_poly_seq_scheme.pdb_seq_num 
_pdbx_poly_seq_scheme.auth_seq_num 
_pdbx_poly_seq_scheme.pdb_mon_id 
_pdbx_poly_seq_scheme.auth_mon_id 
_pdbx_poly_seq_scheme.pdb_strand_id 
_pdbx_poly_seq_scheme.pdb_ins_code 
_pdbx_poly_seq_scheme.hetero 
A 1 1   GLN 1   1   ?   ?   ?   A . n 
A 1 2   GLU 2   2   ?   ?   ?   A . n 
A 1 3   GLN 3   3   ?   ?   ?   A . n 
A 1 4   THR 4   4   ?   ?   ?   A . n 
A 1 5   GLY 5   5   ?   ?   ?   A . n 
A 1 6   GLY 6   6   ?   ?   ?   A . n 
A 1 7   SER 7   7   7   SER SER A . n 
A 1 8   GLY 8   8   8   GLY GLY A . n 
A 1 9   ALA 9   9   9   ALA ALA A . n 
A 1 10  ILE 10  10  10  ILE ILE A . n 
A 1 11  TYR 11  11  11  TYR TYR A . n 
A 1 12  VAL 12  12  12  VAL VAL A . n 
A 1 13  GLY 13  13  13  GLY GLY A . n 
A 1 14  ASN 14  14  14  ASN ASN A . n 
A 1 15  TYR 15  15  15  TYR TYR A . n 
A 1 16  ARG 16  16  16  ARG ARG A . n 
A 1 17  VAL 17  17  17  VAL VAL A . n 
A 1 18  VAL 18  18  18  VAL VAL A . n 
A 1 19  ASN 19  19  19  ASN ASN A . n 
A 1 20  ARG 20  20  20  ARG ARG A . n 
A 1 21  HIS 21  21  21  HIS HIS A . n 
A 1 22  LEU 22  22  22  LEU LEU A . n 
A 1 23  ALA 23  23  23  ALA ALA A . n 
A 1 24  THR 24  24  24  THR THR A . n 
A 1 25  HIS 25  25  25  HIS HIS A . n 
A 1 26  ASN 26  26  26  ASN ASN A . n 
A 1 27  ASP 27  27  27  ASP ASP A . n 
A 1 28  TRP 28  28  28  TRP TRP A . n 
A 1 29  ALA 29  29  29  ALA ALA A . n 
A 1 30  ASN 30  30  30  ASN ASN A . n 
A 1 31  LEU 31  31  31  LEU LEU A . n 
A 1 32  VAL 32  32  32  VAL VAL A . n 
A 1 33  TRP 33  33  33  TRP TRP A . n 
A 1 34  GLU 34  34  34  GLU GLU A . n 
A 1 35  ASP 35  35  35  ASP ASP A . n 
A 1 36  SER 36  36  36  SER SER A . n 
A 1 37  SER 37  37  37  SER SER A . n 
A 1 38  ARG 38  38  38  ARG ARG A . n 
A 1 39  ASP 39  39  39  ASP ASP A . n 
A 1 40  LEU 40  40  40  LEU LEU A . n 
A 1 41  LEU 41  41  41  LEU LEU A . n 
A 1 42  VAL 42  42  42  VAL VAL A . n 
A 1 43  SER 43  43  43  SER SER A . n 
A 1 44  SER 44  44  44  SER SER A . n 
A 1 45  THR 45  45  45  THR THR A . n 
A 1 46  THR 46  46  46  THR THR A . n 
A 1 47  ALA 47  47  47  ALA ALA A . n 
A 1 48  GLN 48  48  48  GLN GLN A . n 
A 1 49  GLY 49  49  49  GLY GLY A . n 
A 1 50  CYS 50  50  50  CYS CYS A . n 
A 1 51  ASP 51  51  51  ASP ASP A . n 
A 1 52  THR 52  52  52  THR THR A . n 
A 1 53  ILE 53  53  53  ILE ILE A . n 
A 1 54  ALA 54  54  54  ALA ALA A . n 
A 1 55  ARG 55  55  55  ARG ARG A . n 
A 1 56  CYS 56  56  56  CYS CYS A . n 
A 1 57  ASP 57  57  57  ASP ASP A . n 
A 1 58  CYS 58  58  58  CYS CYS A . n 
A 1 59  GLN 59  59  59  GLN GLN A . n 
A 1 60  THR 60  60  60  THR THR A . n 
A 1 61  GLY 61  61  61  GLY GLY A . n 
A 1 62  VAL 62  62  62  VAL VAL A . n 
A 1 63  TYR 63  63  63  TYR TYR A . n 
A 1 64  TYR 64  64  64  TYR TYR A . n 
A 1 65  CYS 65  65  65  CYS CYS A . n 
A 1 66  SER 66  66  66  SER SER A . n 
A 1 67  SER 67  67  67  SER SER A . n 
A 1 68  ARG 68  68  68  ARG ARG A . n 
A 1 69  ARG 69  69  69  ARG ARG A . n 
A 1 70  LYS 70  70  70  LYS LYS A . n 
A 1 71  HIS 71  71  71  HIS HIS A . n 
A 1 72  TYR 72  72  72  TYR TYR A . n 
A 1 73  PRO 73  73  73  PRO PRO A . n 
A 1 74  VAL 74  74  74  VAL VAL A . n 
A 1 75  SER 75  75  75  SER SER A . n 
A 1 76  PHE 76  76  76  PHE PHE A . n 
A 1 77  SER 77  77  77  SER SER A . n 
A 1 78  LYS 78  78  78  LYS LYS A . n 
A 1 79  PRO 79  79  79  PRO PRO A . n 
A 1 80  SER 80  80  80  SER SER A . n 
A 1 81  LEU 81  81  81  LEU LEU A . n 
A 1 82  ILE 82  82  82  ILE ILE A . n 
A 1 83  PHE 83  83  83  PHE PHE A . n 
A 1 84  VAL 84  84  84  VAL VAL A . n 
A 1 85  GLU 85  85  85  GLU GLU A . n 
A 1 86  ALA 86  86  86  ALA ALA A . n 
A 1 87  SER 87  87  87  SER SER A . n 
A 1 88  GLU 88  88  88  GLU GLU A . n 
A 1 89  TYR 89  89  89  TYR TYR A . n 
A 1 90  TYR 90  90  90  TYR TYR A . n 
A 1 91  PRO 91  91  91  PRO PRO A . n 
A 1 92  ALA 92  92  92  ALA ALA A . n 
A 1 93  ARG 93  93  93  ARG ARG A . n 
A 1 94  TYR 94  94  94  TYR TYR A . n 
A 1 95  GLN 95  95  95  GLN GLN A . n 
A 1 96  SER 96  96  96  SER SER A . n 
A 1 97  HIS 97  97  97  HIS HIS A . n 
A 1 98  LEU 98  98  98  LEU LEU A . n 
A 1 99  MET 99  99  99  MET MET A . n 
A 1 100 LEU 100 100 100 LEU LEU A . n 
A 1 101 ALA 101 101 101 ALA ALA A . n 
A 1 102 VAL 102 102 102 VAL VAL A . n 
A 1 103 GLY 103 103 103 GLY GLY A . n 
A 1 104 HIS 104 104 104 HIS HIS A . n 
A 1 105 SER 105 105 105 SER SER A . n 
A 1 106 GLU 106 106 106 GLU GLU A . n 
A 1 107 PRO 107 107 107 PRO PRO A . n 
A 1 108 GLY 108 108 108 GLY GLY A . n 
A 1 109 ASP 109 109 109 ASP ASP A . n 
A 1 110 CYS 110 110 110 CYS CYS A . n 
A 1 111 GLY 111 111 111 GLY GLY A . n 
A 1 112 GLY 112 112 112 GLY GLY A . n 
A 1 113 ILE 113 113 113 ILE ILE A . n 
A 1 114 LEU 114 114 114 LEU LEU A . n 
A 1 115 ARG 115 115 115 ARG ARG A . n 
A 1 116 CYS 116 116 116 CYS CYS A . n 
A 1 117 GLN 117 117 117 GLN GLN A . n 
A 1 118 HIS 118 118 118 HIS HIS A . n 
A 1 119 GLY 119 119 119 GLY GLY A . n 
A 1 120 VAL 120 120 120 VAL VAL A . n 
A 1 121 VAL 121 121 121 VAL VAL A . n 
A 1 122 GLY 122 122 122 GLY GLY A . n 
A 1 123 ILE 123 123 123 ILE ILE A . n 
A 1 124 VAL 124 124 124 VAL VAL A . n 
A 1 125 SER 125 125 125 SER SER A . n 
A 1 126 THR 126 126 126 THR THR A . n 
A 1 127 GLY 127 127 127 GLY GLY A . n 
A 1 128 GLY 128 128 128 GLY GLY A . n 
A 1 129 ASN 129 129 129 ASN ASN A . n 
A 1 130 GLY 130 130 130 GLY GLY A . n 
A 1 131 LEU 131 131 131 LEU LEU A . n 
A 1 132 VAL 132 132 132 VAL VAL A . n 
A 1 133 GLY 133 133 133 GLY GLY A . n 
A 1 134 PHE 134 134 134 PHE PHE A . n 
A 1 135 ALA 135 135 135 ALA ALA A . n 
A 1 136 ASP 136 136 136 ASP ASP A . n 
A 1 137 VAL 137 137 137 VAL VAL A . n 
A 1 138 ARG 138 138 138 ARG ARG A . n 
A 1 139 ASP 139 139 139 ASP ASP A . n 
A 1 140 LEU 140 140 140 LEU LEU A . n 
A 1 141 LEU 141 141 141 LEU LEU A . n 
A 1 142 TRP 142 142 142 TRP TRP A . n 
A 1 143 LEU 143 143 143 LEU LEU A . n 
A 1 144 ASP 144 144 144 ASP ASP A . n 
A 1 145 GLU 145 145 145 GLU GLU A . n 
A 1 146 GLU 146 146 146 GLU GLU A . n 
A 1 147 ALA 147 147 ?   ?   ?   A . n 
A 1 148 MET 148 148 ?   ?   ?   A . n 
A 1 149 GLU 149 149 ?   ?   ?   A . n 
A 1 150 GLN 150 150 ?   ?   ?   A . n 
# 
loop_
_pdbx_nonpoly_scheme.asym_id 
_pdbx_nonpoly_scheme.entity_id 
_pdbx_nonpoly_scheme.mon_id 
_pdbx_nonpoly_scheme.ndb_seq_num 
_pdbx_nonpoly_scheme.pdb_seq_num 
_pdbx_nonpoly_scheme.auth_seq_num 
_pdbx_nonpoly_scheme.pdb_mon_id 
_pdbx_nonpoly_scheme.auth_mon_id 
_pdbx_nonpoly_scheme.pdb_strand_id 
_pdbx_nonpoly_scheme.pdb_ins_code 
B 2 UVS 1   201 147 UVS LIG A . 
C 3 ZN  1   202 1   ZN  ZN  A . 
D 4 DMS 1   203 -1  DMS DMS A . 
E 4 DMS 1   204 0   DMS DMS A . 
F 4 DMS 1   205 1   DMS DMS A . 
G 4 DMS 1   206 3   DMS DMS A . 
H 4 DMS 1   207 6   DMS DMS A . 
I 5 HOH 1   301 137 HOH HOH A . 
I 5 HOH 2   302 227 HOH HOH A . 
I 5 HOH 3   303 150 HOH HOH A . 
I 5 HOH 4   304 3   HOH HOH A . 
I 5 HOH 5   305 238 HOH HOH A . 
I 5 HOH 6   306 79  HOH HOH A . 
I 5 HOH 7   307 108 HOH HOH A . 
I 5 HOH 8   308 245 HOH HOH A . 
I 5 HOH 9   309 186 HOH HOH A . 
I 5 HOH 10  310 248 HOH HOH A . 
I 5 HOH 11  311 215 HOH HOH A . 
I 5 HOH 12  312 34  HOH HOH A . 
I 5 HOH 13  313 107 HOH HOH A . 
I 5 HOH 14  314 181 HOH HOH A . 
I 5 HOH 15  315 116 HOH HOH A . 
I 5 HOH 16  316 77  HOH HOH A . 
I 5 HOH 17  317 68  HOH HOH A . 
I 5 HOH 18  318 72  HOH HOH A . 
I 5 HOH 19  319 250 HOH HOH A . 
I 5 HOH 20  320 183 HOH HOH A . 
I 5 HOH 21  321 148 HOH HOH A . 
I 5 HOH 22  322 249 HOH HOH A . 
I 5 HOH 23  323 110 HOH HOH A . 
I 5 HOH 24  324 4   HOH HOH A . 
I 5 HOH 25  325 173 HOH HOH A . 
I 5 HOH 26  326 219 HOH HOH A . 
I 5 HOH 27  327 21  HOH HOH A . 
I 5 HOH 28  328 152 HOH HOH A . 
I 5 HOH 29  329 217 HOH HOH A . 
I 5 HOH 30  330 30  HOH HOH A . 
I 5 HOH 31  331 191 HOH HOH A . 
I 5 HOH 32  332 47  HOH HOH A . 
I 5 HOH 33  333 103 HOH HOH A . 
I 5 HOH 34  334 57  HOH HOH A . 
I 5 HOH 35  335 193 HOH HOH A . 
I 5 HOH 36  336 46  HOH HOH A . 
I 5 HOH 37  337 121 HOH HOH A . 
I 5 HOH 38  338 16  HOH HOH A . 
I 5 HOH 39  339 37  HOH HOH A . 
I 5 HOH 40  340 133 HOH HOH A . 
I 5 HOH 41  341 59  HOH HOH A . 
I 5 HOH 42  342 211 HOH HOH A . 
I 5 HOH 43  343 60  HOH HOH A . 
I 5 HOH 44  344 104 HOH HOH A . 
I 5 HOH 45  345 180 HOH HOH A . 
I 5 HOH 46  346 131 HOH HOH A . 
I 5 HOH 47  347 205 HOH HOH A . 
I 5 HOH 48  348 29  HOH HOH A . 
I 5 HOH 49  349 124 HOH HOH A . 
I 5 HOH 50  350 178 HOH HOH A . 
I 5 HOH 51  351 24  HOH HOH A . 
I 5 HOH 52  352 88  HOH HOH A . 
I 5 HOH 53  353 7   HOH HOH A . 
I 5 HOH 54  354 109 HOH HOH A . 
I 5 HOH 55  355 13  HOH HOH A . 
I 5 HOH 56  356 33  HOH HOH A . 
I 5 HOH 57  357 36  HOH HOH A . 
I 5 HOH 58  358 2   HOH HOH A . 
I 5 HOH 59  359 182 HOH HOH A . 
I 5 HOH 60  360 97  HOH HOH A . 
I 5 HOH 61  361 94  HOH HOH A . 
I 5 HOH 62  362 81  HOH HOH A . 
I 5 HOH 63  363 28  HOH HOH A . 
I 5 HOH 64  364 71  HOH HOH A . 
I 5 HOH 65  365 119 HOH HOH A . 
I 5 HOH 66  366 26  HOH HOH A . 
I 5 HOH 67  367 168 HOH HOH A . 
I 5 HOH 68  368 111 HOH HOH A . 
I 5 HOH 69  369 39  HOH HOH A . 
I 5 HOH 70  370 216 HOH HOH A . 
I 5 HOH 71  371 53  HOH HOH A . 
I 5 HOH 72  372 67  HOH HOH A . 
I 5 HOH 73  373 179 HOH HOH A . 
I 5 HOH 74  374 48  HOH HOH A . 
I 5 HOH 75  375 43  HOH HOH A . 
I 5 HOH 76  376 247 HOH HOH A . 
I 5 HOH 77  377 52  HOH HOH A . 
I 5 HOH 78  378 82  HOH HOH A . 
I 5 HOH 79  379 126 HOH HOH A . 
I 5 HOH 80  380 25  HOH HOH A . 
I 5 HOH 81  381 50  HOH HOH A . 
I 5 HOH 82  382 27  HOH HOH A . 
I 5 HOH 83  383 167 HOH HOH A . 
I 5 HOH 84  384 161 HOH HOH A . 
I 5 HOH 85  385 144 HOH HOH A . 
I 5 HOH 86  386 19  HOH HOH A . 
I 5 HOH 87  387 12  HOH HOH A . 
I 5 HOH 88  388 138 HOH HOH A . 
I 5 HOH 89  389 120 HOH HOH A . 
I 5 HOH 90  390 90  HOH HOH A . 
I 5 HOH 91  391 84  HOH HOH A . 
I 5 HOH 92  392 195 HOH HOH A . 
I 5 HOH 93  393 113 HOH HOH A . 
I 5 HOH 94  394 9   HOH HOH A . 
I 5 HOH 95  395 49  HOH HOH A . 
I 5 HOH 96  396 184 HOH HOH A . 
I 5 HOH 97  397 63  HOH HOH A . 
I 5 HOH 98  398 100 HOH HOH A . 
I 5 HOH 99  399 70  HOH HOH A . 
I 5 HOH 100 400 78  HOH HOH A . 
I 5 HOH 101 401 112 HOH HOH A . 
I 5 HOH 102 402 64  HOH HOH A . 
I 5 HOH 103 403 18  HOH HOH A . 
I 5 HOH 104 404 45  HOH HOH A . 
I 5 HOH 105 405 204 HOH HOH A . 
I 5 HOH 106 406 141 HOH HOH A . 
I 5 HOH 107 407 106 HOH HOH A . 
I 5 HOH 108 408 169 HOH HOH A . 
I 5 HOH 109 409 147 HOH HOH A . 
I 5 HOH 110 410 42  HOH HOH A . 
I 5 HOH 111 411 17  HOH HOH A . 
I 5 HOH 112 412 8   HOH HOH A . 
I 5 HOH 113 413 14  HOH HOH A . 
I 5 HOH 114 414 66  HOH HOH A . 
I 5 HOH 115 415 15  HOH HOH A . 
I 5 HOH 116 416 41  HOH HOH A . 
I 5 HOH 117 417 174 HOH HOH A . 
I 5 HOH 118 418 55  HOH HOH A . 
I 5 HOH 119 419 177 HOH HOH A . 
I 5 HOH 120 420 5   HOH HOH A . 
I 5 HOH 121 421 155 HOH HOH A . 
I 5 HOH 122 422 220 HOH HOH A . 
I 5 HOH 123 423 95  HOH HOH A . 
I 5 HOH 124 424 170 HOH HOH A . 
I 5 HOH 125 425 212 HOH HOH A . 
I 5 HOH 126 426 96  HOH HOH A . 
I 5 HOH 127 427 35  HOH HOH A . 
I 5 HOH 128 428 198 HOH HOH A . 
I 5 HOH 129 429 20  HOH HOH A . 
I 5 HOH 130 430 40  HOH HOH A . 
I 5 HOH 131 431 54  HOH HOH A . 
I 5 HOH 132 432 214 HOH HOH A . 
I 5 HOH 133 433 105 HOH HOH A . 
I 5 HOH 134 434 69  HOH HOH A . 
I 5 HOH 135 435 91  HOH HOH A . 
I 5 HOH 136 436 176 HOH HOH A . 
I 5 HOH 137 437 58  HOH HOH A . 
I 5 HOH 138 438 156 HOH HOH A . 
I 5 HOH 139 439 11  HOH HOH A . 
I 5 HOH 140 440 197 HOH HOH A . 
I 5 HOH 141 441 38  HOH HOH A . 
I 5 HOH 142 442 80  HOH HOH A . 
I 5 HOH 143 443 10  HOH HOH A . 
I 5 HOH 144 444 102 HOH HOH A . 
I 5 HOH 145 445 171 HOH HOH A . 
I 5 HOH 146 446 31  HOH HOH A . 
I 5 HOH 147 447 203 HOH HOH A . 
I 5 HOH 148 448 192 HOH HOH A . 
I 5 HOH 149 449 51  HOH HOH A . 
I 5 HOH 150 450 237 HOH HOH A . 
I 5 HOH 151 451 132 HOH HOH A . 
I 5 HOH 152 452 234 HOH HOH A . 
I 5 HOH 153 453 23  HOH HOH A . 
I 5 HOH 154 454 74  HOH HOH A . 
I 5 HOH 155 455 89  HOH HOH A . 
I 5 HOH 156 456 118 HOH HOH A . 
I 5 HOH 157 457 123 HOH HOH A . 
I 5 HOH 158 458 76  HOH HOH A . 
I 5 HOH 159 459 159 HOH HOH A . 
I 5 HOH 160 460 213 HOH HOH A . 
I 5 HOH 161 461 6   HOH HOH A . 
I 5 HOH 162 462 136 HOH HOH A . 
I 5 HOH 163 463 218 HOH HOH A . 
I 5 HOH 164 464 230 HOH HOH A . 
I 5 HOH 165 465 61  HOH HOH A . 
I 5 HOH 166 466 246 HOH HOH A . 
I 5 HOH 167 467 128 HOH HOH A . 
I 5 HOH 168 468 93  HOH HOH A . 
I 5 HOH 169 469 224 HOH HOH A . 
I 5 HOH 170 470 200 HOH HOH A . 
I 5 HOH 171 471 101 HOH HOH A . 
I 5 HOH 172 472 135 HOH HOH A . 
I 5 HOH 173 473 210 HOH HOH A . 
I 5 HOH 174 474 22  HOH HOH A . 
I 5 HOH 175 475 117 HOH HOH A . 
I 5 HOH 176 476 98  HOH HOH A . 
I 5 HOH 177 477 233 HOH HOH A . 
I 5 HOH 178 478 87  HOH HOH A . 
I 5 HOH 179 479 158 HOH HOH A . 
I 5 HOH 180 480 231 HOH HOH A . 
I 5 HOH 181 481 151 HOH HOH A . 
I 5 HOH 182 482 175 HOH HOH A . 
I 5 HOH 183 483 65  HOH HOH A . 
I 5 HOH 184 484 157 HOH HOH A . 
I 5 HOH 185 485 228 HOH HOH A . 
I 5 HOH 186 486 99  HOH HOH A . 
I 5 HOH 187 487 207 HOH HOH A . 
I 5 HOH 188 488 232 HOH HOH A . 
I 5 HOH 189 489 134 HOH HOH A . 
I 5 HOH 190 490 239 HOH HOH A . 
I 5 HOH 191 491 201 HOH HOH A . 
I 5 HOH 192 492 83  HOH HOH A . 
I 5 HOH 193 493 240 HOH HOH A . 
I 5 HOH 194 494 190 HOH HOH A . 
I 5 HOH 195 495 225 HOH HOH A . 
I 5 HOH 196 496 140 HOH HOH A . 
I 5 HOH 197 497 127 HOH HOH A . 
I 5 HOH 198 498 122 HOH HOH A . 
I 5 HOH 199 499 73  HOH HOH A . 
I 5 HOH 200 500 162 HOH HOH A . 
I 5 HOH 201 501 86  HOH HOH A . 
I 5 HOH 202 502 163 HOH HOH A . 
I 5 HOH 203 503 172 HOH HOH A . 
I 5 HOH 204 504 223 HOH HOH A . 
I 5 HOH 205 505 185 HOH HOH A . 
I 5 HOH 206 506 32  HOH HOH A . 
I 5 HOH 207 507 189 HOH HOH A . 
I 5 HOH 208 508 85  HOH HOH A . 
I 5 HOH 209 509 229 HOH HOH A . 
I 5 HOH 210 510 202 HOH HOH A . 
I 5 HOH 211 511 221 HOH HOH A . 
I 5 HOH 212 512 209 HOH HOH A . 
I 5 HOH 213 513 187 HOH HOH A . 
I 5 HOH 214 514 199 HOH HOH A . 
I 5 HOH 215 515 129 HOH HOH A . 
I 5 HOH 216 516 75  HOH HOH A . 
I 5 HOH 217 517 236 HOH HOH A . 
I 5 HOH 218 518 56  HOH HOH A . 
I 5 HOH 219 519 142 HOH HOH A . 
I 5 HOH 220 520 165 HOH HOH A . 
I 5 HOH 221 521 208 HOH HOH A . 
I 5 HOH 222 522 235 HOH HOH A . 
I 5 HOH 223 523 114 HOH HOH A . 
I 5 HOH 224 524 206 HOH HOH A . 
I 5 HOH 225 525 226 HOH HOH A . 
I 5 HOH 226 526 241 HOH HOH A . 
I 5 HOH 227 527 153 HOH HOH A . 
I 5 HOH 228 528 222 HOH HOH A . 
I 5 HOH 229 529 92  HOH HOH A . 
I 5 HOH 230 530 160 HOH HOH A . 
I 5 HOH 231 531 243 HOH HOH A . 
I 5 HOH 232 532 125 HOH HOH A . 
I 5 HOH 233 533 242 HOH HOH A . 
I 5 HOH 234 534 164 HOH HOH A . 
I 5 HOH 235 535 244 HOH HOH A . 
# 
loop_
_software.classification 
_software.name 
_software.version 
_software.citation_id 
_software.pdbx_ordinal 
refinement       REFMAC  5.8.0267 ? 1 
refinement       REFMAC5 .        ? 2 
'data scaling'   Aimless .        ? 3 
phasing          PHASER  .        ? 4 
'data reduction' XDS     .        ? 5 
# 
_cell.entry_id           7H3I 
_cell.length_a           86.363 
_cell.length_b           56.314 
_cell.length_c           32.462 
_cell.angle_alpha        90.00 
_cell.angle_beta         95.40 
_cell.angle_gamma        90.00 
_cell.Z_PDB              4 
_cell.pdbx_unique_axis   ? 
# 
_symmetry.entry_id                         7H3I 
_symmetry.space_group_name_H-M             'C 1 2 1' 
_symmetry.pdbx_full_space_group_name_H-M   ? 
_symmetry.cell_setting                     ? 
_symmetry.Int_Tables_number                5 
# 
_exptl.entry_id          7H3I 
_exptl.method            'X-RAY DIFFRACTION' 
_exptl.crystals_number   1 
# 
_exptl_crystal.id                    1 
_exptl_crystal.density_meas          ? 
_exptl_crystal.density_Matthews      2.38 
_exptl_crystal.density_percent_sol   48.37 
_exptl_crystal.description           ? 
# 
_exptl_crystal_grow.crystal_id      1 
_exptl_crystal_grow.method          'VAPOR DIFFUSION, SITTING DROP' 
_exptl_crystal_grow.pH              6.05 
_exptl_crystal_grow.temp            293.15 
_exptl_crystal_grow.pdbx_details    '0.1 M MES, pH 6.05, 16 % PEG 20,000' 
_exptl_crystal_grow.temp_details    ? 
_exptl_crystal_grow.pdbx_pH_range   ? 
# 
_diffrn.id                     1 
_diffrn.ambient_temp           100 
_diffrn.crystal_id             1 
_diffrn.ambient_temp_details   ? 
# 
_diffrn_detector.detector               PIXEL 
_diffrn_detector.type                   'DECTRIS EIGER2 XE 16M' 
_diffrn_detector.pdbx_collection_date   2023-10-10 
_diffrn_detector.diffrn_id              1 
_diffrn_detector.details                ? 
# 
_diffrn_radiation.diffrn_id                        1 
_diffrn_radiation.wavelength_id                    1 
_diffrn_radiation.pdbx_diffrn_protocol             'SINGLE WAVELENGTH' 
_diffrn_radiation.pdbx_monochromatic_or_laue_m_l   ? 
_diffrn_radiation.monochromator                    ? 
_diffrn_radiation.pdbx_scattering_type             x-ray 
# 
_diffrn_radiation_wavelength.id           1 
_diffrn_radiation_wavelength.wavelength   0.94055 
_diffrn_radiation_wavelength.wt           1.0 
# 
_diffrn_source.diffrn_id                   1 
_diffrn_source.source                      SYNCHROTRON 
_diffrn_source.type                        'DIAMOND BEAMLINE I03' 
_diffrn_source.pdbx_wavelength_list        0.94055 
_diffrn_source.pdbx_synchrotron_site       Diamond 
_diffrn_source.pdbx_synchrotron_beamline   I03 
_diffrn_source.pdbx_wavelength             ? 
# 
_reflns.entry_id                     7H3I 
_reflns.pdbx_diffrn_id               1 
_reflns.pdbx_ordinal                 1 
_reflns.d_resolution_low             47.13 
_reflns.d_resolution_high            1.06 
_reflns.number_obs                   64494 
_reflns.percent_possible_obs         92.0 
_reflns.pdbx_Rmerge_I_obs            0.080 
_reflns.pdbx_netI_over_sigmaI        11.7 
_reflns.pdbx_redundancy              6.3 
_reflns.pdbx_Rrim_I_all              0.087 
_reflns.pdbx_Rpim_I_all              0.034 
_reflns.pdbx_CC_half                 0.997 
_reflns.pdbx_number_measured_all     408236 
_reflns.pdbx_chi_squared             0.87 
_reflns.observed_criterion_sigma_I   ? 
_reflns.observed_criterion_sigma_F   ? 
_reflns.number_all                   ? 
_reflns.pdbx_Rsym_value              ? 
_reflns.B_iso_Wilson_estimate        ? 
# 
_reflns_shell.pdbx_diffrn_id              1 
_reflns_shell.pdbx_ordinal                1 
_reflns_shell.d_res_high                  1.06 
_reflns_shell.d_res_low                   1.08 
_reflns_shell.number_measured_all         5895 
_reflns_shell.number_unique_obs           1604 
_reflns_shell.Rmerge_I_obs                1.600 
_reflns_shell.pdbx_chi_squared            0.36 
_reflns_shell.pdbx_redundancy             3.7 
_reflns_shell.percent_possible_obs        46.0 
_reflns_shell.pdbx_netI_over_sigmaI_obs   0.5 
_reflns_shell.pdbx_Rrim_I_all             1.854 
_reflns_shell.pdbx_Rpim_I_all             0.922 
_reflns_shell.pdbx_CC_half                0.426 
_reflns_shell.percent_possible_all        ? 
_reflns_shell.pdbx_Rsym_value             ? 
_reflns_shell.meanI_over_sigI_obs         ? 
# 
_refine.pdbx_refine_id                           'X-RAY DIFFRACTION' 
_refine.entry_id                                 7H3I 
_refine.pdbx_diffrn_id                           1 
_refine.pdbx_TLS_residual_ADP_flag               ? 
_refine.ls_number_reflns_obs                     61126 
_refine.ls_number_reflns_all                     ? 
_refine.pdbx_ls_sigma_I                          ? 
_refine.pdbx_ls_sigma_F                          ? 
_refine.pdbx_data_cutoff_high_absF               ? 
_refine.pdbx_data_cutoff_low_absF                ? 
_refine.pdbx_data_cutoff_high_rms_absF           ? 
_refine.ls_d_res_low                             47.11 
_refine.ls_d_res_high                            1.06 
_refine.ls_percent_reflns_obs                    91.61 
_refine.ls_R_factor_obs                          0.17354 
_refine.ls_R_factor_all                          ? 
_refine.ls_R_factor_R_work                       0.17282 
_refine.ls_R_factor_R_free                       0.18700 
_refine.ls_R_factor_R_free_error                 ? 
_refine.ls_R_factor_R_free_error_details         ? 
_refine.ls_percent_reflns_R_free                 4.9 
_refine.ls_number_reflns_R_free                  3142 
_refine.ls_number_parameters                     ? 
_refine.ls_number_restraints                     ? 
_refine.occupancy_min                            ? 
_refine.occupancy_max                            ? 
_refine.correlation_coeff_Fo_to_Fc               0.975 
_refine.correlation_coeff_Fo_to_Fc_free          0.970 
_refine.B_iso_mean                               14.697 
_refine.aniso_B[1][1]                            -0.05 
_refine.aniso_B[2][2]                            0.48 
_refine.aniso_B[3][3]                            -0.36 
_refine.aniso_B[1][2]                            0.00 
_refine.aniso_B[1][3]                            -0.38 
_refine.aniso_B[2][3]                            0.00 
_refine.solvent_model_details                    MASK 
_refine.solvent_model_param_ksol                 ? 
_refine.solvent_model_param_bsol                 ? 
_refine.pdbx_solvent_vdw_probe_radii             1.20 
_refine.pdbx_solvent_ion_probe_radii             0.80 
_refine.pdbx_solvent_shrinkage_radii             0.80 
_refine.pdbx_ls_cross_valid_method               THROUGHOUT 
_refine.details                                  'HYDROGENS HAVE BEEN ADDED IN THE RIDING POSITIONS' 
_refine.pdbx_starting_model                      ? 
_refine.pdbx_method_to_determine_struct          'MOLECULAR REPLACEMENT' 
_refine.pdbx_isotropic_thermal_model             ? 
_refine.pdbx_stereochemistry_target_values       'MAXIMUM LIKELIHOOD' 
_refine.pdbx_stereochem_target_val_spec_case     ? 
_refine.pdbx_R_Free_selection_details            RANDOM 
_refine.pdbx_overall_ESU_R                       0.031 
_refine.pdbx_overall_ESU_R_Free                  0.032 
_refine.overall_SU_ML                            ? 
_refine.pdbx_overall_phase_error                 ? 
_refine.overall_SU_B                             ? 
_refine.overall_SU_R_Cruickshank_DPI             ? 
_refine.pdbx_overall_SU_R_free_Cruickshank_DPI   ? 
_refine.pdbx_overall_SU_R_Blow_DPI               ? 
_refine.pdbx_overall_SU_R_free_Blow_DPI          ? 
# 
_refine_hist.pdbx_refine_id                   'X-RAY DIFFRACTION' 
_refine_hist.cycle_id                         1 
_refine_hist.pdbx_number_atoms_protein        1083 
_refine_hist.pdbx_number_atoms_nucleic_acid   0 
_refine_hist.pdbx_number_atoms_ligand         30 
_refine_hist.number_atoms_solvent             235 
_refine_hist.number_atoms_total               1348 
_refine_hist.d_res_high                       1.06 
_refine_hist.d_res_low                        47.11 
# 
loop_
_refine_ls_restr.type 
_refine_ls_restr.dev_ideal 
_refine_ls_restr.dev_ideal_target 
_refine_ls_restr.weight 
_refine_ls_restr.number 
_refine_ls_restr.pdbx_refine_id 
_refine_ls_restr.pdbx_restraint_function 
r_bond_refined_d             0.014  0.013  ? 1276 'X-RAY DIFFRACTION' ? 
r_bond_other_d               0.036  0.014  ? 1069 'X-RAY DIFFRACTION' ? 
r_angle_refined_deg          1.821  1.615  ? 1665 'X-RAY DIFFRACTION' ? 
r_angle_other_deg            2.417  1.596  ? 2455 'X-RAY DIFFRACTION' ? 
r_dihedral_angle_1_deg       6.738  5.000  ? 157  'X-RAY DIFFRACTION' ? 
r_dihedral_angle_2_deg       33.988 21.385 ? 65   'X-RAY DIFFRACTION' ? 
r_dihedral_angle_3_deg       11.933 15.000 ? 175  'X-RAY DIFFRACTION' ? 
r_dihedral_angle_4_deg       23.385 15.000 ? 9    'X-RAY DIFFRACTION' ? 
r_chiral_restr               0.092  0.200  ? 146  'X-RAY DIFFRACTION' ? 
r_gen_planes_refined         0.012  0.020  ? 1491 'X-RAY DIFFRACTION' ? 
r_gen_planes_other           0.020  0.020  ? 299  'X-RAY DIFFRACTION' ? 
r_nbd_refined                ?      ?      ? ?    'X-RAY DIFFRACTION' ? 
r_nbd_other                  ?      ?      ? ?    'X-RAY DIFFRACTION' ? 
r_nbtor_refined              ?      ?      ? ?    'X-RAY DIFFRACTION' ? 
r_nbtor_other                ?      ?      ? ?    'X-RAY DIFFRACTION' ? 
r_xyhbond_nbd_refined        ?      ?      ? ?    'X-RAY DIFFRACTION' ? 
r_xyhbond_nbd_other          ?      ?      ? ?    'X-RAY DIFFRACTION' ? 
r_metal_ion_refined          ?      ?      ? ?    'X-RAY DIFFRACTION' ? 
r_metal_ion_other            ?      ?      ? ?    'X-RAY DIFFRACTION' ? 
r_symmetry_vdw_refined       ?      ?      ? ?    'X-RAY DIFFRACTION' ? 
r_symmetry_vdw_other         ?      ?      ? ?    'X-RAY DIFFRACTION' ? 
r_symmetry_hbond_refined     ?      ?      ? ?    'X-RAY DIFFRACTION' ? 
r_symmetry_hbond_other       ?      ?      ? ?    'X-RAY DIFFRACTION' ? 
r_symmetry_metal_ion_refined ?      ?      ? ?    'X-RAY DIFFRACTION' ? 
r_symmetry_metal_ion_other   ?      ?      ? ?    'X-RAY DIFFRACTION' ? 
r_mcbond_it                  1.207  1.258  ? 636  'X-RAY DIFFRACTION' ? 
r_mcbond_other               1.209  1.254  ? 634  'X-RAY DIFFRACTION' ? 
r_mcangle_it                 1.823  1.853  ? 769  'X-RAY DIFFRACTION' ? 
r_mcangle_other              1.822  1.856  ? 770  'X-RAY DIFFRACTION' ? 
r_scbond_it                  1.931  1.745  ? 640  'X-RAY DIFFRACTION' ? 
r_scbond_other               1.941  1.543  ? 628  'X-RAY DIFFRACTION' ? 
r_scangle_it                 ?      ?      ? ?    'X-RAY DIFFRACTION' ? 
r_scangle_other              2.770  2.211  ? 885  'X-RAY DIFFRACTION' ? 
r_long_range_B_refined       4.779  17.164 ? 1427 'X-RAY DIFFRACTION' ? 
r_long_range_B_other         4.778  17.178 ? 1428 'X-RAY DIFFRACTION' ? 
r_rigid_bond_restr           ?      ?      ? ?    'X-RAY DIFFRACTION' ? 
r_sphericity_free            ?      ?      ? ?    'X-RAY DIFFRACTION' ? 
r_sphericity_bonded          ?      ?      ? ?    'X-RAY DIFFRACTION' ? 
# 
_refine_ls_shell.pdbx_refine_id                   'X-RAY DIFFRACTION' 
_refine_ls_shell.pdbx_total_number_of_bins_used   20 
_refine_ls_shell.d_res_high                       1.060 
_refine_ls_shell.d_res_low                        1.087 
_refine_ls_shell.number_reflns_R_work             2310 
_refine_ls_shell.R_factor_R_work                  0.356 
_refine_ls_shell.percent_reflns_obs               46.76 
_refine_ls_shell.R_factor_R_free                  0.333 
_refine_ls_shell.R_factor_R_free_error            ? 
_refine_ls_shell.percent_reflns_R_free            ? 
_refine_ls_shell.number_reflns_R_free             129 
_refine_ls_shell.number_reflns_all                ? 
_refine_ls_shell.R_factor_all                     ? 
# 
_struct.entry_id                  7H3I 
_struct.title                     
;Group deposition for crystallographic fragment screening of Coxsackievirus A16 (G-10) 2A protease -- Crystal structure of Coxsackievirus A16 (G-10) 2A protease in complex with Z57478994 (A71EV2A-x0396)
;
_struct.pdbx_model_details        ? 
_struct.pdbx_CASP_flag            ? 
_struct.pdbx_model_type_details   ? 
# 
_struct_keywords.entry_id        7H3I 
_struct_keywords.pdbx_keywords   HYDROLASE 
_struct_keywords.text            
;Diamond Light Source, I03, ASAP, Coxsackievirus A16, crystallographic fragment screening, PanDDA, Pandda2, XChemExplorer, viral protein, HYDROLASE
;
# 
loop_
_struct_asym.id 
_struct_asym.pdbx_blank_PDB_chainid_flag 
_struct_asym.pdbx_modified 
_struct_asym.entity_id 
_struct_asym.details 
A N N 1 ? 
B N N 2 ? 
C N N 3 ? 
D N N 4 ? 
E N N 4 ? 
F N N 4 ? 
G N N 4 ? 
H N N 4 ? 
I N N 5 ? 
# 
_struct_ref.id                         1 
_struct_ref.db_name                    UNP 
_struct_ref.db_code                    POLG_CX16G 
_struct_ref.pdbx_db_accession          Q65900 
_struct_ref.pdbx_db_isoform            ? 
_struct_ref.entity_id                  1 
_struct_ref.pdbx_seq_one_letter_code   
;SGAIYVGNYRVVNRHLATHNDWANLVWEDSSRDLLVSSTTAQGCDTIARCDCQTGVYYCSSRRKHYPVSFSKPSLIFVEA
SEYYPARYQSHLMLAVGHSEPGDCGGILRCQHGVVGIVSTGGNGLVGFADVRDLLWLDEEAMEQ
;
_struct_ref.pdbx_align_begin           869 
# 
_struct_ref_seq.align_id                      1 
_struct_ref_seq.ref_id                        1 
_struct_ref_seq.pdbx_PDB_id_code              7H3I 
_struct_ref_seq.pdbx_strand_id                A 
_struct_ref_seq.seq_align_beg                 7 
_struct_ref_seq.pdbx_seq_align_beg_ins_code   ? 
_struct_ref_seq.seq_align_end                 150 
_struct_ref_seq.pdbx_seq_align_end_ins_code   ? 
_struct_ref_seq.pdbx_db_accession             Q65900 
_struct_ref_seq.db_align_beg                  869 
_struct_ref_seq.pdbx_db_align_beg_ins_code    ? 
_struct_ref_seq.db_align_end                  1012 
_struct_ref_seq.pdbx_db_align_end_ins_code    ? 
_struct_ref_seq.pdbx_auth_seq_align_beg       7 
_struct_ref_seq.pdbx_auth_seq_align_end       150 
# 
loop_
_struct_ref_seq_dif.align_id 
_struct_ref_seq_dif.pdbx_pdb_id_code 
_struct_ref_seq_dif.mon_id 
_struct_ref_seq_dif.pdbx_pdb_strand_id 
_struct_ref_seq_dif.seq_num 
_struct_ref_seq_dif.pdbx_pdb_ins_code 
_struct_ref_seq_dif.pdbx_seq_db_name 
_struct_ref_seq_dif.pdbx_seq_db_accession_code 
_struct_ref_seq_dif.db_mon_id 
_struct_ref_seq_dif.pdbx_seq_db_seq_num 
_struct_ref_seq_dif.details 
_struct_ref_seq_dif.pdbx_auth_seq_num 
_struct_ref_seq_dif.pdbx_ordinal 
1 7H3I GLN A 1 ? UNP Q65900 ? ? 'expression tag' 1 1 
1 7H3I GLU A 2 ? UNP Q65900 ? ? 'expression tag' 2 2 
1 7H3I GLN A 3 ? UNP Q65900 ? ? 'expression tag' 3 3 
1 7H3I THR A 4 ? UNP Q65900 ? ? 'expression tag' 4 4 
1 7H3I GLY A 5 ? UNP Q65900 ? ? 'expression tag' 5 5 
1 7H3I GLY A 6 ? UNP Q65900 ? ? 'expression tag' 6 6 
# 
_pdbx_struct_assembly.id                   1 
_pdbx_struct_assembly.details              author_and_software_defined_assembly 
_pdbx_struct_assembly.method_details       PISA 
_pdbx_struct_assembly.oligomeric_details   monomeric 
_pdbx_struct_assembly.oligomeric_count     1 
# 
loop_
_pdbx_struct_assembly_prop.biol_id 
_pdbx_struct_assembly_prop.type 
_pdbx_struct_assembly_prop.value 
_pdbx_struct_assembly_prop.details 
1 'ABSA (A^2)' 710  ? 
1 MORE         3    ? 
1 'SSA (A^2)'  7470 ? 
# 
_pdbx_struct_assembly_gen.assembly_id       1 
_pdbx_struct_assembly_gen.oper_expression   1 
_pdbx_struct_assembly_gen.asym_id_list      A,B,C,D,E,F,G,H,I 
# 
_pdbx_struct_oper_list.id                   1 
_pdbx_struct_oper_list.type                 'identity operation' 
_pdbx_struct_oper_list.name                 1_555 
_pdbx_struct_oper_list.symmetry_operation   x,y,z 
_pdbx_struct_oper_list.matrix[1][1]         1.0000000000 
_pdbx_struct_oper_list.matrix[1][2]         0.0000000000 
_pdbx_struct_oper_list.matrix[1][3]         0.0000000000 
_pdbx_struct_oper_list.vector[1]            0.0000000000 
_pdbx_struct_oper_list.matrix[2][1]         0.0000000000 
_pdbx_struct_oper_list.matrix[2][2]         1.0000000000 
_pdbx_struct_oper_list.matrix[2][3]         0.0000000000 
_pdbx_struct_oper_list.vector[2]            0.0000000000 
_pdbx_struct_oper_list.matrix[3][1]         0.0000000000 
_pdbx_struct_oper_list.matrix[3][2]         0.0000000000 
_pdbx_struct_oper_list.matrix[3][3]         1.0000000000 
_pdbx_struct_oper_list.vector[3]            0.0000000000 
# 
loop_
_struct_conf.conf_type_id 
_struct_conf.id 
_struct_conf.pdbx_PDB_helix_id 
_struct_conf.beg_label_comp_id 
_struct_conf.beg_label_asym_id 
_struct_conf.beg_label_seq_id 
_struct_conf.pdbx_beg_PDB_ins_code 
_struct_conf.end_label_comp_id 
_struct_conf.end_label_asym_id 
_struct_conf.end_label_seq_id 
_struct_conf.pdbx_end_PDB_ins_code 
_struct_conf.beg_auth_comp_id 
_struct_conf.beg_auth_asym_id 
_struct_conf.beg_auth_seq_id 
_struct_conf.end_auth_comp_id 
_struct_conf.end_auth_asym_id 
_struct_conf.end_auth_seq_id 
_struct_conf.pdbx_PDB_helix_class 
_struct_conf.details 
_struct_conf.pdbx_PDB_helix_length 
HELX_P HELX_P1 AA1 HIS A 21  ? ALA A 23  ? HIS A 21  ALA A 23  5 ? 3 
HELX_P HELX_P2 AA2 THR A 24  ? ASN A 30  ? THR A 24  ASN A 30  1 ? 7 
HELX_P HELX_P3 AA3 SER A 36  ? ARG A 38  ? SER A 36  ARG A 38  5 ? 3 
HELX_P HELX_P4 AA4 SER A 66  ? ARG A 69  ? SER A 66  ARG A 69  5 ? 4 
HELX_P HELX_P5 AA5 GLU A 106 ? CYS A 110 ? GLU A 106 CYS A 110 5 ? 5 
HELX_P HELX_P6 AA6 LEU A 140 ? GLU A 145 ? LEU A 140 GLU A 145 5 ? 6 
# 
_struct_conf_type.id          HELX_P 
_struct_conf_type.criteria    ? 
_struct_conf_type.reference   ? 
# 
loop_
_struct_conn.id 
_struct_conn.conn_type_id 
_struct_conn.pdbx_leaving_atom_flag 
_struct_conn.pdbx_PDB_id 
_struct_conn.ptnr1_label_asym_id 
_struct_conn.ptnr1_label_comp_id 
_struct_conn.ptnr1_label_seq_id 
_struct_conn.ptnr1_label_atom_id 
_struct_conn.pdbx_ptnr1_label_alt_id 
_struct_conn.pdbx_ptnr1_PDB_ins_code 
_struct_conn.pdbx_ptnr1_standard_comp_id 
_struct_conn.ptnr1_symmetry 
_struct_conn.ptnr2_label_asym_id 
_struct_conn.ptnr2_label_comp_id 
_struct_conn.ptnr2_label_seq_id 
_struct_conn.ptnr2_label_atom_id 
_struct_conn.pdbx_ptnr2_label_alt_id 
_struct_conn.pdbx_ptnr2_PDB_ins_code 
_struct_conn.ptnr1_auth_asym_id 
_struct_conn.ptnr1_auth_comp_id 
_struct_conn.ptnr1_auth_seq_id 
_struct_conn.ptnr2_auth_asym_id 
_struct_conn.ptnr2_auth_comp_id 
_struct_conn.ptnr2_auth_seq_id 
_struct_conn.ptnr2_symmetry 
_struct_conn.pdbx_ptnr3_label_atom_id 
_struct_conn.pdbx_ptnr3_label_seq_id 
_struct_conn.pdbx_ptnr3_label_comp_id 
_struct_conn.pdbx_ptnr3_label_asym_id 
_struct_conn.pdbx_ptnr3_label_alt_id 
_struct_conn.pdbx_ptnr3_PDB_ins_code 
_struct_conn.details 
_struct_conn.pdbx_dist_value 
_struct_conn.pdbx_value_order 
_struct_conn.pdbx_role 
metalc1 metalc ? ? A CYS 56  SG  ? ? ? 1_555 C ZN . ZN ? ? A CYS 56  A ZN 202 1_555 ? ? ? ? ? ? ? 2.327 ? ? 
metalc2 metalc ? ? A CYS 58  SG  ? ? ? 1_555 C ZN . ZN ? ? A CYS 58  A ZN 202 1_555 ? ? ? ? ? ? ? 2.315 ? ? 
metalc3 metalc ? ? A CYS 116 SG  ? ? ? 1_555 C ZN . ZN ? ? A CYS 116 A ZN 202 1_555 ? ? ? ? ? ? ? 2.296 ? ? 
metalc4 metalc ? ? A HIS 118 ND1 ? ? ? 1_555 C ZN . ZN ? ? A HIS 118 A ZN 202 1_555 ? ? ? ? ? ? ? 2.081 ? ? 
# 
_struct_conn_type.id          metalc 
_struct_conn_type.criteria    ? 
_struct_conn_type.reference   ? 
# 
loop_
_pdbx_struct_conn_angle.id 
_pdbx_struct_conn_angle.ptnr1_label_atom_id 
_pdbx_struct_conn_angle.ptnr1_label_alt_id 
_pdbx_struct_conn_angle.ptnr1_label_asym_id 
_pdbx_struct_conn_angle.ptnr1_label_comp_id 
_pdbx_struct_conn_angle.ptnr1_label_seq_id 
_pdbx_struct_conn_angle.ptnr1_auth_atom_id 
_pdbx_struct_conn_angle.ptnr1_auth_asym_id 
_pdbx_struct_conn_angle.ptnr1_auth_comp_id 
_pdbx_struct_conn_angle.ptnr1_auth_seq_id 
_pdbx_struct_conn_angle.ptnr1_PDB_ins_code 
_pdbx_struct_conn_angle.ptnr1_symmetry 
_pdbx_struct_conn_angle.ptnr2_label_atom_id 
_pdbx_struct_conn_angle.ptnr2_label_alt_id 
_pdbx_struct_conn_angle.ptnr2_label_asym_id 
_pdbx_struct_conn_angle.ptnr2_label_comp_id 
_pdbx_struct_conn_angle.ptnr2_label_seq_id 
_pdbx_struct_conn_angle.ptnr2_auth_atom_id 
_pdbx_struct_conn_angle.ptnr2_auth_asym_id 
_pdbx_struct_conn_angle.ptnr2_auth_comp_id 
_pdbx_struct_conn_angle.ptnr2_auth_seq_id 
_pdbx_struct_conn_angle.ptnr2_PDB_ins_code 
_pdbx_struct_conn_angle.ptnr2_symmetry 
_pdbx_struct_conn_angle.ptnr3_label_atom_id 
_pdbx_struct_conn_angle.ptnr3_label_alt_id 
_pdbx_struct_conn_angle.ptnr3_label_asym_id 
_pdbx_struct_conn_angle.ptnr3_label_comp_id 
_pdbx_struct_conn_angle.ptnr3_label_seq_id 
_pdbx_struct_conn_angle.ptnr3_auth_atom_id 
_pdbx_struct_conn_angle.ptnr3_auth_asym_id 
_pdbx_struct_conn_angle.ptnr3_auth_comp_id 
_pdbx_struct_conn_angle.ptnr3_auth_seq_id 
_pdbx_struct_conn_angle.ptnr3_PDB_ins_code 
_pdbx_struct_conn_angle.ptnr3_symmetry 
_pdbx_struct_conn_angle.value 
_pdbx_struct_conn_angle.value_esd 
1 SG ? A CYS 56  ? A CYS 56  ? 1_555 ZN ? C ZN . ? A ZN 202 ? 1_555 SG  ? A CYS 58  ? A CYS 58  ? 1_555 110.1 ? 
2 SG ? A CYS 56  ? A CYS 56  ? 1_555 ZN ? C ZN . ? A ZN 202 ? 1_555 SG  ? A CYS 116 ? A CYS 116 ? 1_555 106.0 ? 
3 SG ? A CYS 58  ? A CYS 58  ? 1_555 ZN ? C ZN . ? A ZN 202 ? 1_555 SG  ? A CYS 116 ? A CYS 116 ? 1_555 118.1 ? 
4 SG ? A CYS 56  ? A CYS 56  ? 1_555 ZN ? C ZN . ? A ZN 202 ? 1_555 ND1 ? A HIS 118 ? A HIS 118 ? 1_555 105.4 ? 
5 SG ? A CYS 58  ? A CYS 58  ? 1_555 ZN ? C ZN . ? A ZN 202 ? 1_555 ND1 ? A HIS 118 ? A HIS 118 ? 1_555 101.8 ? 
6 SG ? A CYS 116 ? A CYS 116 ? 1_555 ZN ? C ZN . ? A ZN 202 ? 1_555 ND1 ? A HIS 118 ? A HIS 118 ? 1_555 114.8 ? 
# 
loop_
_struct_sheet.id 
_struct_sheet.type 
_struct_sheet.number_strands 
_struct_sheet.details 
AA1 ? 4 ? 
AA2 ? 7 ? 
# 
loop_
_struct_sheet_order.sheet_id 
_struct_sheet_order.range_id_1 
_struct_sheet_order.range_id_2 
_struct_sheet_order.offset 
_struct_sheet_order.sense 
AA1 1 2 ? anti-parallel 
AA1 2 3 ? anti-parallel 
AA1 3 4 ? anti-parallel 
AA2 1 2 ? anti-parallel 
AA2 2 3 ? anti-parallel 
AA2 3 4 ? anti-parallel 
AA2 4 5 ? anti-parallel 
AA2 5 6 ? anti-parallel 
AA2 6 7 ? anti-parallel 
# 
loop_
_struct_sheet_range.sheet_id 
_struct_sheet_range.id 
_struct_sheet_range.beg_label_comp_id 
_struct_sheet_range.beg_label_asym_id 
_struct_sheet_range.beg_label_seq_id 
_struct_sheet_range.pdbx_beg_PDB_ins_code 
_struct_sheet_range.end_label_comp_id 
_struct_sheet_range.end_label_asym_id 
_struct_sheet_range.end_label_seq_id 
_struct_sheet_range.pdbx_end_PDB_ins_code 
_struct_sheet_range.beg_auth_comp_id 
_struct_sheet_range.beg_auth_asym_id 
_struct_sheet_range.beg_auth_seq_id 
_struct_sheet_range.end_auth_comp_id 
_struct_sheet_range.end_auth_asym_id 
_struct_sheet_range.end_auth_seq_id 
AA1 1 ILE A 10  ? VAL A 12  ? ILE A 10  VAL A 12  
AA1 2 TYR A 15  ? ASN A 19  ? TYR A 15  ASN A 19  
AA1 3 LEU A 40  ? SER A 44  ? LEU A 40  SER A 44  
AA1 4 LEU A 31  ? ASP A 35  ? LEU A 31  ASP A 35  
AA2 1 LYS A 70  ? SER A 75  ? LYS A 70  SER A 75  
AA2 2 THR A 60  ? CYS A 65  ? THR A 60  CYS A 65  
AA2 3 ILE A 113 ? CYS A 116 ? ILE A 113 CYS A 116 
AA2 4 GLY A 119 ? THR A 126 ? GLY A 119 THR A 126 
AA2 5 LEU A 131 ? ASP A 136 ? LEU A 131 ASP A 136 
AA2 6 ARG A 93  ? VAL A 102 ? ARG A 93  VAL A 102 
AA2 7 SER A 80  ? VAL A 84  ? SER A 80  VAL A 84  
# 
loop_
_pdbx_struct_sheet_hbond.sheet_id 
_pdbx_struct_sheet_hbond.range_id_1 
_pdbx_struct_sheet_hbond.range_id_2 
_pdbx_struct_sheet_hbond.range_1_label_atom_id 
_pdbx_struct_sheet_hbond.range_1_label_comp_id 
_pdbx_struct_sheet_hbond.range_1_label_asym_id 
_pdbx_struct_sheet_hbond.range_1_label_seq_id 
_pdbx_struct_sheet_hbond.range_1_PDB_ins_code 
_pdbx_struct_sheet_hbond.range_1_auth_atom_id 
_pdbx_struct_sheet_hbond.range_1_auth_comp_id 
_pdbx_struct_sheet_hbond.range_1_auth_asym_id 
_pdbx_struct_sheet_hbond.range_1_auth_seq_id 
_pdbx_struct_sheet_hbond.range_2_label_atom_id 
_pdbx_struct_sheet_hbond.range_2_label_comp_id 
_pdbx_struct_sheet_hbond.range_2_label_asym_id 
_pdbx_struct_sheet_hbond.range_2_label_seq_id 
_pdbx_struct_sheet_hbond.range_2_PDB_ins_code 
_pdbx_struct_sheet_hbond.range_2_auth_atom_id 
_pdbx_struct_sheet_hbond.range_2_auth_comp_id 
_pdbx_struct_sheet_hbond.range_2_auth_asym_id 
_pdbx_struct_sheet_hbond.range_2_auth_seq_id 
AA1 1 2 N ILE A 10  ? N ILE A 10  O VAL A 17  ? O VAL A 17  
AA1 2 3 N VAL A 18  ? N VAL A 18  O LEU A 41  ? O LEU A 41  
AA1 3 4 O VAL A 42  ? O VAL A 42  N TRP A 33  ? N TRP A 33  
AA2 1 2 O LYS A 70  ? O LYS A 70  N CYS A 65  ? N CYS A 65  
AA2 2 3 N VAL A 62  ? N VAL A 62  O ARG A 115 ? O ARG A 115 
AA2 3 4 N LEU A 114 ? N LEU A 114 O VAL A 121 ? O VAL A 121 
AA2 4 5 N SER A 125 ? N SER A 125 O GLY A 133 ? O GLY A 133 
AA2 5 6 O PHE A 134 ? O PHE A 134 N MET A 99  ? N MET A 99  
AA2 6 7 O ARG A 93  ? O ARG A 93  N VAL A 84  ? N VAL A 84  
# 
_pdbx_entry_details.entry_id                   7H3I 
_pdbx_entry_details.compound_details           ? 
_pdbx_entry_details.source_details             ? 
_pdbx_entry_details.nonpolymer_details         ? 
_pdbx_entry_details.sequence_details           ? 
_pdbx_entry_details.has_ligand_of_interest     ? 
_pdbx_entry_details.has_protein_modification   N 
# 
loop_
_pdbx_validate_close_contact.id 
_pdbx_validate_close_contact.PDB_model_num 
_pdbx_validate_close_contact.auth_atom_id_1 
_pdbx_validate_close_contact.auth_asym_id_1 
_pdbx_validate_close_contact.auth_comp_id_1 
_pdbx_validate_close_contact.auth_seq_id_1 
_pdbx_validate_close_contact.PDB_ins_code_1 
_pdbx_validate_close_contact.label_alt_id_1 
_pdbx_validate_close_contact.auth_atom_id_2 
_pdbx_validate_close_contact.auth_asym_id_2 
_pdbx_validate_close_contact.auth_comp_id_2 
_pdbx_validate_close_contact.auth_seq_id_2 
_pdbx_validate_close_contact.PDB_ins_code_2 
_pdbx_validate_close_contact.label_alt_id_2 
_pdbx_validate_close_contact.dist 
1 1 O   A HOH 310 ? ? O A HOH 438 ? ? 1.88 
2 1 O   A HOH 322 ? ? O A HOH 331 ? ? 2.10 
3 1 O   A HOH 322 ? ? O A HOH 454 ? ? 2.17 
4 1 O   A HOH 450 ? ? O A HOH 478 ? ? 2.17 
5 1 OE1 A GLU 106 ? ? O A HOH 301 ? ? 2.19 
# 
loop_
_pdbx_validate_rmsd_angle.id 
_pdbx_validate_rmsd_angle.PDB_model_num 
_pdbx_validate_rmsd_angle.auth_atom_id_1 
_pdbx_validate_rmsd_angle.auth_asym_id_1 
_pdbx_validate_rmsd_angle.auth_comp_id_1 
_pdbx_validate_rmsd_angle.auth_seq_id_1 
_pdbx_validate_rmsd_angle.PDB_ins_code_1 
_pdbx_validate_rmsd_angle.label_alt_id_1 
_pdbx_validate_rmsd_angle.auth_atom_id_2 
_pdbx_validate_rmsd_angle.auth_asym_id_2 
_pdbx_validate_rmsd_angle.auth_comp_id_2 
_pdbx_validate_rmsd_angle.auth_seq_id_2 
_pdbx_validate_rmsd_angle.PDB_ins_code_2 
_pdbx_validate_rmsd_angle.label_alt_id_2 
_pdbx_validate_rmsd_angle.auth_atom_id_3 
_pdbx_validate_rmsd_angle.auth_asym_id_3 
_pdbx_validate_rmsd_angle.auth_comp_id_3 
_pdbx_validate_rmsd_angle.auth_seq_id_3 
_pdbx_validate_rmsd_angle.PDB_ins_code_3 
_pdbx_validate_rmsd_angle.label_alt_id_3 
_pdbx_validate_rmsd_angle.angle_value 
_pdbx_validate_rmsd_angle.angle_target_value 
_pdbx_validate_rmsd_angle.angle_deviation 
_pdbx_validate_rmsd_angle.angle_standard_deviation 
_pdbx_validate_rmsd_angle.linker_flag 
1 1 NE A ARG 20 ? ? CZ A ARG 20 ? ? NH1 A ARG 20 ? ? 123.36 120.30 3.06  0.50 N 
2 1 NE A ARG 93 ? ? CZ A ARG 93 ? ? NH2 A ARG 93 ? ? 117.06 120.30 -3.24 0.50 N 
# 
_pdbx_distant_solvent_atoms.id                                1 
_pdbx_distant_solvent_atoms.PDB_model_num                     1 
_pdbx_distant_solvent_atoms.auth_atom_id                      O 
_pdbx_distant_solvent_atoms.label_alt_id                      ? 
_pdbx_distant_solvent_atoms.auth_asym_id                      A 
_pdbx_distant_solvent_atoms.auth_comp_id                      HOH 
_pdbx_distant_solvent_atoms.auth_seq_id                       535 
_pdbx_distant_solvent_atoms.PDB_ins_code                      ? 
_pdbx_distant_solvent_atoms.neighbor_macromolecule_distance   8.00 
_pdbx_distant_solvent_atoms.neighbor_ligand_distance          . 
# 
loop_
_pdbx_unobs_or_zero_occ_residues.id 
_pdbx_unobs_or_zero_occ_residues.PDB_model_num 
_pdbx_unobs_or_zero_occ_residues.polymer_flag 
_pdbx_unobs_or_zero_occ_residues.occupancy_flag 
_pdbx_unobs_or_zero_occ_residues.auth_asym_id 
_pdbx_unobs_or_zero_occ_residues.auth_comp_id 
_pdbx_unobs_or_zero_occ_residues.auth_seq_id 
_pdbx_unobs_or_zero_occ_residues.PDB_ins_code 
_pdbx_unobs_or_zero_occ_residues.label_asym_id 
_pdbx_unobs_or_zero_occ_residues.label_comp_id 
_pdbx_unobs_or_zero_occ_residues.label_seq_id 
1  1 Y 1 A GLN 1   ? A GLN 1   
2  1 Y 1 A GLU 2   ? A GLU 2   
3  1 Y 1 A GLN 3   ? A GLN 3   
4  1 Y 1 A THR 4   ? A THR 4   
5  1 Y 1 A GLY 5   ? A GLY 5   
6  1 Y 1 A GLY 6   ? A GLY 6   
7  1 Y 1 A ALA 147 ? A ALA 147 
8  1 Y 1 A MET 148 ? A MET 148 
9  1 Y 1 A GLU 149 ? A GLU 149 
10 1 Y 1 A GLN 150 ? A GLN 150 
# 
loop_
_chem_comp_atom.comp_id 
_chem_comp_atom.atom_id 
_chem_comp_atom.type_symbol 
_chem_comp_atom.pdbx_aromatic_flag 
_chem_comp_atom.pdbx_stereo_config 
_chem_comp_atom.pdbx_ordinal 
ALA N    N  N N 1   
ALA CA   C  N S 2   
ALA C    C  N N 3   
ALA O    O  N N 4   
ALA CB   C  N N 5   
ALA OXT  O  N N 6   
ALA H    H  N N 7   
ALA H2   H  N N 8   
ALA HA   H  N N 9   
ALA HB1  H  N N 10  
ALA HB2  H  N N 11  
ALA HB3  H  N N 12  
ALA HXT  H  N N 13  
ARG N    N  N N 14  
ARG CA   C  N S 15  
ARG C    C  N N 16  
ARG O    O  N N 17  
ARG CB   C  N N 18  
ARG CG   C  N N 19  
ARG CD   C  N N 20  
ARG NE   N  N N 21  
ARG CZ   C  N N 22  
ARG NH1  N  N N 23  
ARG NH2  N  N N 24  
ARG OXT  O  N N 25  
ARG H    H  N N 26  
ARG H2   H  N N 27  
ARG HA   H  N N 28  
ARG HB2  H  N N 29  
ARG HB3  H  N N 30  
ARG HG2  H  N N 31  
ARG HG3  H  N N 32  
ARG HD2  H  N N 33  
ARG HD3  H  N N 34  
ARG HE   H  N N 35  
ARG HH11 H  N N 36  
ARG HH12 H  N N 37  
ARG HH21 H  N N 38  
ARG HH22 H  N N 39  
ARG HXT  H  N N 40  
ASN N    N  N N 41  
ASN CA   C  N S 42  
ASN C    C  N N 43  
ASN O    O  N N 44  
ASN CB   C  N N 45  
ASN CG   C  N N 46  
ASN OD1  O  N N 47  
ASN ND2  N  N N 48  
ASN OXT  O  N N 49  
ASN H    H  N N 50  
ASN H2   H  N N 51  
ASN HA   H  N N 52  
ASN HB2  H  N N 53  
ASN HB3  H  N N 54  
ASN HD21 H  N N 55  
ASN HD22 H  N N 56  
ASN HXT  H  N N 57  
ASP N    N  N N 58  
ASP CA   C  N S 59  
ASP C    C  N N 60  
ASP O    O  N N 61  
ASP CB   C  N N 62  
ASP CG   C  N N 63  
ASP OD1  O  N N 64  
ASP OD2  O  N N 65  
ASP OXT  O  N N 66  
ASP H    H  N N 67  
ASP H2   H  N N 68  
ASP HA   H  N N 69  
ASP HB2  H  N N 70  
ASP HB3  H  N N 71  
ASP HD2  H  N N 72  
ASP HXT  H  N N 73  
CYS N    N  N N 74  
CYS CA   C  N R 75  
CYS C    C  N N 76  
CYS O    O  N N 77  
CYS CB   C  N N 78  
CYS SG   S  N N 79  
CYS OXT  O  N N 80  
CYS H    H  N N 81  
CYS H2   H  N N 82  
CYS HA   H  N N 83  
CYS HB2  H  N N 84  
CYS HB3  H  N N 85  
CYS HG   H  N N 86  
CYS HXT  H  N N 87  
DMS S    S  N N 88  
DMS O    O  N N 89  
DMS C1   C  N N 90  
DMS C2   C  N N 91  
DMS H11  H  N N 92  
DMS H12  H  N N 93  
DMS H13  H  N N 94  
DMS H21  H  N N 95  
DMS H22  H  N N 96  
DMS H23  H  N N 97  
GLN N    N  N N 98  
GLN CA   C  N S 99  
GLN C    C  N N 100 
GLN O    O  N N 101 
GLN CB   C  N N 102 
GLN CG   C  N N 103 
GLN CD   C  N N 104 
GLN OE1  O  N N 105 
GLN NE2  N  N N 106 
GLN OXT  O  N N 107 
GLN H    H  N N 108 
GLN H2   H  N N 109 
GLN HA   H  N N 110 
GLN HB2  H  N N 111 
GLN HB3  H  N N 112 
GLN HG2  H  N N 113 
GLN HG3  H  N N 114 
GLN HE21 H  N N 115 
GLN HE22 H  N N 116 
GLN HXT  H  N N 117 
GLU N    N  N N 118 
GLU CA   C  N S 119 
GLU C    C  N N 120 
GLU O    O  N N 121 
GLU CB   C  N N 122 
GLU CG   C  N N 123 
GLU CD   C  N N 124 
GLU OE1  O  N N 125 
GLU OE2  O  N N 126 
GLU OXT  O  N N 127 
GLU H    H  N N 128 
GLU H2   H  N N 129 
GLU HA   H  N N 130 
GLU HB2  H  N N 131 
GLU HB3  H  N N 132 
GLU HG2  H  N N 133 
GLU HG3  H  N N 134 
GLU HE2  H  N N 135 
GLU HXT  H  N N 136 
GLY N    N  N N 137 
GLY CA   C  N N 138 
GLY C    C  N N 139 
GLY O    O  N N 140 
GLY OXT  O  N N 141 
GLY H    H  N N 142 
GLY H2   H  N N 143 
GLY HA2  H  N N 144 
GLY HA3  H  N N 145 
GLY HXT  H  N N 146 
HIS N    N  N N 147 
HIS CA   C  N S 148 
HIS C    C  N N 149 
HIS O    O  N N 150 
HIS CB   C  N N 151 
HIS CG   C  Y N 152 
HIS ND1  N  Y N 153 
HIS CD2  C  Y N 154 
HIS CE1  C  Y N 155 
HIS NE2  N  Y N 156 
HIS OXT  O  N N 157 
HIS H    H  N N 158 
HIS H2   H  N N 159 
HIS HA   H  N N 160 
HIS HB2  H  N N 161 
HIS HB3  H  N N 162 
HIS HD1  H  N N 163 
HIS HD2  H  N N 164 
HIS HE1  H  N N 165 
HIS HE2  H  N N 166 
HIS HXT  H  N N 167 
HOH O    O  N N 168 
HOH H1   H  N N 169 
HOH H2   H  N N 170 
ILE N    N  N N 171 
ILE CA   C  N S 172 
ILE C    C  N N 173 
ILE O    O  N N 174 
ILE CB   C  N S 175 
ILE CG1  C  N N 176 
ILE CG2  C  N N 177 
ILE CD1  C  N N 178 
ILE OXT  O  N N 179 
ILE H    H  N N 180 
ILE H2   H  N N 181 
ILE HA   H  N N 182 
ILE HB   H  N N 183 
ILE HG12 H  N N 184 
ILE HG13 H  N N 185 
ILE HG21 H  N N 186 
ILE HG22 H  N N 187 
ILE HG23 H  N N 188 
ILE HD11 H  N N 189 
ILE HD12 H  N N 190 
ILE HD13 H  N N 191 
ILE HXT  H  N N 192 
LEU N    N  N N 193 
LEU CA   C  N S 194 
LEU C    C  N N 195 
LEU O    O  N N 196 
LEU CB   C  N N 197 
LEU CG   C  N N 198 
LEU CD1  C  N N 199 
LEU CD2  C  N N 200 
LEU OXT  O  N N 201 
LEU H    H  N N 202 
LEU H2   H  N N 203 
LEU HA   H  N N 204 
LEU HB2  H  N N 205 
LEU HB3  H  N N 206 
LEU HG   H  N N 207 
LEU HD11 H  N N 208 
LEU HD12 H  N N 209 
LEU HD13 H  N N 210 
LEU HD21 H  N N 211 
LEU HD22 H  N N 212 
LEU HD23 H  N N 213 
LEU HXT  H  N N 214 
LYS N    N  N N 215 
LYS CA   C  N S 216 
LYS C    C  N N 217 
LYS O    O  N N 218 
LYS CB   C  N N 219 
LYS CG   C  N N 220 
LYS CD   C  N N 221 
LYS CE   C  N N 222 
LYS NZ   N  N N 223 
LYS OXT  O  N N 224 
LYS H    H  N N 225 
LYS H2   H  N N 226 
LYS HA   H  N N 227 
LYS HB2  H  N N 228 
LYS HB3  H  N N 229 
LYS HG2  H  N N 230 
LYS HG3  H  N N 231 
LYS HD2  H  N N 232 
LYS HD3  H  N N 233 
LYS HE2  H  N N 234 
LYS HE3  H  N N 235 
LYS HZ1  H  N N 236 
LYS HZ2  H  N N 237 
LYS HZ3  H  N N 238 
LYS HXT  H  N N 239 
MET N    N  N N 240 
MET CA   C  N S 241 
MET C    C  N N 242 
MET O    O  N N 243 
MET CB   C  N N 244 
MET CG   C  N N 245 
MET SD   S  N N 246 
MET CE   C  N N 247 
MET OXT  O  N N 248 
MET H    H  N N 249 
MET H2   H  N N 250 
MET HA   H  N N 251 
MET HB2  H  N N 252 
MET HB3  H  N N 253 
MET HG2  H  N N 254 
MET HG3  H  N N 255 
MET HE1  H  N N 256 
MET HE2  H  N N 257 
MET HE3  H  N N 258 
MET HXT  H  N N 259 
PHE N    N  N N 260 
PHE CA   C  N S 261 
PHE C    C  N N 262 
PHE O    O  N N 263 
PHE CB   C  N N 264 
PHE CG   C  Y N 265 
PHE CD1  C  Y N 266 
PHE CD2  C  Y N 267 
PHE CE1  C  Y N 268 
PHE CE2  C  Y N 269 
PHE CZ   C  Y N 270 
PHE OXT  O  N N 271 
PHE H    H  N N 272 
PHE H2   H  N N 273 
PHE HA   H  N N 274 
PHE HB2  H  N N 275 
PHE HB3  H  N N 276 
PHE HD1  H  N N 277 
PHE HD2  H  N N 278 
PHE HE1  H  N N 279 
PHE HE2  H  N N 280 
PHE HZ   H  N N 281 
PHE HXT  H  N N 282 
PRO N    N  N N 283 
PRO CA   C  N S 284 
PRO C    C  N N 285 
PRO O    O  N N 286 
PRO CB   C  N N 287 
PRO CG   C  N N 288 
PRO CD   C  N N 289 
PRO OXT  O  N N 290 
PRO H    H  N N 291 
PRO HA   H  N N 292 
PRO HB2  H  N N 293 
PRO HB3  H  N N 294 
PRO HG2  H  N N 295 
PRO HG3  H  N N 296 
PRO HD2  H  N N 297 
PRO HD3  H  N N 298 
PRO HXT  H  N N 299 
SER N    N  N N 300 
SER CA   C  N S 301 
SER C    C  N N 302 
SER O    O  N N 303 
SER CB   C  N N 304 
SER OG   O  N N 305 
SER OXT  O  N N 306 
SER H    H  N N 307 
SER H2   H  N N 308 
SER HA   H  N N 309 
SER HB2  H  N N 310 
SER HB3  H  N N 311 
SER HG   H  N N 312 
SER HXT  H  N N 313 
THR N    N  N N 314 
THR CA   C  N S 315 
THR C    C  N N 316 
THR O    O  N N 317 
THR CB   C  N R 318 
THR OG1  O  N N 319 
THR CG2  C  N N 320 
THR OXT  O  N N 321 
THR H    H  N N 322 
THR H2   H  N N 323 
THR HA   H  N N 324 
THR HB   H  N N 325 
THR HG1  H  N N 326 
THR HG21 H  N N 327 
THR HG22 H  N N 328 
THR HG23 H  N N 329 
THR HXT  H  N N 330 
TRP N    N  N N 331 
TRP CA   C  N S 332 
TRP C    C  N N 333 
TRP O    O  N N 334 
TRP CB   C  N N 335 
TRP CG   C  Y N 336 
TRP CD1  C  Y N 337 
TRP CD2  C  Y N 338 
TRP NE1  N  Y N 339 
TRP CE2  C  Y N 340 
TRP CE3  C  Y N 341 
TRP CZ2  C  Y N 342 
TRP CZ3  C  Y N 343 
TRP CH2  C  Y N 344 
TRP OXT  O  N N 345 
TRP H    H  N N 346 
TRP H2   H  N N 347 
TRP HA   H  N N 348 
TRP HB2  H  N N 349 
TRP HB3  H  N N 350 
TRP HD1  H  N N 351 
TRP HE1  H  N N 352 
TRP HE3  H  N N 353 
TRP HZ2  H  N N 354 
TRP HZ3  H  N N 355 
TRP HH2  H  N N 356 
TRP HXT  H  N N 357 
TYR N    N  N N 358 
TYR CA   C  N S 359 
TYR C    C  N N 360 
TYR O    O  N N 361 
TYR CB   C  N N 362 
TYR CG   C  Y N 363 
TYR CD1  C  Y N 364 
TYR CD2  C  Y N 365 
TYR CE1  C  Y N 366 
TYR CE2  C  Y N 367 
TYR CZ   C  Y N 368 
TYR OH   O  N N 369 
TYR OXT  O  N N 370 
TYR H    H  N N 371 
TYR H2   H  N N 372 
TYR HA   H  N N 373 
TYR HB2  H  N N 374 
TYR HB3  H  N N 375 
TYR HD1  H  N N 376 
TYR HD2  H  N N 377 
TYR HE1  H  N N 378 
TYR HE2  H  N N 379 
TYR HH   H  N N 380 
TYR HXT  H  N N 381 
UVS N1   N  Y N 382 
UVS N    N  Y N 383 
UVS C    C  N N 384 
UVS O    O  N N 385 
UVS C1   C  N N 386 
UVS C2   C  Y N 387 
UVS C3   C  Y N 388 
UVS N2   N  N N 389 
UVS S    S  Y N 390 
UVS H1   H  N N 391 
UVS H2   H  N N 392 
UVS H3   H  N N 393 
UVS H4   H  N N 394 
UVS H5   H  N N 395 
UVS H6   H  N N 396 
UVS H7   H  N N 397 
VAL N    N  N N 398 
VAL CA   C  N S 399 
VAL C    C  N N 400 
VAL O    O  N N 401 
VAL CB   C  N N 402 
VAL CG1  C  N N 403 
VAL CG2  C  N N 404 
VAL OXT  O  N N 405 
VAL H    H  N N 406 
VAL H2   H  N N 407 
VAL HA   H  N N 408 
VAL HB   H  N N 409 
VAL HG11 H  N N 410 
VAL HG12 H  N N 411 
VAL HG13 H  N N 412 
VAL HG21 H  N N 413 
VAL HG22 H  N N 414 
VAL HG23 H  N N 415 
VAL HXT  H  N N 416 
ZN  ZN   ZN N N 417 
# 
loop_
_chem_comp_bond.comp_id 
_chem_comp_bond.atom_id_1 
_chem_comp_bond.atom_id_2 
_chem_comp_bond.value_order 
_chem_comp_bond.pdbx_aromatic_flag 
_chem_comp_bond.pdbx_stereo_config 
_chem_comp_bond.pdbx_ordinal 
ALA N   CA   sing N N 1   
ALA N   H    sing N N 2   
ALA N   H2   sing N N 3   
ALA CA  C    sing N N 4   
ALA CA  CB   sing N N 5   
ALA CA  HA   sing N N 6   
ALA C   O    doub N N 7   
ALA C   OXT  sing N N 8   
ALA CB  HB1  sing N N 9   
ALA CB  HB2  sing N N 10  
ALA CB  HB3  sing N N 11  
ALA OXT HXT  sing N N 12  
ARG N   CA   sing N N 13  
ARG N   H    sing N N 14  
ARG N   H2   sing N N 15  
ARG CA  C    sing N N 16  
ARG CA  CB   sing N N 17  
ARG CA  HA   sing N N 18  
ARG C   O    doub N N 19  
ARG C   OXT  sing N N 20  
ARG CB  CG   sing N N 21  
ARG CB  HB2  sing N N 22  
ARG CB  HB3  sing N N 23  
ARG CG  CD   sing N N 24  
ARG CG  HG2  sing N N 25  
ARG CG  HG3  sing N N 26  
ARG CD  NE   sing N N 27  
ARG CD  HD2  sing N N 28  
ARG CD  HD3  sing N N 29  
ARG NE  CZ   sing N N 30  
ARG NE  HE   sing N N 31  
ARG CZ  NH1  sing N N 32  
ARG CZ  NH2  doub N N 33  
ARG NH1 HH11 sing N N 34  
ARG NH1 HH12 sing N N 35  
ARG NH2 HH21 sing N N 36  
ARG NH2 HH22 sing N N 37  
ARG OXT HXT  sing N N 38  
ASN N   CA   sing N N 39  
ASN N   H    sing N N 40  
ASN N   H2   sing N N 41  
ASN CA  C    sing N N 42  
ASN CA  CB   sing N N 43  
ASN CA  HA   sing N N 44  
ASN C   O    doub N N 45  
ASN C   OXT  sing N N 46  
ASN CB  CG   sing N N 47  
ASN CB  HB2  sing N N 48  
ASN CB  HB3  sing N N 49  
ASN CG  OD1  doub N N 50  
ASN CG  ND2  sing N N 51  
ASN ND2 HD21 sing N N 52  
ASN ND2 HD22 sing N N 53  
ASN OXT HXT  sing N N 54  
ASP N   CA   sing N N 55  
ASP N   H    sing N N 56  
ASP N   H2   sing N N 57  
ASP CA  C    sing N N 58  
ASP CA  CB   sing N N 59  
ASP CA  HA   sing N N 60  
ASP C   O    doub N N 61  
ASP C   OXT  sing N N 62  
ASP CB  CG   sing N N 63  
ASP CB  HB2  sing N N 64  
ASP CB  HB3  sing N N 65  
ASP CG  OD1  doub N N 66  
ASP CG  OD2  sing N N 67  
ASP OD2 HD2  sing N N 68  
ASP OXT HXT  sing N N 69  
CYS N   CA   sing N N 70  
CYS N   H    sing N N 71  
CYS N   H2   sing N N 72  
CYS CA  C    sing N N 73  
CYS CA  CB   sing N N 74  
CYS CA  HA   sing N N 75  
CYS C   O    doub N N 76  
CYS C   OXT  sing N N 77  
CYS CB  SG   sing N N 78  
CYS CB  HB2  sing N N 79  
CYS CB  HB3  sing N N 80  
CYS SG  HG   sing N N 81  
CYS OXT HXT  sing N N 82  
DMS S   O    doub N N 83  
DMS S   C1   sing N N 84  
DMS S   C2   sing N N 85  
DMS C1  H11  sing N N 86  
DMS C1  H12  sing N N 87  
DMS C1  H13  sing N N 88  
DMS C2  H21  sing N N 89  
DMS C2  H22  sing N N 90  
DMS C2  H23  sing N N 91  
GLN N   CA   sing N N 92  
GLN N   H    sing N N 93  
GLN N   H2   sing N N 94  
GLN CA  C    sing N N 95  
GLN CA  CB   sing N N 96  
GLN CA  HA   sing N N 97  
GLN C   O    doub N N 98  
GLN C   OXT  sing N N 99  
GLN CB  CG   sing N N 100 
GLN CB  HB2  sing N N 101 
GLN CB  HB3  sing N N 102 
GLN CG  CD   sing N N 103 
GLN CG  HG2  sing N N 104 
GLN CG  HG3  sing N N 105 
GLN CD  OE1  doub N N 106 
GLN CD  NE2  sing N N 107 
GLN NE2 HE21 sing N N 108 
GLN NE2 HE22 sing N N 109 
GLN OXT HXT  sing N N 110 
GLU N   CA   sing N N 111 
GLU N   H    sing N N 112 
GLU N   H2   sing N N 113 
GLU CA  C    sing N N 114 
GLU CA  CB   sing N N 115 
GLU CA  HA   sing N N 116 
GLU C   O    doub N N 117 
GLU C   OXT  sing N N 118 
GLU CB  CG   sing N N 119 
GLU CB  HB2  sing N N 120 
GLU CB  HB3  sing N N 121 
GLU CG  CD   sing N N 122 
GLU CG  HG2  sing N N 123 
GLU CG  HG3  sing N N 124 
GLU CD  OE1  doub N N 125 
GLU CD  OE2  sing N N 126 
GLU OE2 HE2  sing N N 127 
GLU OXT HXT  sing N N 128 
GLY N   CA   sing N N 129 
GLY N   H    sing N N 130 
GLY N   H2   sing N N 131 
GLY CA  C    sing N N 132 
GLY CA  HA2  sing N N 133 
GLY CA  HA3  sing N N 134 
GLY C   O    doub N N 135 
GLY C   OXT  sing N N 136 
GLY OXT HXT  sing N N 137 
HIS N   CA   sing N N 138 
HIS N   H    sing N N 139 
HIS N   H2   sing N N 140 
HIS CA  C    sing N N 141 
HIS CA  CB   sing N N 142 
HIS CA  HA   sing N N 143 
HIS C   O    doub N N 144 
HIS C   OXT  sing N N 145 
HIS CB  CG   sing N N 146 
HIS CB  HB2  sing N N 147 
HIS CB  HB3  sing N N 148 
HIS CG  ND1  sing Y N 149 
HIS CG  CD2  doub Y N 150 
HIS ND1 CE1  doub Y N 151 
HIS ND1 HD1  sing N N 152 
HIS CD2 NE2  sing Y N 153 
HIS CD2 HD2  sing N N 154 
HIS CE1 NE2  sing Y N 155 
HIS CE1 HE1  sing N N 156 
HIS NE2 HE2  sing N N 157 
HIS OXT HXT  sing N N 158 
HOH O   H1   sing N N 159 
HOH O   H2   sing N N 160 
ILE N   CA   sing N N 161 
ILE N   H    sing N N 162 
ILE N   H2   sing N N 163 
ILE CA  C    sing N N 164 
ILE CA  CB   sing N N 165 
ILE CA  HA   sing N N 166 
ILE C   O    doub N N 167 
ILE C   OXT  sing N N 168 
ILE CB  CG1  sing N N 169 
ILE CB  CG2  sing N N 170 
ILE CB  HB   sing N N 171 
ILE CG1 CD1  sing N N 172 
ILE CG1 HG12 sing N N 173 
ILE CG1 HG13 sing N N 174 
ILE CG2 HG21 sing N N 175 
ILE CG2 HG22 sing N N 176 
ILE CG2 HG23 sing N N 177 
ILE CD1 HD11 sing N N 178 
ILE CD1 HD12 sing N N 179 
ILE CD1 HD13 sing N N 180 
ILE OXT HXT  sing N N 181 
LEU N   CA   sing N N 182 
LEU N   H    sing N N 183 
LEU N   H2   sing N N 184 
LEU CA  C    sing N N 185 
LEU CA  CB   sing N N 186 
LEU CA  HA   sing N N 187 
LEU C   O    doub N N 188 
LEU C   OXT  sing N N 189 
LEU CB  CG   sing N N 190 
LEU CB  HB2  sing N N 191 
LEU CB  HB3  sing N N 192 
LEU CG  CD1  sing N N 193 
LEU CG  CD2  sing N N 194 
LEU CG  HG   sing N N 195 
LEU CD1 HD11 sing N N 196 
LEU CD1 HD12 sing N N 197 
LEU CD1 HD13 sing N N 198 
LEU CD2 HD21 sing N N 199 
LEU CD2 HD22 sing N N 200 
LEU CD2 HD23 sing N N 201 
LEU OXT HXT  sing N N 202 
LYS N   CA   sing N N 203 
LYS N   H    sing N N 204 
LYS N   H2   sing N N 205 
LYS CA  C    sing N N 206 
LYS CA  CB   sing N N 207 
LYS CA  HA   sing N N 208 
LYS C   O    doub N N 209 
LYS C   OXT  sing N N 210 
LYS CB  CG   sing N N 211 
LYS CB  HB2  sing N N 212 
LYS CB  HB3  sing N N 213 
LYS CG  CD   sing N N 214 
LYS CG  HG2  sing N N 215 
LYS CG  HG3  sing N N 216 
LYS CD  CE   sing N N 217 
LYS CD  HD2  sing N N 218 
LYS CD  HD3  sing N N 219 
LYS CE  NZ   sing N N 220 
LYS CE  HE2  sing N N 221 
LYS CE  HE3  sing N N 222 
LYS NZ  HZ1  sing N N 223 
LYS NZ  HZ2  sing N N 224 
LYS NZ  HZ3  sing N N 225 
LYS OXT HXT  sing N N 226 
MET N   CA   sing N N 227 
MET N   H    sing N N 228 
MET N   H2   sing N N 229 
MET CA  C    sing N N 230 
MET CA  CB   sing N N 231 
MET CA  HA   sing N N 232 
MET C   O    doub N N 233 
MET C   OXT  sing N N 234 
MET CB  CG   sing N N 235 
MET CB  HB2  sing N N 236 
MET CB  HB3  sing N N 237 
MET CG  SD   sing N N 238 
MET CG  HG2  sing N N 239 
MET CG  HG3  sing N N 240 
MET SD  CE   sing N N 241 
MET CE  HE1  sing N N 242 
MET CE  HE2  sing N N 243 
MET CE  HE3  sing N N 244 
MET OXT HXT  sing N N 245 
PHE N   CA   sing N N 246 
PHE N   H    sing N N 247 
PHE N   H2   sing N N 248 
PHE CA  C    sing N N 249 
PHE CA  CB   sing N N 250 
PHE CA  HA   sing N N 251 
PHE C   O    doub N N 252 
PHE C   OXT  sing N N 253 
PHE CB  CG   sing N N 254 
PHE CB  HB2  sing N N 255 
PHE CB  HB3  sing N N 256 
PHE CG  CD1  doub Y N 257 
PHE CG  CD2  sing Y N 258 
PHE CD1 CE1  sing Y N 259 
PHE CD1 HD1  sing N N 260 
PHE CD2 CE2  doub Y N 261 
PHE CD2 HD2  sing N N 262 
PHE CE1 CZ   doub Y N 263 
PHE CE1 HE1  sing N N 264 
PHE CE2 CZ   sing Y N 265 
PHE CE2 HE2  sing N N 266 
PHE CZ  HZ   sing N N 267 
PHE OXT HXT  sing N N 268 
PRO N   CA   sing N N 269 
PRO N   CD   sing N N 270 
PRO N   H    sing N N 271 
PRO CA  C    sing N N 272 
PRO CA  CB   sing N N 273 
PRO CA  HA   sing N N 274 
PRO C   O    doub N N 275 
PRO C   OXT  sing N N 276 
PRO CB  CG   sing N N 277 
PRO CB  HB2  sing N N 278 
PRO CB  HB3  sing N N 279 
PRO CG  CD   sing N N 280 
PRO CG  HG2  sing N N 281 
PRO CG  HG3  sing N N 282 
PRO CD  HD2  sing N N 283 
PRO CD  HD3  sing N N 284 
PRO OXT HXT  sing N N 285 
SER N   CA   sing N N 286 
SER N   H    sing N N 287 
SER N   H2   sing N N 288 
SER CA  C    sing N N 289 
SER CA  CB   sing N N 290 
SER CA  HA   sing N N 291 
SER C   O    doub N N 292 
SER C   OXT  sing N N 293 
SER CB  OG   sing N N 294 
SER CB  HB2  sing N N 295 
SER CB  HB3  sing N N 296 
SER OG  HG   sing N N 297 
SER OXT HXT  sing N N 298 
THR N   CA   sing N N 299 
THR N   H    sing N N 300 
THR N   H2   sing N N 301 
THR CA  C    sing N N 302 
THR CA  CB   sing N N 303 
THR CA  HA   sing N N 304 
THR C   O    doub N N 305 
THR C   OXT  sing N N 306 
THR CB  OG1  sing N N 307 
THR CB  CG2  sing N N 308 
THR CB  HB   sing N N 309 
THR OG1 HG1  sing N N 310 
THR CG2 HG21 sing N N 311 
THR CG2 HG22 sing N N 312 
THR CG2 HG23 sing N N 313 
THR OXT HXT  sing N N 314 
TRP N   CA   sing N N 315 
TRP N   H    sing N N 316 
TRP N   H2   sing N N 317 
TRP CA  C    sing N N 318 
TRP CA  CB   sing N N 319 
TRP CA  HA   sing N N 320 
TRP C   O    doub N N 321 
TRP C   OXT  sing N N 322 
TRP CB  CG   sing N N 323 
TRP CB  HB2  sing N N 324 
TRP CB  HB3  sing N N 325 
TRP CG  CD1  doub Y N 326 
TRP CG  CD2  sing Y N 327 
TRP CD1 NE1  sing Y N 328 
TRP CD1 HD1  sing N N 329 
TRP CD2 CE2  doub Y N 330 
TRP CD2 CE3  sing Y N 331 
TRP NE1 CE2  sing Y N 332 
TRP NE1 HE1  sing N N 333 
TRP CE2 CZ2  sing Y N 334 
TRP CE3 CZ3  doub Y N 335 
TRP CE3 HE3  sing N N 336 
TRP CZ2 CH2  doub Y N 337 
TRP CZ2 HZ2  sing N N 338 
TRP CZ3 CH2  sing Y N 339 
TRP CZ3 HZ3  sing N N 340 
TRP CH2 HH2  sing N N 341 
TRP OXT HXT  sing N N 342 
TYR N   CA   sing N N 343 
TYR N   H    sing N N 344 
TYR N   H2   sing N N 345 
TYR CA  C    sing N N 346 
TYR CA  CB   sing N N 347 
TYR CA  HA   sing N N 348 
TYR C   O    doub N N 349 
TYR C   OXT  sing N N 350 
TYR CB  CG   sing N N 351 
TYR CB  HB2  sing N N 352 
TYR CB  HB3  sing N N 353 
TYR CG  CD1  doub Y N 354 
TYR CG  CD2  sing Y N 355 
TYR CD1 CE1  sing Y N 356 
TYR CD1 HD1  sing N N 357 
TYR CD2 CE2  doub Y N 358 
TYR CD2 HD2  sing N N 359 
TYR CE1 CZ   doub Y N 360 
TYR CE1 HE1  sing N N 361 
TYR CE2 CZ   sing Y N 362 
TYR CE2 HE2  sing N N 363 
TYR CZ  OH   sing N N 364 
TYR OH  HH   sing N N 365 
TYR OXT HXT  sing N N 366 
UVS C   O    sing N N 367 
UVS N1  N    sing Y N 368 
UVS N1  C3   doub Y N 369 
UVS N   C2   doub Y N 370 
UVS O   C1   sing N N 371 
UVS C3  N2   sing N N 372 
UVS C3  S    sing Y N 373 
UVS C2  C1   sing N N 374 
UVS C2  S    sing Y N 375 
UVS C   H1   sing N N 376 
UVS C   H2   sing N N 377 
UVS C   H3   sing N N 378 
UVS C1  H4   sing N N 379 
UVS C1  H5   sing N N 380 
UVS N2  H6   sing N N 381 
UVS N2  H7   sing N N 382 
VAL N   CA   sing N N 383 
VAL N   H    sing N N 384 
VAL N   H2   sing N N 385 
VAL CA  C    sing N N 386 
VAL CA  CB   sing N N 387 
VAL CA  HA   sing N N 388 
VAL C   O    doub N N 389 
VAL C   OXT  sing N N 390 
VAL CB  CG1  sing N N 391 
VAL CB  CG2  sing N N 392 
VAL CB  HB   sing N N 393 
VAL CG1 HG11 sing N N 394 
VAL CG1 HG12 sing N N 395 
VAL CG1 HG13 sing N N 396 
VAL CG2 HG21 sing N N 397 
VAL CG2 HG22 sing N N 398 
VAL CG2 HG23 sing N N 399 
VAL OXT HXT  sing N N 400 
# 
_pdbx_audit_support.funding_organization   
'National Institutes of Health/National Institute Of Allergy and Infectious Diseases (NIH/NIAID)' 
_pdbx_audit_support.country                'United States' 
_pdbx_audit_support.grant_number           U19AI171399 
_pdbx_audit_support.ordinal                1 
# 
_pdbx_deposit_group.group_id            G_1002288 
_pdbx_deposit_group.group_description   'Crystallographic fragment screening of Coxsackievirus A16 (G-10) 2A protease' 
_pdbx_deposit_group.group_title         
'Group deposition for crystallographic fragment screening of Coxsackievirus A16 (G-10) 2A protease' 
_pdbx_deposit_group.group_type          'changed state' 
# 
_atom_sites.entry_id                    7H3I 
_atom_sites.fract_transf_matrix[1][1]   -0.00150956 
_atom_sites.fract_transf_matrix[1][2]   0.01151285 
_atom_sites.fract_transf_matrix[1][3]   -0.00066759 
_atom_sites.fract_transf_matrix[2][1]   -0.01102034 
_atom_sites.fract_transf_matrix[2][2]   -0.00224189 
_atom_sites.fract_transf_matrix[2][3]   -0.01374309 
_atom_sites.fract_transf_matrix[3][1]   -0.02419984 
_atom_sites.fract_transf_matrix[3][2]   0.00088406 
_atom_sites.fract_transf_matrix[3][3]   0.01926119 
_atom_sites.fract_transf_vector[1]      0.184582 
_atom_sites.fract_transf_vector[2]      0.124519 
_atom_sites.fract_transf_vector[3]      0.449263 
# 
loop_
_atom_type.symbol 
C  
N  
O  
S  
ZN 
# 
loop_
_atom_site.group_PDB 
_atom_site.id 
_atom_site.type_symbol 
_atom_site.label_atom_id 
_atom_site.label_alt_id 
_atom_site.label_comp_id 
_atom_site.label_asym_id 
_atom_site.label_entity_id 
_atom_site.label_seq_id 
_atom_site.pdbx_PDB_ins_code 
_atom_site.Cartn_x 
_atom_site.Cartn_y 
_atom_site.Cartn_z 
_atom_site.occupancy 
_atom_site.B_iso_or_equiv 
_atom_site.pdbx_formal_charge 
_atom_site.auth_seq_id 
_atom_site.auth_comp_id 
_atom_site.auth_asym_id 
_atom_site.auth_atom_id 
_atom_site.pdbx_PDB_model_num 
ATOM   1    N  N   . SER A 1 7   ? -7.874  3.725   6.393   1.00 13.85 ? 7   SER A N   1 
ATOM   2    C  CA  . SER A 1 7   ? -7.416  4.878   5.673   1.00 13.69 ? 7   SER A CA  1 
ATOM   3    C  C   . SER A 1 7   ? -5.928  5.074   5.911   1.00 13.14 ? 7   SER A C   1 
ATOM   4    O  O   . SER A 1 7   ? -5.357  4.496   6.869   1.00 14.32 ? 7   SER A O   1 
ATOM   5    C  CB  . SER A 1 7   ? -8.192  6.122   6.057   1.00 16.90 ? 7   SER A CB  1 
ATOM   6    O  OG  . SER A 1 7   ? -7.965  6.360   7.416   1.00 20.64 ? 7   SER A OG  1 
ATOM   7    N  N   . GLY A 1 8   ? -5.297  5.830   5.046   1.00 11.96 ? 8   GLY A N   1 
ATOM   8    C  CA  . GLY A 1 8   ? -3.902  6.186   5.199   1.00 12.49 ? 8   GLY A CA  1 
ATOM   9    C  C   . GLY A 1 8   ? -3.230  6.450   3.888   1.00 11.80 ? 8   GLY A C   1 
ATOM   10   O  O   . GLY A 1 8   ? -3.667  5.948   2.858   1.00 13.47 ? 8   GLY A O   1 
ATOM   11   N  N   . ALA A 1 9   ? -2.118  7.156   3.930   1.00 11.73 ? 9   ALA A N   1 
ATOM   12   C  CA  . ALA A 1 9   ? -1.351  7.487   2.738   1.00 11.75 ? 9   ALA A CA  1 
ATOM   13   C  C   . ALA A 1 9   ? 0.135   7.480   3.027   1.00 11.00 ? 9   ALA A C   1 
ATOM   14   O  O   . ALA A 1 9   ? 0.558   7.570   4.194   1.00 12.70 ? 9   ALA A O   1 
ATOM   15   C  CB  . ALA A 1 9   ? -1.760  8.823   2.178   1.00 13.23 ? 9   ALA A CB  1 
ATOM   16   N  N   . ILE A 1 10  ? 0.906   7.447   1.978   1.00 10.80 ? 10  ILE A N   1 
ATOM   17   C  CA  . ILE A 1 10  ? 2.360   7.687   2.001   1.00 11.69 ? 10  ILE A CA  1 
ATOM   18   C  C   . ILE A 1 10  ? 2.577   9.082   1.472   1.00 12.60 ? 10  ILE A C   1 
ATOM   19   O  O   . ILE A 1 10  ? 2.034   9.408   0.412   1.00 13.11 ? 10  ILE A O   1 
ATOM   20   C  CB  . ILE A 1 10  ? 3.166   6.676   1.161   1.00 11.08 ? 10  ILE A CB  1 
ATOM   21   C  CG1 . ILE A 1 10  ? 2.775   5.230   1.459   1.00 11.54 ? 10  ILE A CG1 1 
ATOM   22   C  CG2 . ILE A 1 10  ? 4.660   6.872   1.425   1.00 12.02 ? 10  ILE A CG2 1 
ATOM   23   C  CD1 . ILE A 1 10  ? 3.313   4.241   0.466   1.00 11.18 ? 10  ILE A CD1 1 
ATOM   24   N  N   . TYR A 1 11  ? 3.407   9.847   2.175   1.00 13.83 ? 11  TYR A N   1 
ATOM   25   C  CA  . TYR A 1 11  ? 3.759   11.243  1.816   1.00 14.36 ? 11  TYR A CA  1 
ATOM   26   C  C   . TYR A 1 11  ? 5.254   11.329  1.548   1.00 15.19 ? 11  TYR A C   1 
ATOM   27   O  O   . TYR A 1 11  ? 6.008   11.424  2.506   1.00 15.37 ? 11  TYR A O   1 
ATOM   28   C  CB  . TYR A 1 11  ? 3.272   12.217  2.896   1.00 14.76 ? 11  TYR A CB  1 
ATOM   29   C  CG  . TYR A 1 11  ? 1.773   12.270  2.994   1.00 14.47 ? 11  TYR A CG  1 
ATOM   30   C  CD1 . TYR A 1 11  ? 1.044   13.045  2.087   1.00 15.76 ? 11  TYR A CD1 1 
ATOM   31   C  CD2 . TYR A 1 11  ? 1.100   11.560  3.945   1.00 18.17 ? 11  TYR A CD2 1 
ATOM   32   C  CE1 . TYR A 1 11  ? -0.341  13.065  2.135   1.00 15.38 ? 11  TYR A CE1 1 
ATOM   33   C  CE2 . TYR A 1 11  ? -0.279  11.580  4.012   1.00 16.90 ? 11  TYR A CE2 1 
ATOM   34   C  CZ  . TYR A 1 11  ? -0.992  12.322  3.089   1.00 17.31 ? 11  TYR A CZ  1 
ATOM   35   O  OH  . TYR A 1 11  ? -2.354  12.361  3.168   1.00 16.74 ? 11  TYR A OH  1 
ATOM   36   N  N   . VAL A 1 12  ? 5.623   11.206  0.304   1.00 14.08 ? 12  VAL A N   1 
ATOM   37   C  CA  . VAL A 1 12  ? 7.048   11.159  -0.126  1.00 14.78 ? 12  VAL A CA  1 
ATOM   38   C  C   . VAL A 1 12  ? 7.242   12.317  -1.079  1.00 16.41 ? 12  VAL A C   1 
ATOM   39   O  O   . VAL A 1 12  ? 6.500   12.434  -2.054  1.00 16.45 ? 12  VAL A O   1 
ATOM   40   C  CB  . VAL A 1 12  ? 7.491   9.814   -0.753  1.00 15.07 ? 12  VAL A CB  1 
ATOM   41   C  CG1 . VAL A 1 12  ? 6.656   9.341   -1.903  1.00 15.46 ? 12  VAL A CG1 1 
ATOM   42   C  CG2 . VAL A 1 12  ? 8.954   9.917   -1.164  1.00 15.22 ? 12  VAL A CG2 1 
ATOM   43   N  N   . GLY A 1 13  ? 8.199   13.212  -0.788  1.00 16.53 ? 13  GLY A N   1 
ATOM   44   C  CA  . GLY A 1 13  ? 8.371   14.369  -1.669  1.00 16.94 ? 13  GLY A CA  1 
ATOM   45   C  C   . GLY A 1 13  ? 7.076   15.163  -1.813  1.00 14.41 ? 13  GLY A C   1 
ATOM   46   O  O   . GLY A 1 13  ? 6.471   15.417  -0.817  1.00 16.49 ? 13  GLY A O   1 
ATOM   47   N  N   . ASN A 1 14  ? 6.720   15.432  -3.050  1.00 17.26 ? 14  ASN A N   1 
ATOM   48   C  CA  . ASN A 1 14  ? 5.439   16.114  -3.356  1.00 16.49 ? 14  ASN A CA  1 
ATOM   49   C  C   . ASN A 1 14  ? 4.391   15.145  -3.889  1.00 18.01 ? 14  ASN A C   1 
ATOM   50   O  O   . ASN A 1 14  ? 3.591   15.535  -4.747  1.00 19.52 ? 14  ASN A O   1 
ATOM   51   C  CB  . ASN A 1 14  ? 5.644   17.334  -4.253  1.00 19.12 ? 14  ASN A CB  1 
ATOM   52   C  CG  . ASN A 1 14  ? 6.273   18.498  -3.507  1.00 19.58 ? 14  ASN A CG  1 
ATOM   53   O  OD1 . ASN A 1 14  ? 5.585   19.335  -2.920  1.00 25.14 ? 14  ASN A OD1 1 
ATOM   54   N  ND2 . ASN A 1 14  ? 7.589   18.505  -3.472  1.00 17.73 ? 14  ASN A ND2 1 
ATOM   55   N  N   . TYR A 1 15  ? 4.429   13.900  -3.409  1.00 16.54 ? 15  TYR A N   1 
ATOM   56   C  CA  . TYR A 1 15  ? 3.494   12.833  -3.833  1.00 14.90 ? 15  TYR A CA  1 
ATOM   57   C  C   . TYR A 1 15  ? 2.753   12.351  -2.602  1.00 13.79 ? 15  TYR A C   1 
ATOM   58   O  O   . TYR A 1 15  ? 3.264   12.254  -1.465  1.00 14.15 ? 15  TYR A O   1 
ATOM   59   C  CB  . TYR A 1 15  ? 4.225   11.660  -4.487  1.00 15.35 ? 15  TYR A CB  1 
ATOM   60   C  CG  . TYR A 1 15  ? 5.014   12.004  -5.704  1.00 15.28 ? 15  TYR A CG  1 
ATOM   61   C  CD1 . TYR A 1 15  ? 4.439   12.510  -6.861  1.00 18.48 ? 15  TYR A CD1 1 
ATOM   62   C  CD2 . TYR A 1 15  ? 6.378   11.779  -5.726  1.00 17.23 ? 15  TYR A CD2 1 
ATOM   63   C  CE1 . TYR A 1 15  ? 5.194   12.830  -7.975  1.00 20.28 ? 15  TYR A CE1 1 
ATOM   64   C  CE2 . TYR A 1 15  ? 7.126   12.003  -6.860  1.00 18.38 ? 15  TYR A CE2 1 
ATOM   65   C  CZ  . TYR A 1 15  ? 6.548   12.546  -7.986  1.00 21.47 ? 15  TYR A CZ  1 
ATOM   66   O  OH  . TYR A 1 15  ? 7.328   12.843  -9.071  1.00 24.98 ? 15  TYR A OH  1 
ATOM   67   N  N   . ARG A 1 16  ? 1.473   12.007  -2.852  1.00 12.84 ? 16  ARG A N   1 
ATOM   68   C  CA  . ARG A 1 16  ? 0.573   11.334  -1.933  1.00 13.34 ? 16  ARG A CA  1 
ATOM   69   C  C   . ARG A 1 16  ? 0.207   10.022  -2.590  1.00 12.67 ? 16  ARG A C   1 
ATOM   70   O  O   . ARG A 1 16  ? -0.323  10.003  -3.717  1.00 13.14 ? 16  ARG A O   1 
ATOM   71   C  CB  . ARG A 1 16  ? -0.663  12.193  -1.678  1.00 13.04 ? 16  ARG A CB  1 
ATOM   72   C  CG  . ARG A 1 16  ? -1.802  11.489  -0.978  1.00 13.65 ? 16  ARG A CG  1 
ATOM   73   C  CD  . ARG A 1 16  ? -2.892  12.488  -0.621  1.00 13.65 ? 16  ARG A CD  1 
ATOM   74   N  NE  . ARG A 1 16  ? -4.244  11.948  -0.732  1.00 13.58 ? 16  ARG A NE  1 
ATOM   75   C  CZ  . ARG A 1 16  ? -4.942  11.365  0.185   1.00 14.11 ? 16  ARG A CZ  1 
ATOM   76   N  NH1 . ARG A 1 16  ? -4.447  11.119  1.391   1.00 16.61 ? 16  ARG A NH1 1 
ATOM   77   N  NH2 . ARG A 1 16  ? -6.153  10.910  -0.126  1.00 13.96 ? 16  ARG A NH2 1 
ATOM   78   N  N   . VAL A 1 17  ? 0.513   8.917   -1.904  1.00 10.85 ? 17  VAL A N   1 
ATOM   79   C  CA  . VAL A 1 17  ? 0.237   7.562   -2.425  1.00 10.41 ? 17  VAL A CA  1 
ATOM   80   C  C   . VAL A 1 17  ? -0.882  6.997   -1.575  1.00 10.43 ? 17  VAL A C   1 
ATOM   81   O  O   . VAL A 1 17  ? -0.761  6.881   -0.373  1.00 10.93 ? 17  VAL A O   1 
ATOM   82   C  CB  . VAL A 1 17  ? 1.447   6.609   -2.333  1.00 10.42 ? 17  VAL A CB  1 
ATOM   83   C  CG1 . VAL A 1 17  ? 1.104   5.294   -3.030  1.00 11.11 ? 17  VAL A CG1 1 
ATOM   84   C  CG2 . VAL A 1 17  ? 2.708   7.240   -2.874  1.00 12.11 ? 17  VAL A CG2 1 
ATOM   85   N  N   . VAL A 1 18  ? -1.985  6.664   -2.231  1.00 10.09 ? 18  VAL A N   1 
ATOM   86   C  CA  . VAL A 1 18  ? -3.184  6.164   -1.568  1.00 9.98  ? 18  VAL A CA  1 
ATOM   87   C  C   . VAL A 1 18  ? -3.664  4.907   -2.259  1.00 9.49  ? 18  VAL A C   1 
ATOM   88   O  O   . VAL A 1 18  ? -3.356  4.642   -3.402  1.00 10.34 ? 18  VAL A O   1 
ATOM   89   C  CB  . VAL A 1 18  ? -4.312  7.192   -1.534  1.00 11.68 ? 18  VAL A CB  1 
ATOM   90   C  CG1 . VAL A 1 18  ? -4.012  8.228   -0.490  1.00 14.22 ? 18  VAL A CG1 1 
ATOM   91   C  CG2 . VAL A 1 18  ? -4.739  7.736   -2.900  1.00 11.47 ? 18  VAL A CG2 1 
ATOM   92   N  N   . ASN A 1 19  ? -4.503  4.170   -1.551  1.00 9.55  ? 19  ASN A N   1 
ATOM   93   C  CA  . ASN A 1 19  ? -5.240  3.092   -2.236  1.00 9.51  ? 19  ASN A CA  1 
ATOM   94   C  C   . ASN A 1 19  ? -6.131  3.714   -3.307  1.00 9.79  ? 19  ASN A C   1 
ATOM   95   O  O   . ASN A 1 19  ? -6.883  4.671   -3.014  1.00 10.21 ? 19  ASN A O   1 
ATOM   96   C  CB  . ASN A 1 19  ? -6.137  2.346   -1.270  1.00 9.65  ? 19  ASN A CB  1 
ATOM   97   C  CG  . ASN A 1 19  ? -5.373  1.635   -0.179  1.00 9.28  ? 19  ASN A CG  1 
ATOM   98   O  OD1 . ASN A 1 19  ? -5.183  2.173   0.902   1.00 10.84 ? 19  ASN A OD1 1 
ATOM   99   N  ND2 . ASN A 1 19  ? -4.960  0.414   -0.416  1.00 9.91  ? 19  ASN A ND2 1 
ATOM   100  N  N   . ARG A 1 20  ? -6.105  3.168   -4.496  1.00 9.06  ? 20  ARG A N   1 
ATOM   101  C  CA  . ARG A 1 20  ? -6.945  3.720   -5.592  1.00 10.10 ? 20  ARG A CA  1 
ATOM   102  C  C   . ARG A 1 20  ? -8.409  3.805   -5.176  1.00 10.06 ? 20  ARG A C   1 
ATOM   103  O  O   . ARG A 1 20  ? -9.077  4.819   -5.477  1.00 10.66 ? 20  ARG A O   1 
ATOM   104  C  CB  . ARG A 1 20  ? -6.781  2.907   -6.871  1.00 10.18 ? 20  ARG A CB  1 
ATOM   105  C  CG  . ARG A 1 20  ? -7.395  3.595   -8.093  1.00 11.32 ? 20  ARG A CG  1 
ATOM   106  C  CD  . ARG A 1 20  ? -7.212  2.699   -9.282  1.00 13.33 ? 20  ARG A CD  1 
ATOM   107  N  NE  . ARG A 1 20  ? -7.785  3.204   -10.552 1.00 14.44 ? 20  ARG A NE  1 
ATOM   108  C  CZ  . ARG A 1 20  ? -9.040  3.100   -10.906 1.00 14.61 ? 20  ARG A CZ  1 
ATOM   109  N  NH1 . ARG A 1 20  ? -9.981  2.666   -10.104 1.00 17.27 ? 20  ARG A NH1 1 
ATOM   110  N  NH2 . ARG A 1 20  ? -9.382  3.551   -12.115 1.00 17.51 ? 20  ARG A NH2 1 
ATOM   111  N  N   . HIS A 1 21  ? -8.897  2.795   -4.467  1.00 10.50 ? 21  HIS A N   1 
ATOM   112  C  CA  . HIS A 1 21  ? -10.328 2.727   -4.118  1.00 11.32 ? 21  HIS A CA  1 
ATOM   113  C  C   . HIS A 1 21  ? -10.652 3.786   -3.085  1.00 11.34 ? 21  HIS A C   1 
ATOM   114  O  O   . HIS A 1 21  ? -11.848 3.996   -2.834  1.00 12.87 ? 21  HIS A O   1 
ATOM   115  C  CB  . HIS A 1 21  ? -10.777 1.320   -3.720  1.00 11.84 ? 21  HIS A CB  1 
ATOM   116  C  CG  . HIS A 1 21  ? -10.285 0.870   -2.376  1.00 11.49 ? 21  HIS A CG  1 
ATOM   117  N  ND1 . HIS A 1 21  ? -9.075  0.223   -2.203  1.00 11.53 ? 21  HIS A ND1 1 
ATOM   118  C  CD2 . HIS A 1 21  ? -10.895 0.906   -1.156  1.00 11.45 ? 21  HIS A CD2 1 
ATOM   119  C  CE1 . HIS A 1 21  ? -8.945  -0.055  -0.922  1.00 11.85 ? 21  HIS A CE1 1 
ATOM   120  N  NE2 . HIS A 1 21  ? -10.047 0.303   -0.234  1.00 13.04 ? 21  HIS A NE2 1 
ATOM   121  N  N   . LEU A 1 22  ? -9.713  4.400   -2.414  1.00 9.86  ? 22  LEU A N   1 
ATOM   122  C  CA  . LEU A 1 22  ? -9.963  5.452   -1.409  1.00 10.80 ? 22  LEU A CA  1 
ATOM   123  C  C   . LEU A 1 22  ? -9.555  6.821   -1.932  1.00 10.96 ? 22  LEU A C   1 
ATOM   124  O  O   . LEU A 1 22  ? -9.638  7.801   -1.157  1.00 12.11 ? 22  LEU A O   1 
ATOM   125  C  CB  . LEU A 1 22  ? -9.194  5.132   -0.130  1.00 11.20 ? 22  LEU A CB  1 
ATOM   126  C  CG  . LEU A 1 22  ? -9.641  3.858   0.580   1.00 11.81 ? 22  LEU A CG  1 
ATOM   127  C  CD1 . LEU A 1 22  ? -8.838  3.607   1.847   1.00 12.11 ? 22  LEU A CD1 1 
ATOM   128  C  CD2 . LEU A 1 22  ? -11.140 3.849   0.924   1.00 12.18 ? 22  LEU A CD2 1 
ATOM   129  N  N   . ALA A 1 23  ? -9.123  6.933   -3.160  1.00 10.37 ? 23  ALA A N   1 
ATOM   130  C  CA  . ALA A 1 23  ? -8.715  8.241   -3.716  1.00 10.85 ? 23  ALA A CA  1 
ATOM   131  C  C   . ALA A 1 23  ? -9.899  9.203   -3.731  1.00 11.19 ? 23  ALA A C   1 
ATOM   132  O  O   . ALA A 1 23  ? -11.036 8.765   -4.016  1.00 12.78 ? 23  ALA A O   1 
ATOM   133  C  CB  . ALA A 1 23  ? -8.175  8.052   -5.108  1.00 11.29 ? 23  ALA A CB  1 
ATOM   134  N  N   . THR A 1 24  ? -9.638  10.445  -3.454  1.00 11.42 ? 24  THR A N   1 
ATOM   135  C  CA  . THR A 1 24  ? -10.674 11.482  -3.410  1.00 12.85 ? 24  THR A CA  1 
ATOM   136  C  C   . THR A 1 24  ? -10.818 12.150  -4.767  1.00 12.27 ? 24  THR A C   1 
ATOM   137  O  O   . THR A 1 24  ? -10.001 11.984  -5.661  1.00 11.88 ? 24  THR A O   1 
ATOM   138  C  CB  . THR A 1 24  ? -10.317 12.508  -2.342  1.00 12.82 ? 24  THR A CB  1 
ATOM   139  O  OG1 . THR A 1 24  ? -9.147  13.187  -2.770  1.00 13.39 ? 24  THR A OG1 1 
ATOM   140  C  CG2 . THR A 1 24  ? -10.111 11.913  -0.958  1.00 14.70 ? 24  THR A CG2 1 
ATOM   141  N  N   . HIS A 1 25  ? -11.834 13.027  -4.889  1.00 13.22 ? 25  HIS A N   1 
ATOM   142  C  CA  . HIS A 1 25  ? -11.920 13.858  -6.108  1.00 14.02 ? 25  HIS A CA  1 
ATOM   143  C  C   . HIS A 1 25  ? -10.661 14.725  -6.262  1.00 12.29 ? 25  HIS A C   1 
ATOM   144  O  O   . HIS A 1 25  ? -10.136 14.834  -7.353  1.00 12.89 ? 25  HIS A O   1 
ATOM   145  C  CB  . HIS A 1 25  ? -13.191 14.726  -6.076  1.00 14.69 ? 25  HIS A CB  1 
ATOM   146  C  CG  . HIS A 1 25  ? -13.118 15.861  -7.065  1.00 17.17 ? 25  HIS A CG  1 
ATOM   147  N  ND1 . HIS A 1 25  ? -13.297 15.706  -8.421  1.00 17.34 ? 25  HIS A ND1 1 
ATOM   148  C  CD2 . HIS A 1 25  ? -12.694 17.151  -6.924  1.00 19.92 ? 25  HIS A CD2 1 
ATOM   149  C  CE1 . HIS A 1 25  ? -13.176 16.853  -9.046  1.00 18.49 ? 25  HIS A CE1 1 
ATOM   150  N  NE2 . HIS A 1 25  ? -12.718 17.745  -8.167  1.00 20.07 ? 25  HIS A NE2 1 
ATOM   151  N  N   . ASN A 1 26  ? -10.150 15.283  -5.155  1.00 13.23 ? 26  ASN A N   1 
ATOM   152  C  CA  . ASN A 1 26  ? -8.939  16.127  -5.230  1.00 14.43 ? 26  ASN A CA  1 
ATOM   153  C  C   . ASN A 1 26  ? -7.755  15.287  -5.735  1.00 12.80 ? 26  ASN A C   1 
ATOM   154  O  O   . ASN A 1 26  ? -6.925  15.766  -6.492  1.00 12.85 ? 26  ASN A O   1 
ATOM   155  C  CB  . ASN A 1 26  ? -8.583  16.774  -3.890  1.00 16.56 ? 26  ASN A CB  1 
ATOM   156  C  CG  . ASN A 1 26  ? -7.425  17.736  -4.030  1.00 22.62 ? 26  ASN A CG  1 
ATOM   157  O  OD1 . ASN A 1 26  ? -7.602  18.829  -4.576  1.00 24.93 ? 26  ASN A OD1 1 
ATOM   158  N  ND2 . ASN A 1 26  ? -6.232  17.312  -3.661  1.00 23.61 ? 26  ASN A ND2 1 
ATOM   159  N  N   . ASP A 1 27  ? -7.653  14.029  -5.301  1.00 12.65 ? 27  ASP A N   1 
ATOM   160  C  CA  . ASP A 1 27  ? -6.574  13.140  -5.800  1.00 11.90 ? 27  ASP A CA  1 
ATOM   161  C  C   . ASP A 1 27  ? -6.684  12.992  -7.303  1.00 10.65 ? 27  ASP A C   1 
ATOM   162  O  O   . ASP A 1 27  ? -5.683  13.116  -8.021  1.00 11.68 ? 27  ASP A O   1 
ATOM   163  C  CB  . ASP A 1 27  ? -6.628  11.754  -5.146  1.00 11.66 ? 27  ASP A CB  1 
ATOM   164  C  CG  . ASP A 1 27  ? -6.205  11.708  -3.695  1.00 11.98 ? 27  ASP A CG  1 
ATOM   165  O  OD1 . ASP A 1 27  ? -5.231  12.453  -3.344  1.00 13.67 ? 27  ASP A OD1 1 
ATOM   166  O  OD2 . ASP A 1 27  ? -6.829  10.999  -2.909  1.00 12.12 ? 27  ASP A OD2 1 
ATOM   167  N  N   . TRP A 1 28  ? -7.883  12.679  -7.820  1.00 11.24 ? 28  TRP A N   1 
ATOM   168  C  CA  . TRP A 1 28  ? -8.103  12.466  -9.257  1.00 10.83 ? 28  TRP A CA  1 
ATOM   169  C  C   . TRP A 1 28  ? -7.863  13.769  -10.030 1.00 10.22 ? 28  TRP A C   1 
ATOM   170  O  O   . TRP A 1 28  ? -7.360  13.719  -11.102 1.00 11.94 ? 28  TRP A O   1 
ATOM   171  C  CB  . TRP A 1 28  ? -9.505  11.946  -9.551  1.00 11.15 ? 28  TRP A CB  1 
ATOM   172  C  CG  . TRP A 1 28  ? -9.639  10.470  -9.266  1.00 10.48 ? 28  TRP A CG  1 
ATOM   173  C  CD1 . TRP A 1 28  ? -10.206 9.841   -8.202  1.00 11.25 ? 28  TRP A CD1 1 
ATOM   174  C  CD2 . TRP A 1 28  ? -9.204  9.443   -10.155 1.00 10.43 ? 28  TRP A CD2 1 
ATOM   175  N  NE1 . TRP A 1 28  ? -10.131 8.478   -8.390  1.00 10.54 ? 28  TRP A NE1 1 
ATOM   176  C  CE2 . TRP A 1 28  ? -9.515  8.199   -9.565  1.00 10.20 ? 28  TRP A CE2 1 
ATOM   177  C  CE3 . TRP A 1 28  ? -8.553  9.467   -11.393 1.00 11.07 ? 28  TRP A CE3 1 
ATOM   178  C  CZ2 . TRP A 1 28  ? -9.257  6.999   -10.221 1.00 10.97 ? 28  TRP A CZ2 1 
ATOM   179  C  CZ3 . TRP A 1 28  ? -8.289  8.282   -12.027 1.00 11.20 ? 28  TRP A CZ3 1 
ATOM   180  C  CH2 . TRP A 1 28  ? -8.595  7.062   -11.421 1.00 11.29 ? 28  TRP A CH2 1 
ATOM   181  N  N   . ALA A 1 29  ? -8.168  14.921  -9.431  1.00 11.42 ? 29  ALA A N   1 
ATOM   182  C  CA  . ALA A 1 29  ? -7.985  16.236  -10.089 1.00 12.61 ? 29  ALA A CA  1 
ATOM   183  C  C   . ALA A 1 29  ? -6.518  16.649  -10.090 1.00 14.06 ? 29  ALA A C   1 
ATOM   184  O  O   . ALA A 1 29  ? -6.153  17.621  -10.826 1.00 15.89 ? 29  ALA A O   1 
ATOM   185  C  CB  . ALA A 1 29  ? -8.836  17.279  -9.400  1.00 12.85 ? 29  ALA A CB  1 
ATOM   186  N  N   . ASN A 1 30  ? -5.685  16.007  -9.260  1.00 14.27 ? 30  ASN A N   1 
ATOM   187  C  CA  . ASN A 1 30  ? -4.234  16.285  -9.173  1.00 14.83 ? 30  ASN A CA  1 
ATOM   188  C  C   . ASN A 1 30  ? -3.478  14.996  -9.474  1.00 14.17 ? 30  ASN A C   1 
ATOM   189  O  O   . ASN A 1 30  ? -2.439  14.720  -8.800  1.00 15.34 ? 30  ASN A O   1 
ATOM   190  C  CB  . ASN A 1 30  ? -3.953  16.862  -7.802  1.00 15.90 ? 30  ASN A CB  1 
ATOM   191  C  CG  . ASN A 1 30  ? -4.541  18.256  -7.680  1.00 17.46 ? 30  ASN A CG  1 
ATOM   192  O  OD1 . ASN A 1 30  ? -3.972  19.224  -8.181  1.00 21.04 ? 30  ASN A OD1 1 
ATOM   193  N  ND2 . ASN A 1 30  ? -5.661  18.363  -7.032  1.00 17.58 ? 30  ASN A ND2 1 
ATOM   194  N  N   . LEU A 1 31  ? -3.928  14.191  -10.397 1.00 13.65 ? 31  LEU A N   1 
ATOM   195  C  CA  . LEU A 1 31  ? -3.445  12.812  -10.596 1.00 13.41 ? 31  LEU A CA  1 
ATOM   196  C  C   . LEU A 1 31  ? -2.029  12.841  -11.149 1.00 15.03 ? 31  LEU A C   1 
ATOM   197  O  O   . LEU A 1 31  ? -1.728  13.629  -12.076 1.00 16.58 ? 31  LEU A O   1 
ATOM   198  C  CB  . LEU A 1 31  ? -4.331  12.120  -11.609 1.00 13.69 ? 31  LEU A CB  1 
ATOM   199  C  CG  . LEU A 1 31  ? -3.957  10.678  -11.918 1.00 12.83 ? 31  LEU A CG  1 
ATOM   200  C  CD1 . LEU A 1 31  ? -4.063  9.795   -10.688 1.00 14.75 ? 31  LEU A CD1 1 
ATOM   201  C  CD2 . LEU A 1 31  ? -4.817  10.138  -13.029 1.00 14.25 ? 31  LEU A CD2 1 
ATOM   202  N  N   . VAL A 1 32  ? -1.162  11.984  -10.602 1.00 14.05 ? 32  VAL A N   1 
ATOM   203  C  CA  . VAL A 1 32  ? 0.174   11.709  -11.187 1.00 14.97 ? 32  VAL A CA  1 
ATOM   204  C  C   . VAL A 1 32  ? 0.139   10.364  -11.897 1.00 15.09 ? 32  VAL A C   1 
ATOM   205  O  O   . VAL A 1 32  ? 0.634   10.242  -13.007 1.00 17.11 ? 32  VAL A O   1 
ATOM   206  C  CB  . VAL A 1 32  ? 1.236   11.776  -10.078 1.00 15.33 ? 32  VAL A CB  1 
ATOM   207  C  CG1 . VAL A 1 32  ? 2.614   11.337  -10.579 1.00 15.50 ? 32  VAL A CG1 1 
ATOM   208  C  CG2 . VAL A 1 32  ? 1.301   13.165  -9.470  1.00 17.33 ? 32  VAL A CG2 1 
ATOM   209  N  N   . TRP A 1 33  ? -0.423  9.324   -11.293 1.00 13.42 ? 33  TRP A N   1 
ATOM   210  C  CA  . TRP A 1 33  ? -0.339  7.949   -11.817 1.00 13.24 ? 33  TRP A CA  1 
ATOM   211  C  C   . TRP A 1 33  ? -1.373  7.094   -11.082 1.00 12.18 ? 33  TRP A C   1 
ATOM   212  O  O   . TRP A 1 33  ? -1.559  7.309   -9.880  1.00 12.86 ? 33  TRP A O   1 
ATOM   213  C  CB  . TRP A 1 33  ? 1.090   7.411   -11.628 1.00 15.47 ? 33  TRP A CB  1 
ATOM   214  C  CG  . TRP A 1 33  ? 1.284   5.956   -11.890 1.00 14.79 ? 33  TRP A CG  1 
ATOM   215  C  CD1 . TRP A 1 33  ? 1.495   5.375   -13.097 1.00 17.53 ? 33  TRP A CD1 1 
ATOM   216  C  CD2 . TRP A 1 33  ? 1.220   4.865   -10.949 1.00 14.69 ? 33  TRP A CD2 1 
ATOM   217  N  NE1 . TRP A 1 33  ? 1.604   4.008   -12.973 1.00 18.30 ? 33  TRP A NE1 1 
ATOM   218  C  CE2 . TRP A 1 33  ? 1.451   3.671   -11.655 1.00 16.99 ? 33  TRP A CE2 1 
ATOM   219  C  CE3 . TRP A 1 33  ? 1.025   4.798   -9.580  1.00 14.21 ? 33  TRP A CE3 1 
ATOM   220  C  CZ2 . TRP A 1 33  ? 1.550   2.431   -11.025 1.00 16.09 ? 33  TRP A CZ2 1 
ATOM   221  C  CZ3 . TRP A 1 33  ? 1.128   3.571   -8.962  1.00 14.59 ? 33  TRP A CZ3 1 
ATOM   222  C  CH2 . TRP A 1 33  ? 1.336   2.408   -9.677  1.00 14.91 ? 33  TRP A CH2 1 
ATOM   223  N  N   . GLU A 1 34  ? -1.989  6.159   -11.773 1.00 12.89 ? 34  GLU A N   1 
ATOM   224  C  CA  . GLU A 1 34  ? -2.891  5.226   -11.084 1.00 12.71 ? 34  GLU A CA  1 
ATOM   225  C  C   . GLU A 1 34  ? -2.892  3.880   -11.777 1.00 13.13 ? 34  GLU A C   1 
ATOM   226  O  O   . GLU A 1 34  ? -2.624  3.831   -13.019 1.00 14.36 ? 34  GLU A O   1 
ATOM   227  C  CB  . GLU A 1 34  ? -4.324  5.729   -10.966 1.00 12.84 ? 34  GLU A CB  1 
ATOM   228  C  CG  . GLU A 1 34  ? -4.932  6.183   -12.290 1.00 13.34 ? 34  GLU A CG  1 
ATOM   229  C  CD  . GLU A 1 34  ? -5.631  5.087   -13.107 1.00 14.79 ? 34  GLU A CD  1 
ATOM   230  O  OE1 . GLU A 1 34  ? -5.790  5.281   -14.328 1.00 16.18 ? 34  GLU A OE1 1 
ATOM   231  O  OE2 . GLU A 1 34  ? -6.007  4.060   -12.572 1.00 14.20 ? 34  GLU A OE2 1 
ATOM   232  N  N   . ASP A 1 35  ? -3.163  2.813   -11.034 1.00 13.50 ? 35  ASP A N   1 
ATOM   233  C  CA  . ASP A 1 35  ? -3.203  1.442   -11.597 1.00 13.77 ? 35  ASP A CA  1 
ATOM   234  C  C   . ASP A 1 35  ? -4.222  0.641   -10.785 1.00 13.89 ? 35  ASP A C   1 
ATOM   235  O  O   . ASP A 1 35  ? -3.966  0.326   -9.642  1.00 12.91 ? 35  ASP A O   1 
ATOM   236  C  CB  . ASP A 1 35  ? -1.780  0.865   -11.569 1.00 15.26 ? 35  ASP A CB  1 
ATOM   237  C  CG  . ASP A 1 35  ? -1.641  -0.534  -12.125 1.00 15.90 ? 35  ASP A CG  1 
ATOM   238  O  OD1 . ASP A 1 35  ? -2.505  -1.338  -11.898 1.00 16.73 ? 35  ASP A OD1 1 
ATOM   239  O  OD2 . ASP A 1 35  ? -0.578  -0.781  -12.748 1.00 20.49 ? 35  ASP A OD2 1 
ATOM   240  N  N   A SER A 1 36  ? -5.385  0.317   -11.364 0.25 13.89 ? 36  SER A N   1 
ATOM   241  N  N   B SER A 1 36  ? -5.366  0.325   -11.393 0.25 15.24 ? 36  SER A N   1 
ATOM   242  C  CA  A SER A 1 36  ? -6.464  -0.439  -10.679 0.25 13.88 ? 36  SER A CA  1 
ATOM   243  C  CA  B SER A 1 36  ? -6.472  -0.436  -10.769 0.25 16.01 ? 36  SER A CA  1 
ATOM   244  C  C   A SER A 1 36  ? -5.967  -1.833  -10.295 0.25 13.72 ? 36  SER A C   1 
ATOM   245  C  C   B SER A 1 36  ? -5.982  -1.816  -10.327 0.25 14.95 ? 36  SER A C   1 
ATOM   246  O  O   A SER A 1 36  ? -6.304  -2.292  -9.199  0.25 14.64 ? 36  SER A O   1 
ATOM   247  O  O   B SER A 1 36  ? -6.333  -2.245  -9.224  0.25 15.69 ? 36  SER A O   1 
ATOM   248  C  CB  A SER A 1 36  ? -7.707  -0.558  -11.531 0.25 14.01 ? 36  SER A CB  1 
ATOM   249  C  CB  B SER A 1 36  ? -7.624  -0.566  -11.732 0.25 17.60 ? 36  SER A CB  1 
ATOM   250  O  OG  A SER A 1 36  ? -8.628  -1.478  -10.963 0.25 13.39 ? 36  SER A OG  1 
ATOM   251  O  OG  B SER A 1 36  ? -7.152  -0.772  -13.055 0.25 20.24 ? 36  SER A OG  1 
ATOM   252  N  N   . SER A 1 37  ? -5.194  -2.474  -11.174 1.00 15.13 ? 37  SER A N   1 
ATOM   253  C  CA  . SER A 1 37  ? -4.691  -3.834  -10.885 1.00 14.48 ? 37  SER A CA  1 
ATOM   254  C  C   . SER A 1 37  ? -3.840  -3.851  -9.617  1.00 13.99 ? 37  SER A C   1 
ATOM   255  O  O   . SER A 1 37  ? -3.823  -4.863  -8.946  1.00 14.39 ? 37  SER A O   1 
ATOM   256  C  CB  . SER A 1 37  ? -3.942  -4.457  -12.001 1.00 15.67 ? 37  SER A CB  1 
ATOM   257  O  OG  . SER A 1 37  ? -2.698  -3.903  -12.153 1.00 19.39 ? 37  SER A OG  1 
ATOM   258  N  N   . ARG A 1 38  ? -3.210  -2.740  -9.265  1.00 12.03 ? 38  ARG A N   1 
ATOM   259  C  CA  . ARG A 1 38  ? -2.349  -2.627  -8.048  1.00 11.82 ? 38  ARG A CA  1 
ATOM   260  C  C   . ARG A 1 38  ? -3.086  -1.989  -6.866  1.00 10.75 ? 38  ARG A C   1 
ATOM   261  O  O   . ARG A 1 38  ? -2.518  -1.929  -5.768  1.00 11.02 ? 38  ARG A O   1 
ATOM   262  C  CB  . ARG A 1 38  ? -1.104  -1.802  -8.372  1.00 12.52 ? 38  ARG A CB  1 
ATOM   263  C  CG  . ARG A 1 38  ? -0.202  -2.427  -9.411  1.00 12.96 ? 38  ARG A CG  1 
ATOM   264  C  CD  . ARG A 1 38  ? 1.001   -1.555  -9.655  1.00 12.41 ? 38  ARG A CD  1 
ATOM   265  N  NE  . ARG A 1 38  ? 1.878   -1.456  -8.499  1.00 11.18 ? 38  ARG A NE  1 
ATOM   266  C  CZ  . ARG A 1 38  ? 3.199   -1.356  -8.576  1.00 11.22 ? 38  ARG A CZ  1 
ATOM   267  N  NH1 . ARG A 1 38  ? 3.822   -1.252  -9.755  1.00 12.61 ? 38  ARG A NH1 1 
ATOM   268  N  NH2 . ARG A 1 38  ? 3.960   -1.357  -7.483  1.00 11.68 ? 38  ARG A NH2 1 
ATOM   269  N  N   . ASP A 1 39  ? -4.281  -1.449  -7.091  1.00 11.34 ? 39  ASP A N   1 
ATOM   270  C  CA  . ASP A 1 39  ? -5.003  -0.664  -6.063  1.00 10.48 ? 39  ASP A CA  1 
ATOM   271  C  C   . ASP A 1 39  ? -4.200  0.555   -5.612  1.00 9.70  ? 39  ASP A C   1 
ATOM   272  O  O   . ASP A 1 39  ? -4.263  0.869   -4.450  1.00 10.40 ? 39  ASP A O   1 
ATOM   273  C  CB  . ASP A 1 39  ? -5.461  -1.525  -4.864  1.00 11.22 ? 39  ASP A CB  1 
ATOM   274  C  CG  . ASP A 1 39  ? -6.321  -0.775  -3.855  1.00 11.22 ? 39  ASP A CG  1 
ATOM   275  O  OD1 . ASP A 1 39  ? -7.183  0.046   -4.287  1.00 11.42 ? 39  ASP A OD1 1 
ATOM   276  O  OD2 . ASP A 1 39  ? -6.171  -0.998  -2.653  1.00 11.36 ? 39  ASP A OD2 1 
ATOM   277  N  N   . LEU A 1 40  ? -3.483  1.189   -6.547  1.00 10.15 ? 40  LEU A N   1 
ATOM   278  C  CA  . LEU A 1 40  ? -2.705  2.377   -6.175  1.00 10.31 ? 40  LEU A CA  1 
ATOM   279  C  C   . LEU A 1 40  ? -3.099  3.597   -7.002  1.00 9.61  ? 40  LEU A C   1 
ATOM   280  O  O   . LEU A 1 40  ? -3.364  3.487   -8.199  1.00 10.62 ? 40  LEU A O   1 
ATOM   281  C  CB  . LEU A 1 40  ? -1.202  2.138   -6.362  1.00 10.49 ? 40  LEU A CB  1 
ATOM   282  C  CG  . LEU A 1 40  ? -0.517  1.197   -5.363  1.00 10.87 ? 40  LEU A CG  1 
ATOM   283  C  CD1 . LEU A 1 40  ? 0.969   1.088   -5.675  1.00 11.42 ? 40  LEU A CD1 1 
ATOM   284  C  CD2 . LEU A 1 40  ? -0.702  1.709   -3.972  1.00 10.92 ? 40  LEU A CD2 1 
ATOM   285  N  N   . LEU A 1 41  ? -2.988  4.745   -6.373  1.00 9.85  ? 41  LEU A N   1 
ATOM   286  C  CA  . LEU A 1 41  ? -3.115  6.061   -7.023  1.00 9.78  ? 41  LEU A CA  1 
ATOM   287  C  C   . LEU A 1 41  ? -2.164  7.013   -6.325  1.00 10.39 ? 41  LEU A C   1 
ATOM   288  O  O   . LEU A 1 41  ? -2.016  7.003   -5.113  1.00 10.52 ? 41  LEU A O   1 
ATOM   289  C  CB  . LEU A 1 41  ? -4.575  6.517   -6.999  1.00 10.11 ? 41  LEU A CB  1 
ATOM   290  C  CG  . LEU A 1 41  ? -4.844  7.855   -7.688  1.00 10.41 ? 41  LEU A CG  1 
ATOM   291  C  CD1 . LEU A 1 41  ? -6.227  7.911   -8.324  1.00 10.70 ? 41  LEU A CD1 1 
ATOM   292  C  CD2 . LEU A 1 41  ? -4.643  9.017   -6.753  1.00 10.86 ? 41  LEU A CD2 1 
ATOM   293  N  N   . VAL A 1 42  ? -1.528  7.814   -7.161  1.00 11.14 ? 42  VAL A N   1 
ATOM   294  C  CA  . VAL A 1 42  ? -0.583  8.843   -6.684  1.00 11.47 ? 42  VAL A CA  1 
ATOM   295  C  C   . VAL A 1 42  ? -1.090  10.206  -7.187  1.00 11.59 ? 42  VAL A C   1 
ATOM   296  O  O   . VAL A 1 42  ? -1.330  10.323  -8.390  1.00 12.53 ? 42  VAL A O   1 
ATOM   297  C  CB  . VAL A 1 42  ? 0.854   8.568   -7.148  1.00 12.02 ? 42  VAL A CB  1 
ATOM   298  C  CG1 . VAL A 1 42  ? 1.761   9.660   -6.615  1.00 13.40 ? 42  VAL A CG1 1 
ATOM   299  C  CG2 . VAL A 1 42  ? 1.329   7.201   -6.674  1.00 11.89 ? 42  VAL A CG2 1 
ATOM   300  N  N   . SER A 1 43  ? -1.161  11.159  -6.291  1.00 12.22 ? 43  SER A N   1 
ATOM   301  C  CA  . SER A 1 43  ? -1.524  12.567  -6.583  1.00 12.62 ? 43  SER A CA  1 
ATOM   302  C  C   . SER A 1 43  ? -0.393  13.500  -6.116  1.00 15.10 ? 43  SER A C   1 
ATOM   303  O  O   . SER A 1 43  ? 0.490   13.117  -5.290  1.00 14.66 ? 43  SER A O   1 
ATOM   304  C  CB  . SER A 1 43  ? -2.862  12.890  -5.935  1.00 12.42 ? 43  SER A CB  1 
ATOM   305  O  OG  . SER A 1 43  ? -2.811  12.850  -4.532  1.00 13.75 ? 43  SER A OG  1 
ATOM   306  N  N   . SER A 1 44  ? -0.436  14.742  -6.599  1.00 15.01 ? 44  SER A N   1 
ATOM   307  C  CA  . SER A 1 44  ? 0.571   15.794  -6.279  1.00 17.25 ? 44  SER A CA  1 
ATOM   308  C  C   . SER A 1 44  ? 0.181   16.535  -5.006  1.00 18.55 ? 44  SER A C   1 
ATOM   309  O  O   . SER A 1 44  ? -1.024  16.728  -4.804  1.00 20.17 ? 44  SER A O   1 
ATOM   310  C  CB  . SER A 1 44  ? 0.765   16.711  -7.431  1.00 19.15 ? 44  SER A CB  1 
ATOM   311  O  OG  . SER A 1 44  ? -0.440  17.398  -7.709  1.00 21.78 ? 44  SER A OG  1 
ATOM   312  N  N   . THR A 1 45  ? 1.142   16.967  -4.168  1.00 19.22 ? 45  THR A N   1 
ATOM   313  C  CA  . THR A 1 45  ? 0.909   17.697  -2.892  1.00 19.42 ? 45  THR A CA  1 
ATOM   314  C  C   . THR A 1 45  ? 1.593   19.083  -2.919  1.00 21.16 ? 45  THR A C   1 
ATOM   315  O  O   . THR A 1 45  ? 2.606   19.230  -3.604  1.00 21.49 ? 45  THR A O   1 
ATOM   316  C  CB  . THR A 1 45  ? 1.436   16.943  -1.659  1.00 18.89 ? 45  THR A CB  1 
ATOM   317  O  OG1 . THR A 1 45  ? 2.858   16.879  -1.655  1.00 21.26 ? 45  THR A OG1 1 
ATOM   318  C  CG2 . THR A 1 45  ? 0.949   15.512  -1.600  1.00 19.44 ? 45  THR A CG2 1 
ATOM   319  N  N   . THR A 1 46  ? 1.093   20.044  -2.155  1.00 23.79 ? 46  THR A N   1 
ATOM   320  C  CA  . THR A 1 46  ? 1.760   21.366  -2.108  1.00 25.18 ? 46  THR A CA  1 
ATOM   321  C  C   . THR A 1 46  ? 2.941   21.265  -1.133  1.00 24.69 ? 46  THR A C   1 
ATOM   322  O  O   . THR A 1 46  ? 3.994   21.777  -1.474  1.00 29.70 ? 46  THR A O   1 
ATOM   323  C  CB  . THR A 1 46  ? 0.715   22.446  -1.843  1.00 26.75 ? 46  THR A CB  1 
ATOM   324  O  OG1 . THR A 1 46  ? 0.083   22.206  -0.589  1.00 32.19 ? 46  THR A OG1 1 
ATOM   325  C  CG2 . THR A 1 46  ? -0.359  22.463  -2.901  1.00 28.59 ? 46  THR A CG2 1 
ATOM   326  N  N   . ALA A 1 47  ? 2.734   20.660  0.040   1.00 23.95 ? 47  ALA A N   1 
ATOM   327  C  CA  . ALA A 1 47  ? 3.767   20.519  1.102   1.00 21.05 ? 47  ALA A CA  1 
ATOM   328  C  C   . ALA A 1 47  ? 4.524   19.211  0.890   1.00 21.35 ? 47  ALA A C   1 
ATOM   329  O  O   . ALA A 1 47  ? 3.878   18.210  0.490   1.00 20.78 ? 47  ALA A O   1 
ATOM   330  C  CB  . ALA A 1 47  ? 3.133   20.582  2.464   1.00 23.60 ? 47  ALA A CB  1 
ATOM   331  N  N   . GLN A 1 48  ? 5.845   19.212  1.121   1.00 20.29 ? 48  GLN A N   1 
ATOM   332  C  CA  . GLN A 1 48  ? 6.679   17.979  1.083   1.00 19.91 ? 48  GLN A CA  1 
ATOM   333  C  C   . GLN A 1 48  ? 6.381   17.098  2.293   1.00 16.00 ? 48  GLN A C   1 
ATOM   334  O  O   . GLN A 1 48  ? 5.933   17.547  3.366   1.00 19.83 ? 48  GLN A O   1 
ATOM   335  C  CB  . GLN A 1 48  ? 8.167   18.320  1.036   1.00 21.84 ? 48  GLN A CB  1 
ATOM   336  C  CG  . GLN A 1 48  ? 8.629   18.950  -0.267  1.00 28.00 ? 48  GLN A CG  1 
ATOM   337  C  CD  . GLN A 1 48  ? 10.112  19.167  -0.139  1.00 34.37 ? 48  GLN A CD  1 
ATOM   338  O  OE1 . GLN A 1 48  ? 10.546  20.106  0.516   1.00 40.23 ? 48  GLN A OE1 1 
ATOM   339  N  NE2 . GLN A 1 48  ? 10.895  18.215  -0.618  1.00 40.01 ? 48  GLN A NE2 1 
ATOM   340  N  N   . GLY A 1 49  ? 6.522   15.786  2.059   1.00 17.66 ? 49  GLY A N   1 
ATOM   341  C  CA  . GLY A 1 49  ? 6.147   14.743  3.020   1.00 17.49 ? 49  GLY A CA  1 
ATOM   342  C  C   . GLY A 1 49  ? 7.318   14.165  3.785   1.00 15.97 ? 49  GLY A C   1 
ATOM   343  O  O   . GLY A 1 49  ? 8.477   14.358  3.401   1.00 17.09 ? 49  GLY A O   1 
ATOM   344  N  N   . CYS A 1 50  ? 7.001   13.456  4.847   1.00 16.10 ? 50  CYS A N   1 
ATOM   345  C  CA  . CYS A 1 50  ? 7.965   12.996  5.859   1.00 16.48 ? 50  CYS A CA  1 
ATOM   346  C  C   . CYS A 1 50  ? 8.437   11.577  5.528   1.00 15.28 ? 50  CYS A C   1 
ATOM   347  O  O   . CYS A 1 50  ? 9.367   11.180  6.185   1.00 16.51 ? 50  CYS A O   1 
ATOM   348  C  CB  . CYS A 1 50  ? 7.378   13.001  7.271   1.00 17.03 ? 50  CYS A CB  1 
ATOM   349  S  SG  . CYS A 1 50  ? 6.993   14.635  7.967   1.00 20.33 ? 50  CYS A SG  1 
ATOM   350  N  N   . ASP A 1 51  ? 7.879   10.865  4.552   1.00 15.47 ? 51  ASP A N   1 
ATOM   351  C  CA  . ASP A 1 51  ? 8.226   9.436   4.367   1.00 13.73 ? 51  ASP A CA  1 
ATOM   352  C  C   . ASP A 1 51  ? 9.346   9.219   3.362   1.00 14.40 ? 51  ASP A C   1 
ATOM   353  O  O   . ASP A 1 51  ? 9.473   9.931   2.381   1.00 16.54 ? 51  ASP A O   1 
ATOM   354  C  CB  . ASP A 1 51  ? 6.960   8.671   3.967   1.00 14.10 ? 51  ASP A CB  1 
ATOM   355  C  CG  . ASP A 1 51  ? 5.846   8.686   4.986   1.00 14.64 ? 51  ASP A CG  1 
ATOM   356  O  OD1 . ASP A 1 51  ? 6.106   8.558   6.189   1.00 19.52 ? 51  ASP A OD1 1 
ATOM   357  O  OD2 . ASP A 1 51  ? 4.668   8.817   4.563   1.00 16.06 ? 51  ASP A OD2 1 
ATOM   358  N  N   . THR A 1 52  ? 10.076  8.120   3.577   1.00 12.88 ? 52  THR A N   1 
ATOM   359  C  CA  . THR A 1 52  ? 11.119  7.608   2.674   1.00 13.63 ? 52  THR A CA  1 
ATOM   360  C  C   . THR A 1 52  ? 10.678  6.234   2.163   1.00 11.47 ? 52  THR A C   1 
ATOM   361  O  O   . THR A 1 52  ? 10.206  5.430   2.987   1.00 12.44 ? 52  THR A O   1 
ATOM   362  C  CB  . THR A 1 52  ? 12.448  7.455   3.422   1.00 13.95 ? 52  THR A CB  1 
ATOM   363  O  OG1 . THR A 1 52  ? 12.891  8.740   3.891   1.00 16.66 ? 52  THR A OG1 1 
ATOM   364  C  CG2 . THR A 1 52  ? 13.542  6.838   2.579   1.00 16.45 ? 52  THR A CG2 1 
ATOM   365  N  N   . ILE A 1 53  ? 10.760  6.024   0.881   1.00 11.29 ? 53  ILE A N   1 
ATOM   366  C  CA  . ILE A 1 53  ? 10.422  4.717   0.286   1.00 11.08 ? 53  ILE A CA  1 
ATOM   367  C  C   . ILE A 1 53  ? 11.618  3.789   0.433   1.00 10.67 ? 53  ILE A C   1 
ATOM   368  O  O   . ILE A 1 53  ? 12.752  4.130   0.088   1.00 11.47 ? 53  ILE A O   1 
ATOM   369  C  CB  . ILE A 1 53  ? 9.955   4.858   -1.165  1.00 11.09 ? 53  ILE A CB  1 
ATOM   370  C  CG1 . ILE A 1 53  ? 8.895   5.963   -1.330  1.00 11.77 ? 53  ILE A CG1 1 
ATOM   371  C  CG2 . ILE A 1 53  ? 9.478   3.526   -1.723  1.00 10.75 ? 53  ILE A CG2 1 
ATOM   372  C  CD1 . ILE A 1 53  ? 7.665   5.734   -0.494  1.00 12.10 ? 53  ILE A CD1 1 
ATOM   373  N  N   . ALA A 1 54  ? 11.353  2.560   0.847   1.00 10.04 ? 54  ALA A N   1 
ATOM   374  C  CA  . ALA A 1 54  ? 12.339  1.481   0.864   1.00 9.84  ? 54  ALA A CA  1 
ATOM   375  C  C   . ALA A 1 54  ? 12.726  1.119   -0.564  1.00 8.66  ? 54  ALA A C   1 
ATOM   376  O  O   . ALA A 1 54  ? 11.892  1.049   -1.435  1.00 9.22  ? 54  ALA A O   1 
ATOM   377  C  CB  . ALA A 1 54  ? 11.753  0.291   1.560   1.00 9.83  ? 54  ALA A CB  1 
ATOM   378  N  N   . ARG A 1 55  ? 14.021  0.814   -0.758  1.00 9.90  ? 55  ARG A N   1 
ATOM   379  C  CA  . ARG A 1 55  ? 14.536  0.306   -2.050  1.00 9.69  ? 55  ARG A CA  1 
ATOM   380  C  C   . ARG A 1 55  ? 15.354  -0.929  -1.719  1.00 9.23  ? 55  ARG A C   1 
ATOM   381  O  O   . ARG A 1 55  ? 16.498  -0.819  -1.303  1.00 10.73 ? 55  ARG A O   1 
ATOM   382  C  CB  . ARG A 1 55  ? 15.335  1.341   -2.839  1.00 10.59 ? 55  ARG A CB  1 
ATOM   383  C  CG  . ARG A 1 55  ? 14.598  2.642   -3.103  1.00 11.88 ? 55  ARG A CG  1 
ATOM   384  C  CD  . ARG A 1 55  ? 13.393  2.504   -4.008  1.00 11.36 ? 55  ARG A CD  1 
ATOM   385  N  NE  . ARG A 1 55  ? 12.672  3.798   -4.172  1.00 12.92 ? 55  ARG A NE  1 
ATOM   386  C  CZ  . ARG A 1 55  ? 11.409  3.918   -4.601  1.00 12.69 ? 55  ARG A CZ  1 
ATOM   387  N  NH1 . ARG A 1 55  ? 10.734  2.884   -4.996  1.00 12.30 ? 55  ARG A NH1 1 
ATOM   388  N  NH2 . ARG A 1 55  ? 10.803  5.109   -4.639  1.00 13.75 ? 55  ARG A NH2 1 
ATOM   389  N  N   . CYS A 1 56  ? 14.727  -2.086  -1.793  1.00 9.42  ? 56  CYS A N   1 
ATOM   390  C  CA  . CYS A 1 56  ? 15.234  -3.318  -1.172  1.00 9.23  ? 56  CYS A CA  1 
ATOM   391  C  C   . CYS A 1 56  ? 14.333  -4.481  -1.548  1.00 9.60  ? 56  CYS A C   1 
ATOM   392  O  O   . CYS A 1 56  ? 13.270  -4.306  -2.182  1.00 9.96  ? 56  CYS A O   1 
ATOM   393  C  CB  . CYS A 1 56  ? 15.206  -3.166  0.357   1.00 8.91  ? 56  CYS A CB  1 
ATOM   394  S  SG  . CYS A 1 56  ? 13.536  -3.148  1.029   1.00 9.36  ? 56  CYS A SG  1 
ATOM   395  N  N   A ASP A 1 57  ? 14.731  -5.705  -1.182  0.25 10.51 ? 57  ASP A N   1 
ATOM   396  N  N   B ASP A 1 57  ? 14.792  -5.643  -1.067  0.25 10.67 ? 57  ASP A N   1 
ATOM   397  C  CA  A ASP A 1 57  ? 13.837  -6.893  -1.280  0.25 10.99 ? 57  ASP A CA  1 
ATOM   398  C  CA  B ASP A 1 57  ? 14.191  -6.984  -1.251  0.25 11.46 ? 57  ASP A CA  1 
ATOM   399  C  C   A ASP A 1 57  ? 13.655  -7.514  0.108   0.25 10.68 ? 57  ASP A C   1 
ATOM   400  C  C   B ASP A 1 57  ? 13.672  -7.524  0.096   0.25 10.93 ? 57  ASP A C   1 
ATOM   401  O  O   A ASP A 1 57  ? 13.604  -8.734  0.224   0.25 11.14 ? 57  ASP A O   1 
ATOM   402  O  O   B ASP A 1 57  ? 13.382  -8.733  0.166   0.25 11.22 ? 57  ASP A O   1 
ATOM   403  C  CB  A ASP A 1 57  ? 14.336  -7.934  -2.283  0.25 11.63 ? 57  ASP A CB  1 
ATOM   404  C  CB  B ASP A 1 57  ? 15.234  -7.916  -1.889  0.25 12.74 ? 57  ASP A CB  1 
ATOM   405  C  CG  A ASP A 1 57  ? 15.644  -8.602  -1.898  0.25 12.81 ? 57  ASP A CG  1 
ATOM   406  C  CG  B ASP A 1 57  ? 14.692  -9.201  -2.483  0.25 14.77 ? 57  ASP A CG  1 
ATOM   407  O  OD1 A ASP A 1 57  ? 16.242  -8.192  -0.899  0.25 12.74 ? 57  ASP A OD1 1 
ATOM   408  O  OD1 B ASP A 1 57  ? 13.625  -9.145  -3.108  0.25 16.11 ? 57  ASP A OD1 1 
ATOM   409  O  OD2 A ASP A 1 57  ? 16.069  -9.516  -2.652  0.25 15.37 ? 57  ASP A OD2 1 
ATOM   410  O  OD2 B ASP A 1 57  ? 15.350  -10.248 -2.311  0.25 17.52 ? 57  ASP A OD2 1 
ATOM   411  N  N   . CYS A 1 58  ? 13.558  -6.698  1.146   1.00 10.20 ? 58  CYS A N   1 
ATOM   412  C  CA  . CYS A 1 58  ? 13.160  -7.216  2.469   1.00 9.97  ? 58  CYS A CA  1 
ATOM   413  C  C   . CYS A 1 58  ? 11.857  -8.007  2.365   1.00 9.60  ? 58  CYS A C   1 
ATOM   414  O  O   . CYS A 1 58  ? 10.950  -7.672  1.585   1.00 10.09 ? 58  CYS A O   1 
ATOM   415  C  CB  . CYS A 1 58  ? 12.939  -6.108  3.466   1.00 11.09 ? 58  CYS A CB  1 
ATOM   416  S  SG  . CYS A 1 58  ? 14.477  -5.300  4.023   1.00 10.95 ? 58  CYS A SG  1 
ATOM   417  N  N   . GLN A 1 59  ? 11.748  -9.003  3.252   1.00 10.15 ? 59  GLN A N   1 
ATOM   418  C  CA  . GLN A 1 59  ? 10.519  -9.795  3.465   1.00 10.29 ? 59  GLN A CA  1 
ATOM   419  C  C   . GLN A 1 59  ? 10.185  -9.801  4.939   1.00 9.11  ? 59  GLN A C   1 
ATOM   420  O  O   . GLN A 1 59  ? 9.344   -10.622 5.362   1.00 10.59 ? 59  GLN A O   1 
ATOM   421  C  CB  . GLN A 1 59  ? 10.670  -11.235 2.968   1.00 11.20 ? 59  GLN A CB  1 
ATOM   422  C  CG  . GLN A 1 59  ? 10.618  -11.353 1.460   1.00 12.80 ? 59  GLN A CG  1 
ATOM   423  C  CD  . GLN A 1 59  ? 10.542  -12.798 1.025   1.00 13.02 ? 59  GLN A CD  1 
ATOM   424  O  OE1 . GLN A 1 59  ? 11.556  -13.384 0.619   1.00 14.32 ? 59  GLN A OE1 1 
ATOM   425  N  NE2 . GLN A 1 59  ? 9.386   -13.416 1.176   1.00 13.56 ? 59  GLN A NE2 1 
ATOM   426  N  N   . THR A 1 60  ? 10.715  -8.906  5.726   1.00 9.61  ? 60  THR A N   1 
ATOM   427  C  CA  . THR A 1 60  ? 10.265  -8.675  7.091   1.00 10.46 ? 60  THR A CA  1 
ATOM   428  C  C   . THR A 1 60  ? 10.087  -7.192  7.348   1.00 9.43  ? 60  THR A C   1 
ATOM   429  O  O   . THR A 1 60  ? 10.849  -6.369  6.815   1.00 10.65 ? 60  THR A O   1 
ATOM   430  C  CB  . THR A 1 60  ? 11.151  -9.319  8.133   1.00 12.39 ? 60  THR A CB  1 
ATOM   431  O  OG1 . THR A 1 60  ? 12.364  -8.624  8.140   1.00 17.67 ? 60  THR A OG1 1 
ATOM   432  C  CG2 . THR A 1 60  ? 11.344  -10.794 7.932   1.00 13.13 ? 60  THR A CG2 1 
ATOM   433  N  N   . GLY A 1 61  ? 9.091   -6.862  8.147   1.00 9.12  ? 61  GLY A N   1 
ATOM   434  C  CA  . GLY A 1 61  ? 8.808   -5.465  8.430   1.00 8.92  ? 61  GLY A CA  1 
ATOM   435  C  C   . GLY A 1 61  ? 7.754   -5.372  9.526   1.00 8.44  ? 61  GLY A C   1 
ATOM   436  O  O   . GLY A 1 61  ? 7.500   -6.338  10.257  1.00 10.09 ? 61  GLY A O   1 
ATOM   437  N  N   . VAL A 1 62  ? 7.168   -4.191  9.617   1.00 8.00  ? 62  VAL A N   1 
ATOM   438  C  CA  . VAL A 1 62  ? 6.143   -3.893  10.650  1.00 8.38  ? 62  VAL A CA  1 
ATOM   439  C  C   . VAL A 1 62  ? 5.043   -3.154  9.943   1.00 8.67  ? 62  VAL A C   1 
ATOM   440  O  O   . VAL A 1 62  ? 5.332   -2.222  9.199   1.00 9.13  ? 62  VAL A O   1 
ATOM   441  C  CB  . VAL A 1 62  ? 6.747   -3.061  11.785  1.00 9.38  ? 62  VAL A CB  1 
ATOM   442  C  CG1 . VAL A 1 62  ? 5.678   -2.582  12.739  1.00 10.10 ? 62  VAL A CG1 1 
ATOM   443  C  CG2 . VAL A 1 62  ? 7.821   -3.838  12.517  1.00 10.13 ? 62  VAL A CG2 1 
ATOM   444  N  N   . TYR A 1 63  ? 3.778   -3.486  10.217  1.00 8.93  ? 63  TYR A N   1 
ATOM   445  C  CA  . TYR A 1 63  ? 2.660   -2.750  9.598   1.00 8.13  ? 63  TYR A CA  1 
ATOM   446  C  C   . TYR A 1 63  ? 1.703   -2.242  10.661  1.00 9.03  ? 63  TYR A C   1 
ATOM   447  O  O   . TYR A 1 63  ? 1.586   -2.808  11.767  1.00 9.69  ? 63  TYR A O   1 
ATOM   448  C  CB  . TYR A 1 63  ? 1.889   -3.586  8.574   1.00 9.17  ? 63  TYR A CB  1 
ATOM   449  C  CG  . TYR A 1 63  ? 0.810   -4.498  9.142   1.00 9.23  ? 63  TYR A CG  1 
ATOM   450  C  CD1 . TYR A 1 63  ? 1.131   -5.713  9.720   1.00 9.58  ? 63  TYR A CD1 1 
ATOM   451  C  CD2 . TYR A 1 63  ? -0.550  -4.192  9.039   1.00 9.67  ? 63  TYR A CD2 1 
ATOM   452  C  CE1 . TYR A 1 63  ? 0.145   -6.556  10.223  1.00 10.35 ? 63  TYR A CE1 1 
ATOM   453  C  CE2 . TYR A 1 63  ? -1.542  -5.014  9.549   1.00 9.64  ? 63  TYR A CE2 1 
ATOM   454  C  CZ  . TYR A 1 63  ? -1.182  -6.211  10.116  1.00 9.54  ? 63  TYR A CZ  1 
ATOM   455  O  OH  . TYR A 1 63  ? -2.149  -7.045  10.637  1.00 11.28 ? 63  TYR A OH  1 
ATOM   456  N  N   . TYR A 1 64  ? 1.014   -1.208  10.307  1.00 8.72  ? 64  TYR A N   1 
ATOM   457  C  CA  . TYR A 1 64  ? -0.020  -0.620  11.175  1.00 9.21  ? 64  TYR A CA  1 
ATOM   458  C  C   . TYR A 1 64  ? -1.402  -1.154  10.823  1.00 8.63  ? 64  TYR A C   1 
ATOM   459  O  O   . TYR A 1 64  ? -1.861  -1.073  9.686   1.00 9.34  ? 64  TYR A O   1 
ATOM   460  C  CB  . TYR A 1 64  ? -0.050  0.901   11.047  1.00 10.04 ? 64  TYR A CB  1 
ATOM   461  C  CG  . TYR A 1 64  ? -1.080  1.475   11.983  1.00 11.12 ? 64  TYR A CG  1 
ATOM   462  C  CD1 . TYR A 1 64  ? -0.939  1.311   13.359  1.00 11.58 ? 64  TYR A CD1 1 
ATOM   463  C  CD2 . TYR A 1 64  ? -2.151  2.195   11.492  1.00 11.09 ? 64  TYR A CD2 1 
ATOM   464  C  CE1 . TYR A 1 64  ? -1.922  1.785   14.235  1.00 12.60 ? 64  TYR A CE1 1 
ATOM   465  C  CE2 . TYR A 1 64  ? -3.122  2.680   12.365  1.00 13.13 ? 64  TYR A CE2 1 
ATOM   466  C  CZ  . TYR A 1 64  ? -2.986  2.501   13.723  1.00 13.05 ? 64  TYR A CZ  1 
ATOM   467  O  OH  . TYR A 1 64  ? -3.976  2.977   14.575  1.00 15.28 ? 64  TYR A OH  1 
ATOM   468  N  N   . CYS A 1 65  ? -2.065  -1.633  11.850  1.00 9.29  ? 65  CYS A N   1 
ATOM   469  C  CA  . CYS A 1 65  ? -3.423  -2.182  11.828  1.00 10.01 ? 65  CYS A CA  1 
ATOM   470  C  C   . CYS A 1 65  ? -4.380  -1.272  12.587  1.00 9.50  ? 65  CYS A C   1 
ATOM   471  O  O   . CYS A 1 65  ? -4.484  -1.383  13.843  1.00 10.15 ? 65  CYS A O   1 
ATOM   472  C  CB  . CYS A 1 65  ? -3.427  -3.577  12.392  1.00 9.78  ? 65  CYS A CB  1 
ATOM   473  S  SG  . CYS A 1 65  ? -5.062  -4.350  12.411  1.00 10.67 ? 65  CYS A SG  1 
ATOM   474  N  N   . SER A 1 66  ? -5.123  -0.459  11.880  1.00 9.28  ? 66  SER A N   1 
ATOM   475  C  CA  . SER A 1 66  ? -6.042  0.499   12.531  1.00 10.52 ? 66  SER A CA  1 
ATOM   476  C  C   . SER A 1 66  ? -7.145  -0.175  13.334  1.00 9.74  ? 66  SER A C   1 
ATOM   477  O  O   . SER A 1 66  ? -7.519  0.350   14.423  1.00 11.07 ? 66  SER A O   1 
ATOM   478  C  CB  . SER A 1 66  ? -6.600  1.475   11.558  1.00 12.25 ? 66  SER A CB  1 
ATOM   479  O  OG  . SER A 1 66  ? -7.516  0.944   10.650  1.00 16.91 ? 66  SER A OG  1 
ATOM   480  N  N   . SER A 1 67  ? -7.579  -1.331  12.906  1.00 8.93  ? 67  SER A N   1 
ATOM   481  C  CA  . SER A 1 67  ? -8.692  -2.044  13.573  1.00 9.51  ? 67  SER A CA  1 
ATOM   482  C  C   . SER A 1 67  ? -8.198  -2.730  14.861  1.00 9.75  ? 67  SER A C   1 
ATOM   483  O  O   . SER A 1 67  ? -9.061  -3.305  15.596  1.00 9.46  ? 67  SER A O   1 
ATOM   484  C  CB  . SER A 1 67  ? -9.350  -3.007  12.672  1.00 9.83  ? 67  SER A CB  1 
ATOM   485  O  OG  . SER A 1 67  ? -8.475  -4.081  12.280  1.00 10.70 ? 67  SER A OG  1 
ATOM   486  N  N   . ARG A 1 68  ? -6.924  -2.602  15.212  1.00 9.99  ? 68  ARG A N   1 
ATOM   487  C  CA  . ARG A 1 68  ? -6.340  -3.064  16.481  1.00 10.20 ? 68  ARG A CA  1 
ATOM   488  C  C   . ARG A 1 68  ? -5.648  -1.912  17.178  1.00 10.55 ? 68  ARG A C   1 
ATOM   489  O  O   . ARG A 1 68  ? -5.116  -2.134  18.279  1.00 11.99 ? 68  ARG A O   1 
ATOM   490  C  CB  . ARG A 1 68  ? -5.408  -4.242  16.237  1.00 10.46 ? 68  ARG A CB  1 
ATOM   491  C  CG  . ARG A 1 68  ? -6.089  -5.468  15.691  1.00 10.99 ? 68  ARG A CG  1 
ATOM   492  C  CD  . ARG A 1 68  ? -6.910  -6.183  16.761  1.00 11.71 ? 68  ARG A CD  1 
ATOM   493  N  NE  . ARG A 1 68  ? -7.588  -7.337  16.260  1.00 11.81 ? 68  ARG A NE  1 
ATOM   494  C  CZ  . ARG A 1 68  ? -8.796  -7.356  15.735  1.00 11.22 ? 68  ARG A CZ  1 
ATOM   495  N  NH1 . ARG A 1 68  ? -9.514  -6.251  15.664  1.00 11.99 ? 68  ARG A NH1 1 
ATOM   496  N  NH2 . ARG A 1 68  ? -9.289  -8.496  15.300  1.00 12.86 ? 68  ARG A NH2 1 
ATOM   497  N  N   . ARG A 1 69  ? -5.525  -0.762  16.570  1.00 10.93 ? 69  ARG A N   1 
ATOM   498  C  CA  . ARG A 1 69  ? -4.679  0.330   17.092  1.00 11.35 ? 69  ARG A CA  1 
ATOM   499  C  C   . ARG A 1 69  ? -3.307  -0.227  17.429  1.00 12.11 ? 69  ARG A C   1 
ATOM   500  O  O   . ARG A 1 69  ? -2.727  0.131   18.494  1.00 13.58 ? 69  ARG A O   1 
ATOM   501  C  CB  . ARG A 1 69  ? -5.313  1.020   18.314  1.00 11.43 ? 69  ARG A CB  1 
ATOM   502  C  CG  . ARG A 1 69  ? -6.579  1.772   17.977  1.00 12.91 ? 69  ARG A CG  1 
ATOM   503  C  CD  . ARG A 1 69  ? -7.067  2.569   19.166  1.00 13.99 ? 69  ARG A CD  1 
ATOM   504  N  NE  . ARG A 1 69  ? -8.334  3.293   18.929  1.00 14.29 ? 69  ARG A NE  1 
ATOM   505  C  CZ  . ARG A 1 69  ? -9.483  3.052   19.583  1.00 14.48 ? 69  ARG A CZ  1 
ATOM   506  N  NH1 . ARG A 1 69  ? -9.599  2.046   20.446  1.00 15.65 ? 69  ARG A NH1 1 
ATOM   507  N  NH2 . ARG A 1 69  ? -10.556 3.767   19.278  1.00 16.66 ? 69  ARG A NH2 1 
ATOM   508  N  N   . LYS A 1 70  ? -2.694  -1.002  16.529  1.00 11.63 ? 70  LYS A N   1 
ATOM   509  C  CA  . LYS A 1 70  ? -1.430  -1.703  16.866  1.00 12.76 ? 70  LYS A CA  1 
ATOM   510  C  C   . LYS A 1 70  ? -0.579  -1.820  15.616  1.00 11.52 ? 70  LYS A C   1 
ATOM   511  O  O   . LYS A 1 70  ? -1.165  -2.009  14.532  1.00 11.51 ? 70  LYS A O   1 
ATOM   512  C  CB  . LYS A 1 70  ? -1.664  -3.085  17.489  1.00 14.08 ? 70  LYS A CB  1 
ATOM   513  C  CG  . LYS A 1 70  ? -2.061  -3.071  18.954  1.00 19.74 ? 70  LYS A CG  1 
ATOM   514  C  CD  . LYS A 1 70  ? -1.954  -4.432  19.611  1.00 26.24 ? 70  LYS A CD  1 
ATOM   515  C  CE  . LYS A 1 70  ? -2.498  -4.455  21.027  1.00 31.85 ? 70  LYS A CE  1 
ATOM   516  N  NZ  . LYS A 1 70  ? -3.964  -4.223  21.053  1.00 38.90 ? 70  LYS A NZ  1 
ATOM   517  N  N   . HIS A 1 71  ? 0.709   -1.811  15.844  1.00 10.84 ? 71  HIS A N   1 
ATOM   518  C  CA  . HIS A 1 71  ? 1.709   -2.157  14.817  1.00 11.54 ? 71  HIS A CA  1 
ATOM   519  C  C   . HIS A 1 71  ? 2.157   -3.566  15.072  1.00 12.04 ? 71  HIS A C   1 
ATOM   520  O  O   . HIS A 1 71  ? 2.420   -3.908  16.257  1.00 14.77 ? 71  HIS A O   1 
ATOM   521  C  CB  . HIS A 1 71  ? 2.900   -1.212  14.829  1.00 11.75 ? 71  HIS A CB  1 
ATOM   522  C  CG  . HIS A 1 71  ? 2.630   0.181   14.447  1.00 12.20 ? 71  HIS A CG  1 
ATOM   523  N  ND1 . HIS A 1 71  ? 2.926   0.794   13.228  1.00 13.91 ? 71  HIS A ND1 1 
ATOM   524  C  CD2 . HIS A 1 71  ? 2.053   1.132   15.200  1.00 13.25 ? 71  HIS A CD2 1 
ATOM   525  C  CE1 . HIS A 1 71  ? 2.525   2.048   13.241  1.00 11.66 ? 71  HIS A CE1 1 
ATOM   526  N  NE2 . HIS A 1 71  ? 2.029   2.293   14.459  1.00 17.08 ? 71  HIS A NE2 1 
ATOM   527  N  N   . TYR A 1 72  ? 2.245   -4.410  14.064  1.00 9.84  ? 72  TYR A N   1 
ATOM   528  C  CA  . TYR A 1 72  ? 2.649   -5.808  14.173  1.00 10.12 ? 72  TYR A CA  1 
ATOM   529  C  C   . TYR A 1 72  ? 3.874   -6.065  13.318  1.00 9.98  ? 72  TYR A C   1 
ATOM   530  O  O   . TYR A 1 72  ? 3.889   -5.747  12.129  1.00 10.11 ? 72  TYR A O   1 
ATOM   531  C  CB  . TYR A 1 72  ? 1.516   -6.715  13.679  1.00 11.13 ? 72  TYR A CB  1 
ATOM   532  C  CG  . TYR A 1 72  ? 0.261   -6.699  14.513  1.00 11.57 ? 72  TYR A CG  1 
ATOM   533  C  CD1 . TYR A 1 72  ? 0.176   -7.462  15.676  1.00 12.98 ? 72  TYR A CD1 1 
ATOM   534  C  CD2 . TYR A 1 72  ? -0.841  -5.952  14.159  1.00 11.62 ? 72  TYR A CD2 1 
ATOM   535  C  CE1 . TYR A 1 72  ? -0.975  -7.461  16.453  1.00 13.21 ? 72  TYR A CE1 1 
ATOM   536  C  CE2 . TYR A 1 72  ? -2.002  -5.951  14.902  1.00 11.98 ? 72  TYR A CE2 1 
ATOM   537  C  CZ  . TYR A 1 72  ? -2.051  -6.705  16.054  1.00 12.12 ? 72  TYR A CZ  1 
ATOM   538  O  OH  . TYR A 1 72  ? -3.233  -6.698  16.772  1.00 13.99 ? 72  TYR A OH  1 
ATOM   539  N  N   . PRO A 1 73  ? 4.843   -6.830  13.842  1.00 9.82  ? 73  PRO A N   1 
ATOM   540  C  CA  . PRO A 1 73  ? 5.943   -7.316  13.013  1.00 9.60  ? 73  PRO A CA  1 
ATOM   541  C  C   . PRO A 1 73  ? 5.468   -8.505  12.184  1.00 9.76  ? 73  PRO A C   1 
ATOM   542  O  O   . PRO A 1 73  ? 4.842   -9.459  12.732  1.00 11.74 ? 73  PRO A O   1 
ATOM   543  C  CB  . PRO A 1 73  ? 7.011   -7.748  14.046  1.00 10.76 ? 73  PRO A CB  1 
ATOM   544  C  CG  . PRO A 1 73  ? 6.253   -8.077  15.276  1.00 13.82 ? 73  PRO A CG  1 
ATOM   545  C  CD  . PRO A 1 73  ? 5.005   -7.201  15.275  1.00 11.33 ? 73  PRO A CD  1 
ATOM   546  N  N   . VAL A 1 74  ? 5.820   -8.526  10.910  1.00 9.46  ? 74  VAL A N   1 
ATOM   547  C  CA  . VAL A 1 74  ? 5.375   -9.594  9.994   1.00 9.80  ? 74  VAL A CA  1 
ATOM   548  C  C   . VAL A 1 74  ? 6.478   -9.979  9.051   1.00 9.76  ? 74  VAL A C   1 
ATOM   549  O  O   . VAL A 1 74  ? 7.326   -9.163  8.643   1.00 10.45 ? 74  VAL A O   1 
ATOM   550  C  CB  . VAL A 1 74  ? 4.145   -9.174  9.181   1.00 10.74 ? 74  VAL A CB  1 
ATOM   551  C  CG1 . VAL A 1 74  ? 2.898   -9.164  10.038  1.00 11.69 ? 74  VAL A CG1 1 
ATOM   552  C  CG2 . VAL A 1 74  ? 4.330   -7.864  8.469   1.00 12.21 ? 74  VAL A CG2 1 
ATOM   553  N  N   . SER A 1 75  ? 6.424   -11.216 8.611   1.00 9.32  ? 75  SER A N   1 
ATOM   554  C  CA  . SER A 1 75  ? 7.103   -11.682 7.379   1.00 9.81  ? 75  SER A CA  1 
ATOM   555  C  C   . SER A 1 75  ? 6.083   -11.621 6.252   1.00 9.24  ? 75  SER A C   1 
ATOM   556  O  O   . SER A 1 75  ? 4.911   -11.890 6.463   1.00 9.95  ? 75  SER A O   1 
ATOM   557  C  CB  . SER A 1 75  ? 7.577   -13.071 7.581   1.00 12.15 ? 75  SER A CB  1 
ATOM   558  O  OG  . SER A 1 75  ? 8.522   -13.189 8.615   1.00 18.65 ? 75  SER A OG  1 
ATOM   559  N  N   . PHE A 1 76  ? 6.532   -11.297 5.054   1.00 9.09  ? 76  PHE A N   1 
ATOM   560  C  CA  . PHE A 1 76  ? 5.621   -11.166 3.917   1.00 8.78  ? 76  PHE A CA  1 
ATOM   561  C  C   . PHE A 1 76  ? 6.245   -11.710 2.655   1.00 8.69  ? 76  PHE A C   1 
ATOM   562  O  O   . PHE A 1 76  ? 7.490   -11.736 2.489   1.00 9.37  ? 76  PHE A O   1 
ATOM   563  C  CB  . PHE A 1 76  ? 5.182   -9.706  3.753   1.00 9.13  ? 76  PHE A CB  1 
ATOM   564  C  CG  . PHE A 1 76  ? 6.258   -8.647  3.672   1.00 8.95  ? 76  PHE A CG  1 
ATOM   565  C  CD1 . PHE A 1 76  ? 6.762   -8.061  4.811   1.00 9.42  ? 76  PHE A CD1 1 
ATOM   566  C  CD2 . PHE A 1 76  ? 6.842   -8.293  2.457   1.00 9.26  ? 76  PHE A CD2 1 
ATOM   567  C  CE1 . PHE A 1 76  ? 7.785   -7.134  4.768   1.00 10.05 ? 76  PHE A CE1 1 
ATOM   568  C  CE2 . PHE A 1 76  ? 7.841   -7.326  2.423   1.00 9.55  ? 76  PHE A CE2 1 
ATOM   569  C  CZ  . PHE A 1 76  ? 8.309   -6.776  3.570   1.00 9.59  ? 76  PHE A CZ  1 
ATOM   570  N  N   . SER A 1 77  ? 5.384   -12.164 1.750   1.00 9.13  ? 77  SER A N   1 
ATOM   571  C  CA  . SER A 1 77  ? 5.816   -12.684 0.438   1.00 10.28 ? 77  SER A CA  1 
ATOM   572  C  C   . SER A 1 77  ? 6.274   -11.542 -0.446  1.00 9.88  ? 77  SER A C   1 
ATOM   573  O  O   . SER A 1 77  ? 5.868   -10.395 -0.304  1.00 10.75 ? 77  SER A O   1 
ATOM   574  C  CB  . SER A 1 77  ? 4.702   -13.454 -0.184  1.00 10.71 ? 77  SER A CB  1 
ATOM   575  O  OG  . SER A 1 77  ? 3.550   -12.664 -0.401  1.00 12.53 ? 77  SER A OG  1 
ATOM   576  N  N   . LYS A 1 78  ? 7.098   -11.853 -1.461  1.00 10.38 ? 78  LYS A N   1 
ATOM   577  C  CA  . LYS A 1 78  ? 7.546   -10.868 -2.471  1.00 10.56 ? 78  LYS A CA  1 
ATOM   578  C  C   . LYS A 1 78  ? 6.356   -10.488 -3.329  1.00 11.23 ? 78  LYS A C   1 
ATOM   579  O  O   . LYS A 1 78  ? 5.404   -11.256 -3.517  1.00 12.22 ? 78  LYS A O   1 
ATOM   580  C  CB  . LYS A 1 78  ? 8.662   -11.441 -3.317  1.00 11.66 ? 78  LYS A CB  1 
ATOM   581  C  CG  . LYS A 1 78  ? 9.919   -11.715 -2.517  1.00 13.10 ? 78  LYS A CG  1 
ATOM   582  C  CD  . LYS A 1 78  ? 11.098  -12.187 -3.382  1.00 15.78 ? 78  LYS A CD  1 
ATOM   583  C  CE  . LYS A 1 78  ? 12.347  -12.319 -2.544  1.00 18.46 ? 78  LYS A CE  1 
ATOM   584  N  NZ  . LYS A 1 78  ? 13.558  -12.658 -3.326  1.00 23.24 ? 78  LYS A NZ  1 
ATOM   585  N  N   . PRO A 1 79  ? 6.343   -9.271  -3.893  1.00 11.41 ? 79  PRO A N   1 
ATOM   586  C  CA  . PRO A 1 79  ? 5.194   -8.798  -4.665  1.00 11.35 ? 79  PRO A CA  1 
ATOM   587  C  C   . PRO A 1 79  ? 4.896   -9.746  -5.823  1.00 11.84 ? 79  PRO A C   1 
ATOM   588  O  O   . PRO A 1 79  ? 5.838   -10.057 -6.617  1.00 14.58 ? 79  PRO A O   1 
ATOM   589  C  CB  . PRO A 1 79  ? 5.662   -7.405  -5.156  1.00 13.08 ? 79  PRO A CB  1 
ATOM   590  C  CG  . PRO A 1 79  ? 6.713   -6.980  -4.188  1.00 13.70 ? 79  PRO A CG  1 
ATOM   591  C  CD  . PRO A 1 79  ? 7.389   -8.255  -3.723  1.00 11.36 ? 79  PRO A CD  1 
ATOM   592  N  N   A SER A 1 80  ? 3.628   -10.163 -5.955  0.25 12.81 ? 80  SER A N   1 
ATOM   593  N  N   B SER A 1 80  ? 3.634   -10.059 -6.064  0.25 12.00 ? 80  SER A N   1 
ATOM   594  C  CA  A SER A 1 80  ? 3.171   -11.155 -6.970  0.25 13.69 ? 80  SER A CA  1 
ATOM   595  C  CA  B SER A 1 80  ? 3.278   -10.936 -7.203  0.25 12.32 ? 80  SER A CA  1 
ATOM   596  C  C   A SER A 1 80  ? 1.745   -10.845 -7.447  0.25 13.31 ? 80  SER A C   1 
ATOM   597  C  C   B SER A 1 80  ? 1.824   -10.705 -7.592  0.25 12.49 ? 80  SER A C   1 
ATOM   598  O  O   A SER A 1 80  ? 1.008   -10.050 -6.799  0.25 12.18 ? 80  SER A O   1 
ATOM   599  O  O   B SER A 1 80  ? 1.185   -9.794  -7.039  0.25 11.21 ? 80  SER A O   1 
ATOM   600  C  CB  A SER A 1 80  ? 3.227   -12.587 -6.447  0.25 15.21 ? 80  SER A CB  1 
ATOM   601  C  CB  B SER A 1 80  ? 3.523   -12.388 -6.866  0.25 13.07 ? 80  SER A CB  1 
ATOM   602  O  OG  A SER A 1 80  ? 4.182   -12.762 -5.412  0.25 17.98 ? 80  SER A OG  1 
ATOM   603  O  OG  B SER A 1 80  ? 4.771   -12.562 -6.238  0.25 16.31 ? 80  SER A OG  1 
ATOM   604  N  N   . LEU A 1 81  ? 1.348   -11.517 -8.537  1.00 12.65 ? 81  LEU A N   1 
ATOM   605  C  CA  . LEU A 1 81  ? -0.021  -11.492 -9.054  1.00 13.69 ? 81  LEU A CA  1 
ATOM   606  C  C   . LEU A 1 81  ? -0.827  -12.516 -8.305  1.00 13.91 ? 81  LEU A C   1 
ATOM   607  O  O   . LEU A 1 81  ? -0.531  -13.722 -8.473  1.00 16.65 ? 81  LEU A O   1 
ATOM   608  C  CB  . LEU A 1 81  ? 0.071   -11.758 -10.562 1.00 15.08 ? 81  LEU A CB  1 
ATOM   609  C  CG  . LEU A 1 81  ? -1.266  -11.739 -11.289 1.00 17.27 ? 81  LEU A CG  1 
ATOM   610  C  CD1 . LEU A 1 81  ? -1.966  -10.378 -11.203 1.00 18.37 ? 81  LEU A CD1 1 
ATOM   611  C  CD2 . LEU A 1 81  ? -1.024  -12.101 -12.762 1.00 19.57 ? 81  LEU A CD2 1 
ATOM   612  N  N   . ILE A 1 82  ? -1.777  -12.114 -7.499  1.00 12.89 ? 82  ILE A N   1 
ATOM   613  C  CA  . ILE A 1 82  ? -2.483  -12.942 -6.514  1.00 13.99 ? 82  ILE A CA  1 
ATOM   614  C  C   . ILE A 1 82  ? -3.972  -12.826 -6.713  1.00 12.52 ? 82  ILE A C   1 
ATOM   615  O  O   . ILE A 1 82  ? -4.482  -11.706 -6.803  1.00 12.60 ? 82  ILE A O   1 
ATOM   616  C  CB  . ILE A 1 82  ? -2.104  -12.511 -5.074  1.00 15.83 ? 82  ILE A CB  1 
ATOM   617  C  CG1 . ILE A 1 82  ? -0.587  -12.567 -4.904  1.00 16.39 ? 82  ILE A CG1 1 
ATOM   618  C  CG2 . ILE A 1 82  ? -2.880  -13.282 -4.021  1.00 19.85 ? 82  ILE A CG2 1 
ATOM   619  C  CD1 . ILE A 1 82  ? -0.023  -13.965 -4.911  1.00 20.85 ? 82  ILE A CD1 1 
ATOM   620  N  N   . PHE A 1 83  ? -4.687  -13.922 -6.611  1.00 12.27 ? 83  PHE A N   1 
ATOM   621  C  CA  . PHE A 1 83  ? -6.148  -13.887 -6.579  1.00 12.98 ? 83  PHE A CA  1 
ATOM   622  C  C   . PHE A 1 83  ? -6.613  -13.404 -5.210  1.00 13.07 ? 83  PHE A C   1 
ATOM   623  O  O   . PHE A 1 83  ? -6.085  -13.891 -4.176  1.00 13.76 ? 83  PHE A O   1 
ATOM   624  C  CB  . PHE A 1 83  ? -6.769  -15.251 -6.885  1.00 13.68 ? 83  PHE A CB  1 
ATOM   625  C  CG  . PHE A 1 83  ? -8.254  -15.152 -7.082  1.00 14.56 ? 83  PHE A CG  1 
ATOM   626  C  CD1 . PHE A 1 83  ? -8.726  -14.509 -8.207  1.00 15.46 ? 83  PHE A CD1 1 
ATOM   627  C  CD2 . PHE A 1 83  ? -9.169  -15.630 -6.162  1.00 17.16 ? 83  PHE A CD2 1 
ATOM   628  C  CE1 . PHE A 1 83  ? -10.084 -14.423 -8.478  1.00 17.51 ? 83  PHE A CE1 1 
ATOM   629  C  CE2 . PHE A 1 83  ? -10.527 -15.503 -6.416  1.00 19.47 ? 83  PHE A CE2 1 
ATOM   630  C  CZ  . PHE A 1 83  ? -10.971 -14.865 -7.538  1.00 18.25 ? 83  PHE A CZ  1 
ATOM   631  N  N   . VAL A 1 84  ? -7.515  -12.439 -5.176  1.00 12.65 ? 84  VAL A N   1 
ATOM   632  C  CA  . VAL A 1 84  ? -8.022  -11.833 -3.942  1.00 12.32 ? 84  VAL A CA  1 
ATOM   633  C  C   . VAL A 1 84  ? -9.524  -12.094 -3.948  1.00 11.64 ? 84  VAL A C   1 
ATOM   634  O  O   . VAL A 1 84  ? -10.259 -11.693 -4.900  1.00 13.40 ? 84  VAL A O   1 
ATOM   635  C  CB  . VAL A 1 84  ? -7.668  -10.334 -3.862  1.00 12.37 ? 84  VAL A CB  1 
ATOM   636  C  CG1 . VAL A 1 84  ? -8.190  -9.767  -2.583  1.00 12.12 ? 84  VAL A CG1 1 
ATOM   637  C  CG2 . VAL A 1 84  ? -6.176  -10.131 -3.991  1.00 13.10 ? 84  VAL A CG2 1 
ATOM   638  N  N   . GLU A 1 85  ? -10.082 -12.662 -2.908  1.00 11.85 ? 85  GLU A N   1 
ATOM   639  C  CA  . GLU A 1 85  ? -11.531 -12.861 -2.804  1.00 13.17 ? 85  GLU A CA  1 
ATOM   640  C  C   . GLU A 1 85  ? -12.241 -11.514 -2.701  1.00 12.61 ? 85  GLU A C   1 
ATOM   641  O  O   . GLU A 1 85  ? -11.600 -10.464 -2.377  1.00 13.96 ? 85  GLU A O   1 
ATOM   642  C  CB  . GLU A 1 85  ? -11.833 -13.742 -1.601  1.00 13.77 ? 85  GLU A CB  1 
ATOM   643  C  CG  . GLU A 1 85  ? -11.278 -15.141 -1.739  1.00 15.35 ? 85  GLU A CG  1 
ATOM   644  C  CD  . GLU A 1 85  ? -11.840 -15.991 -2.863  1.00 16.98 ? 85  GLU A CD  1 
ATOM   645  O  OE1 . GLU A 1 85  ? -12.916 -15.684 -3.416  1.00 18.51 ? 85  GLU A OE1 1 
ATOM   646  O  OE2 . GLU A 1 85  ? -11.171 -16.980 -3.197  1.00 18.39 ? 85  GLU A OE2 1 
ATOM   647  N  N   . ALA A 1 86  ? -13.543 -11.489 -2.943  1.00 14.90 ? 86  ALA A N   1 
ATOM   648  C  CA  . ALA A 1 86  ? -14.356 -10.263 -2.890  1.00 15.41 ? 86  ALA A CA  1 
ATOM   649  C  C   . ALA A 1 86  ? -14.205 -9.618  -1.522  1.00 15.08 ? 86  ALA A C   1 
ATOM   650  O  O   . ALA A 1 86  ? -14.252 -10.324 -0.489  1.00 16.03 ? 86  ALA A O   1 
ATOM   651  C  CB  . ALA A 1 86  ? -15.809 -10.594 -3.184  1.00 16.19 ? 86  ALA A CB  1 
ATOM   652  N  N   . SER A 1 87  ? -14.157 -8.286  -1.525  1.00 14.96 ? 87  SER A N   1 
ATOM   653  C  CA  . SER A 1 87  ? -14.152 -7.457  -0.301  1.00 15.79 ? 87  SER A CA  1 
ATOM   654  C  C   . SER A 1 87  ? -15.327 -6.485  -0.403  1.00 16.18 ? 87  SER A C   1 
ATOM   655  O  O   . SER A 1 87  ? -16.022 -6.418  -1.461  1.00 17.08 ? 87  SER A O   1 
ATOM   656  C  CB  . SER A 1 87  ? -12.858 -6.715  -0.134  1.00 14.88 ? 87  SER A CB  1 
ATOM   657  O  OG  . SER A 1 87  ? -12.741 -5.748  -1.156  1.00 15.03 ? 87  SER A OG  1 
ATOM   658  N  N   . GLU A 1 88  ? -15.474 -5.621  0.597   1.00 17.63 ? 88  GLU A N   1 
ATOM   659  C  CA  . GLU A 1 88  ? -16.523 -4.579  0.515   1.00 18.37 ? 88  GLU A CA  1 
ATOM   660  C  C   . GLU A 1 88  ? -16.229 -3.608  -0.635  1.00 19.05 ? 88  GLU A C   1 
ATOM   661  O  O   . GLU A 1 88  ? -17.180 -2.928  -1.084  1.00 19.11 ? 88  GLU A O   1 
ATOM   662  C  CB  . GLU A 1 88  ? -16.729 -3.946  1.897   1.00 21.89 ? 88  GLU A CB  1 
ATOM   663  C  CG  . GLU A 1 88  ? -15.862 -2.765  2.212   1.00 28.57 ? 88  GLU A CG  1 
ATOM   664  C  CD  . GLU A 1 88  ? -16.240 -2.122  3.540   1.00 30.59 ? 88  GLU A CD  1 
ATOM   665  O  OE1 . GLU A 1 88  ? -16.836 -2.831  4.380   1.00 35.71 ? 88  GLU A OE1 1 
ATOM   666  O  OE2 . GLU A 1 88  ? -15.912 -0.926  3.722   1.00 36.77 ? 88  GLU A OE2 1 
ATOM   667  N  N   . TYR A 1 89  ? -14.991 -3.498  -1.128  1.00 15.91 ? 89  TYR A N   1 
ATOM   668  C  CA  . TYR A 1 89  ? -14.612 -2.408  -2.056  1.00 15.47 ? 89  TYR A CA  1 
ATOM   669  C  C   . TYR A 1 89  ? -14.130 -2.953  -3.390  1.00 16.14 ? 89  TYR A C   1 
ATOM   670  O  O   . TYR A 1 89  ? -13.979 -2.159  -4.340  1.00 16.59 ? 89  TYR A O   1 
ATOM   671  C  CB  . TYR A 1 89  ? -13.545 -1.514  -1.412  1.00 14.86 ? 89  TYR A CB  1 
ATOM   672  C  CG  . TYR A 1 89  ? -12.378 -2.254  -0.806  1.00 14.40 ? 89  TYR A CG  1 
ATOM   673  C  CD1 . TYR A 1 89  ? -12.423 -2.630  0.519   1.00 14.48 ? 89  TYR A CD1 1 
ATOM   674  C  CD2 . TYR A 1 89  ? -11.223 -2.519  -1.531  1.00 14.85 ? 89  TYR A CD2 1 
ATOM   675  C  CE1 . TYR A 1 89  ? -11.382 -3.346  1.092   1.00 14.64 ? 89  TYR A CE1 1 
ATOM   676  C  CE2 . TYR A 1 89  ? -10.158 -3.200  -0.957  1.00 14.65 ? 89  TYR A CE2 1 
ATOM   677  C  CZ  . TYR A 1 89  ? -10.221 -3.573  0.368   1.00 13.91 ? 89  TYR A CZ  1 
ATOM   678  O  OH  . TYR A 1 89  ? -9.202  -4.253  0.977   1.00 14.40 ? 89  TYR A OH  1 
ATOM   679  N  N   . TYR A 1 90  ? -13.880 -4.256  -3.530  1.00 14.92 ? 90  TYR A N   1 
ATOM   680  C  CA  . TYR A 1 90  ? -13.608 -4.833  -4.856  1.00 14.67 ? 90  TYR A CA  1 
ATOM   681  C  C   . TYR A 1 90  ? -14.240 -6.207  -4.989  1.00 14.62 ? 90  TYR A C   1 
ATOM   682  O  O   . TYR A 1 90  ? -14.386 -6.927  -4.013  1.00 15.39 ? 90  TYR A O   1 
ATOM   683  C  CB  . TYR A 1 90  ? -12.121 -5.065  -5.082  1.00 15.46 ? 90  TYR A CB  1 
ATOM   684  C  CG  . TYR A 1 90  ? -11.291 -3.840  -5.387  1.00 14.75 ? 90  TYR A CG  1 
ATOM   685  C  CD1 . TYR A 1 90  ? -11.573 -2.963  -6.437  1.00 16.45 ? 90  TYR A CD1 1 
ATOM   686  C  CD2 . TYR A 1 90  ? -10.139 -3.597  -4.666  1.00 14.63 ? 90  TYR A CD2 1 
ATOM   687  C  CE1 . TYR A 1 90  ? -10.742 -1.889  -6.718  1.00 17.19 ? 90  TYR A CE1 1 
ATOM   688  C  CE2 . TYR A 1 90  ? -9.336  -2.488  -4.896  1.00 14.38 ? 90  TYR A CE2 1 
ATOM   689  C  CZ  . TYR A 1 90  ? -9.618  -1.638  -5.944  1.00 14.27 ? 90  TYR A CZ  1 
ATOM   690  O  OH  . TYR A 1 90  ? -8.807  -0.560  -6.256  1.00 14.97 ? 90  TYR A OH  1 
ATOM   691  N  N   . PRO A 1 91  ? -14.569 -6.606  -6.239  1.00 15.20 ? 91  PRO A N   1 
ATOM   692  C  CA  . PRO A 1 91  ? -14.979 -7.985  -6.502  1.00 14.64 ? 91  PRO A CA  1 
ATOM   693  C  C   . PRO A 1 91  ? -13.772 -8.897  -6.285  1.00 14.54 ? 91  PRO A C   1 
ATOM   694  O  O   . PRO A 1 91  ? -12.628 -8.468  -6.186  1.00 14.39 ? 91  PRO A O   1 
ATOM   695  C  CB  . PRO A 1 91  ? -15.428 -7.924  -7.962  1.00 15.54 ? 91  PRO A CB  1 
ATOM   696  C  CG  . PRO A 1 91  ? -14.500 -6.905  -8.543  1.00 16.61 ? 91  PRO A CG  1 
ATOM   697  C  CD  . PRO A 1 91  ? -14.435 -5.823  -7.478  1.00 15.37 ? 91  PRO A CD  1 
ATOM   698  N  N   . ALA A 1 92  ? -14.029 -10.193 -6.339  1.00 15.24 ? 92  ALA A N   1 
ATOM   699  C  CA  . ALA A 1 92  ? -12.968 -11.195 -6.419  1.00 15.93 ? 92  ALA A CA  1 
ATOM   700  C  C   . ALA A 1 92  ? -12.223 -10.920 -7.717  1.00 15.93 ? 92  ALA A C   1 
ATOM   701  O  O   . ALA A 1 92  ? -12.902 -10.786 -8.782  1.00 19.09 ? 92  ALA A O   1 
ATOM   702  C  CB  . ALA A 1 92  ? -13.574 -12.581 -6.397  1.00 16.84 ? 92  ALA A CB  1 
ATOM   703  N  N   . ARG A 1 93  ? -10.908 -10.802 -7.691  1.00 15.32 ? 93  ARG A N   1 
ATOM   704  C  CA  . ARG A 1 93  ? -10.128 -10.482 -8.887  1.00 17.30 ? 93  ARG A CA  1 
ATOM   705  C  C   . ARG A 1 93  ? -8.647  -10.762 -8.630  1.00 14.99 ? 93  ARG A C   1 
ATOM   706  O  O   . ARG A 1 93  ? -8.229  -11.016 -7.433  1.00 15.57 ? 93  ARG A O   1 
ATOM   707  C  CB  . ARG A 1 93  ? -10.406 -9.017  -9.214  1.00 16.72 ? 93  ARG A CB  1 
ATOM   708  C  CG  . ARG A 1 93  ? -9.685  -8.103  -8.254  1.00 15.62 ? 93  ARG A CG  1 
ATOM   709  C  CD  . ARG A 1 93  ? -10.020 -6.632  -8.366  1.00 17.57 ? 93  ARG A CD  1 
ATOM   710  N  NE  . ARG A 1 93  ? -9.024  -5.860  -7.620  1.00 16.90 ? 93  ARG A NE  1 
ATOM   711  C  CZ  . ARG A 1 93  ? -8.340  -4.816  -8.036  1.00 17.60 ? 93  ARG A CZ  1 
ATOM   712  N  NH1 . ARG A 1 93  ? -8.539  -4.243  -9.222  1.00 18.05 ? 93  ARG A NH1 1 
ATOM   713  N  NH2 . ARG A 1 93  ? -7.411  -4.350  -7.232  1.00 17.83 ? 93  ARG A NH2 1 
ATOM   714  N  N   . TYR A 1 94  ? -7.842  -10.704 -9.654  1.00 15.13 ? 94  TYR A N   1 
ATOM   715  C  CA  . TYR A 1 94  ? -6.377  -10.750 -9.528  1.00 15.67 ? 94  TYR A CA  1 
ATOM   716  C  C   . TYR A 1 94  ? -5.907  -9.344  -9.219  1.00 14.49 ? 94  TYR A C   1 
ATOM   717  O  O   . TYR A 1 94  ? -6.428  -8.354  -9.792  1.00 18.04 ? 94  TYR A O   1 
ATOM   718  C  CB  . TYR A 1 94  ? -5.721  -11.309 -10.782 1.00 16.06 ? 94  TYR A CB  1 
ATOM   719  C  CG  . TYR A 1 94  ? -5.793  -12.817 -10.795 1.00 17.50 ? 94  TYR A CG  1 
ATOM   720  C  CD1 . TYR A 1 94  ? -4.827  -13.528 -10.112 1.00 18.76 ? 94  TYR A CD1 1 
ATOM   721  C  CD2 . TYR A 1 94  ? -6.821  -13.511 -11.403 1.00 19.83 ? 94  TYR A CD2 1 
ATOM   722  C  CE1 . TYR A 1 94  ? -4.841  -14.900 -10.039 1.00 20.08 ? 94  TYR A CE1 1 
ATOM   723  C  CE2 . TYR A 1 94  ? -6.860  -14.911 -11.336 1.00 20.20 ? 94  TYR A CE2 1 
ATOM   724  C  CZ  . TYR A 1 94  ? -5.853  -15.591 -10.662 1.00 19.54 ? 94  TYR A CZ  1 
ATOM   725  O  OH  . TYR A 1 94  ? -5.842  -16.960 -10.561 1.00 23.40 ? 94  TYR A OH  1 
ATOM   726  N  N   . GLN A 1 95  ? -4.999  -9.234  -8.264  1.00 12.92 ? 95  GLN A N   1 
ATOM   727  C  CA  . GLN A 1 95  ? -4.322  -7.962  -7.945  1.00 12.49 ? 95  GLN A CA  1 
ATOM   728  C  C   . GLN A 1 95  ? -2.831  -8.159  -8.137  1.00 12.27 ? 95  GLN A C   1 
ATOM   729  O  O   . GLN A 1 95  ? -2.286  -9.217  -7.681  1.00 13.40 ? 95  GLN A O   1 
ATOM   730  C  CB  . GLN A 1 95  ? -4.642  -7.560  -6.520  1.00 12.65 ? 95  GLN A CB  1 
ATOM   731  C  CG  . GLN A 1 95  ? -4.036  -6.242  -6.129  1.00 14.23 ? 95  GLN A CG  1 
ATOM   732  C  CD  . GLN A 1 95  ? -4.710  -5.546  -4.967  1.00 13.43 ? 95  GLN A CD  1 
ATOM   733  O  OE1 . GLN A 1 95  ? -5.912  -5.598  -4.811  1.00 14.29 ? 95  GLN A OE1 1 
ATOM   734  N  NE2 . GLN A 1 95  ? -3.889  -4.907  -4.176  1.00 12.86 ? 95  GLN A NE2 1 
ATOM   735  N  N   . SER A 1 96  ? -2.139  -7.256  -8.790  1.00 11.88 ? 96  SER A N   1 
ATOM   736  C  CA  . SER A 1 96  ? -0.702  -7.334  -9.069  1.00 12.38 ? 96  SER A CA  1 
ATOM   737  C  C   . SER A 1 96  ? 0.091   -6.625  -7.968  1.00 11.63 ? 96  SER A C   1 
ATOM   738  O  O   . SER A 1 96  ? -0.454  -5.746  -7.245  1.00 11.12 ? 96  SER A O   1 
ATOM   739  C  CB  . SER A 1 96  ? -0.354  -6.803  -10.429 1.00 13.27 ? 96  SER A CB  1 
ATOM   740  O  OG  . SER A 1 96  ? -0.673  -5.422  -10.469 1.00 15.55 ? 96  SER A OG  1 
ATOM   741  N  N   . HIS A 1 97  ? 1.388   -6.892  -7.957  1.00 10.98 ? 97  HIS A N   1 
ATOM   742  C  CA  . HIS A 1 97  ? 2.351   -6.265  -7.020  1.00 10.73 ? 97  HIS A CA  1 
ATOM   743  C  C   . HIS A 1 97  ? 1.870   -6.351  -5.560  1.00 10.02 ? 97  HIS A C   1 
ATOM   744  O  O   . HIS A 1 97  ? 2.093   -5.417  -4.800  1.00 10.32 ? 97  HIS A O   1 
ATOM   745  C  CB  . HIS A 1 97  ? 2.582   -4.831  -7.470  1.00 11.74 ? 97  HIS A CB  1 
ATOM   746  C  CG  . HIS A 1 97  ? 3.164   -4.746  -8.835  1.00 12.69 ? 97  HIS A CG  1 
ATOM   747  N  ND1 . HIS A 1 97  ? 4.501   -4.604  -9.047  1.00 12.65 ? 97  HIS A ND1 1 
ATOM   748  C  CD2 . HIS A 1 97  ? 2.564   -4.743  -10.044 1.00 13.02 ? 97  HIS A CD2 1 
ATOM   749  C  CE1 . HIS A 1 97  ? 4.708   -4.538  -10.373 1.00 13.75 ? 97  HIS A CE1 1 
ATOM   750  N  NE2 . HIS A 1 97  ? 3.569   -4.652  -10.976 1.00 14.92 ? 97  HIS A NE2 1 
ATOM   751  N  N   . LEU A 1 98  ? 1.292   -7.478  -5.208  1.00 9.99  ? 98  LEU A N   1 
ATOM   752  C  CA  . LEU A 1 98  ? 0.692   -7.692  -3.884  1.00 9.80  ? 98  LEU A CA  1 
ATOM   753  C  C   . LEU A 1 98  ? 1.571   -8.614  -3.040  1.00 9.05  ? 98  LEU A C   1 
ATOM   754  O  O   . LEU A 1 98  ? 2.020   -9.671  -3.536  1.00 10.68 ? 98  LEU A O   1 
ATOM   755  C  CB  . LEU A 1 98  ? -0.701  -8.311  -4.027  1.00 10.52 ? 98  LEU A CB  1 
ATOM   756  C  CG  . LEU A 1 98  ? -1.479  -8.490  -2.736  1.00 11.21 ? 98  LEU A CG  1 
ATOM   757  C  CD1 . LEU A 1 98  ? -1.863  -7.175  -2.147  1.00 11.46 ? 98  LEU A CD1 1 
ATOM   758  C  CD2 . LEU A 1 98  ? -2.711  -9.361  -2.951  1.00 13.24 ? 98  LEU A CD2 1 
ATOM   759  N  N   . MET A 1 99  ? 1.789   -8.253  -1.789  1.00 8.59  ? 99  MET A N   1 
ATOM   760  C  CA  . MET A 1 99  ? 2.546   -9.052  -0.792  1.00 9.12  ? 99  MET A CA  1 
ATOM   761  C  C   . MET A 1 99  ? 1.564   -9.527  0.246   1.00 9.20  ? 99  MET A C   1 
ATOM   762  O  O   . MET A 1 99  ? 0.716   -8.737  0.659   1.00 10.51 ? 99  MET A O   1 
ATOM   763  C  CB  . MET A 1 99  ? 3.612   -8.152  -0.155  1.00 8.95  ? 99  MET A CB  1 
ATOM   764  C  CG  . MET A 1 99  ? 4.596   -7.647  -1.170  1.00 10.88 ? 99  MET A CG  1 
ATOM   765  S  SD  . MET A 1 99  ? 5.723   -6.355  -0.551  1.00 11.40 ? 99  MET A SD  1 
ATOM   766  C  CE  . MET A 1 99  ? 4.612   -4.974  -0.288  1.00 11.06 ? 99  MET A CE  1 
ATOM   767  N  N   . LEU A 1 100 ? 1.735   -10.745 0.739   1.00 8.55  ? 100 LEU A N   1 
ATOM   768  C  CA  . LEU A 1 100 ? 0.840   -11.273 1.784   1.00 8.99  ? 100 LEU A CA  1 
ATOM   769  C  C   . LEU A 1 100 ? 1.628   -11.582 3.040   1.00 8.51  ? 100 LEU A C   1 
ATOM   770  O  O   . LEU A 1 100 ? 2.773   -12.071 2.983   1.00 9.75  ? 100 LEU A O   1 
ATOM   771  C  CB  . LEU A 1 100 ? 0.197   -12.558 1.296   1.00 10.15 ? 100 LEU A CB  1 
ATOM   772  C  CG  . LEU A 1 100 ? -0.832  -12.387 0.190   1.00 11.82 ? 100 LEU A CG  1 
ATOM   773  C  CD1 . LEU A 1 100 ? -1.267  -13.764 -0.357  1.00 13.26 ? 100 LEU A CD1 1 
ATOM   774  C  CD2 . LEU A 1 100 ? -2.034  -11.577 0.653   1.00 13.28 ? 100 LEU A CD2 1 
ATOM   775  N  N   . ALA A 1 101 ? 0.993   -11.347 4.169   1.00 8.61  ? 101 ALA A N   1 
ATOM   776  C  CA  . ALA A 1 101 ? 1.462   -11.755 5.498   1.00 8.81  ? 101 ALA A CA  1 
ATOM   777  C  C   . ALA A 1 101 ? 0.314   -12.353 6.295   1.00 9.08  ? 101 ALA A C   1 
ATOM   778  O  O   . ALA A 1 101 ? -0.865  -12.097 5.971   1.00 9.55  ? 101 ALA A O   1 
ATOM   779  C  CB  . ALA A 1 101 ? 2.030   -10.576 6.252   1.00 8.85  ? 101 ALA A CB  1 
ATOM   780  N  N   . VAL A 1 102 ? 0.665   -13.116 7.308   1.00 9.07  ? 102 VAL A N   1 
ATOM   781  C  CA  . VAL A 1 102 ? -0.347  -13.610 8.277   1.00 9.28  ? 102 VAL A CA  1 
ATOM   782  C  C   . VAL A 1 102 ? -0.609  -12.504 9.292   1.00 9.24  ? 102 VAL A C   1 
ATOM   783  O  O   . VAL A 1 102 ? 0.309   -12.059 9.999   1.00 10.27 ? 102 VAL A O   1 
ATOM   784  C  CB  . VAL A 1 102 ? 0.120   -14.917 8.922   1.00 9.30  ? 102 VAL A CB  1 
ATOM   785  C  CG1 . VAL A 1 102 ? -0.896  -15.366 9.961   1.00 9.73  ? 102 VAL A CG1 1 
ATOM   786  C  CG2 . VAL A 1 102 ? 0.338   -15.989 7.875   1.00 9.40  ? 102 VAL A CG2 1 
ATOM   787  N  N   . GLY A 1 103 ? -1.848  -12.060 9.347   1.00 9.62  ? 103 GLY A N   1 
ATOM   788  C  CA  . GLY A 1 103 ? -2.204  -10.965 10.253  1.00 11.04 ? 103 GLY A CA  1 
ATOM   789  C  C   . GLY A 1 103 ? -3.617  -10.495 10.001  1.00 10.51 ? 103 GLY A C   1 
ATOM   790  O  O   . GLY A 1 103 ? -4.297  -10.992 9.105   1.00 11.37 ? 103 GLY A O   1 
ATOM   791  N  N   . HIS A 1 104 ? -4.035  -9.538  10.820  1.00 10.85 ? 104 HIS A N   1 
ATOM   792  C  CA  . HIS A 1 104 ? -5.414  -9.040  10.766  1.00 11.05 ? 104 HIS A CA  1 
ATOM   793  C  C   . HIS A 1 104 ? -5.508  -7.836  9.836   1.00 10.38 ? 104 HIS A C   1 
ATOM   794  O  O   . HIS A 1 104 ? -4.746  -6.865  9.957   1.00 10.31 ? 104 HIS A O   1 
ATOM   795  C  CB  . HIS A 1 104 ? -5.862  -8.675  12.190  1.00 11.16 ? 104 HIS A CB  1 
ATOM   796  C  CG  . HIS A 1 104 ? -7.288  -8.269  12.207  1.00 11.91 ? 104 HIS A CG  1 
ATOM   797  N  ND1 . HIS A 1 104 ? -8.289  -9.158  11.905  1.00 12.92 ? 104 HIS A ND1 1 
ATOM   798  C  CD2 . HIS A 1 104 ? -7.849  -7.054  12.342  1.00 12.59 ? 104 HIS A CD2 1 
ATOM   799  C  CE1 . HIS A 1 104 ? -9.437  -8.482  11.923  1.00 12.76 ? 104 HIS A CE1 1 
ATOM   800  N  NE2 . HIS A 1 104 ? -9.182  -7.253  12.200  1.00 13.39 ? 104 HIS A NE2 1 
ATOM   801  N  N   . SER A 1 105 ? -6.536  -7.863  8.982   1.00 10.18 ? 105 SER A N   1 
ATOM   802  C  CA  . SER A 1 105 ? -6.829  -6.759  8.062   1.00 10.23 ? 105 SER A CA  1 
ATOM   803  C  C   . SER A 1 105 ? -8.312  -6.767  7.760   1.00 10.96 ? 105 SER A C   1 
ATOM   804  O  O   . SER A 1 105 ? -8.789  -7.767  7.170   1.00 13.47 ? 105 SER A O   1 
ATOM   805  C  CB  . SER A 1 105 ? -5.979  -6.886  6.829   1.00 10.34 ? 105 SER A CB  1 
ATOM   806  O  OG  . SER A 1 105 ? -6.342  -5.868  5.911   1.00 11.62 ? 105 SER A OG  1 
ATOM   807  N  N   . GLU A 1 106 ? -8.953  -5.678  8.028   1.00 10.41 ? 106 GLU A N   1 
ATOM   808  C  CA  . GLU A 1 106 ? -10.356 -5.351  7.615   1.00 12.43 ? 106 GLU A CA  1 
ATOM   809  C  C   . GLU A 1 106 ? -10.329 -4.217  6.627   1.00 13.21 ? 106 GLU A C   1 
ATOM   810  O  O   . GLU A 1 106 ? -9.319  -3.509  6.479   1.00 13.39 ? 106 GLU A O   1 
ATOM   811  C  CB  . GLU A 1 106 ? -11.151 -4.864  8.833   1.00 15.94 ? 106 GLU A CB  1 
ATOM   812  C  CG  . GLU A 1 106 ? -11.290 -5.932  9.891   1.00 19.19 ? 106 GLU A CG  1 
ATOM   813  C  CD  . GLU A 1 106 ? -11.939 -5.467  11.205  1.00 17.17 ? 106 GLU A CD  1 
ATOM   814  O  OE1 . GLU A 1 106 ? -12.891 -4.631  11.156  1.00 24.47 ? 106 GLU A OE1 1 
ATOM   815  O  OE2 . GLU A 1 106 ? -11.518 -5.889  12.234  1.00 15.83 ? 106 GLU A OE2 1 
ATOM   816  N  N   . PRO A 1 107 ? -11.443 -3.919  5.899   1.00 14.98 ? 107 PRO A N   1 
ATOM   817  C  CA  . PRO A 1 107 ? -11.395 -2.912  4.838   1.00 14.76 ? 107 PRO A CA  1 
ATOM   818  C  C   . PRO A 1 107 ? -10.842 -1.559  5.278   1.00 14.52 ? 107 PRO A C   1 
ATOM   819  O  O   . PRO A 1 107 ? -10.005 -0.925  4.558   1.00 15.57 ? 107 PRO A O   1 
ATOM   820  C  CB  . PRO A 1 107 ? -12.878 -2.832  4.423   1.00 15.99 ? 107 PRO A CB  1 
ATOM   821  C  CG  . PRO A 1 107 ? -13.331 -4.248  4.578   1.00 16.41 ? 107 PRO A CG  1 
ATOM   822  C  CD  . PRO A 1 107 ? -12.707 -4.689  5.899   1.00 15.85 ? 107 PRO A CD  1 
ATOM   823  N  N   . GLY A 1 108 ? -11.245 -1.105  6.455   1.00 13.29 ? 108 GLY A N   1 
ATOM   824  C  CA  . GLY A 1 108 ? -10.808 0.193   6.935   1.00 13.74 ? 108 GLY A CA  1 
ATOM   825  C  C   . GLY A 1 108 ? -9.327  0.227   7.310   1.00 11.77 ? 108 GLY A C   1 
ATOM   826  O  O   . GLY A 1 108 ? -8.810  1.328   7.549   1.00 12.66 ? 108 GLY A O   1 
ATOM   827  N  N   . ASP A 1 109 ? -8.673  -0.941  7.374   1.00 11.16 ? 109 ASP A N   1 
ATOM   828  C  CA  . ASP A 1 109 ? -7.218  -0.970  7.589   1.00 9.73  ? 109 ASP A CA  1 
ATOM   829  C  C   . ASP A 1 109 ? -6.430  -0.554  6.344   1.00 9.80  ? 109 ASP A C   1 
ATOM   830  O  O   . ASP A 1 109 ? -5.222  -0.293  6.458   1.00 9.74  ? 109 ASP A O   1 
ATOM   831  C  CB  . ASP A 1 109 ? -6.793  -2.358  8.022   1.00 9.90  ? 109 ASP A CB  1 
ATOM   832  C  CG  . ASP A 1 109 ? -7.305  -2.667  9.421   1.00 9.82  ? 109 ASP A CG  1 
ATOM   833  O  OD1 . ASP A 1 109 ? -7.259  -1.710  10.243  1.00 11.60 ? 109 ASP A OD1 1 
ATOM   834  O  OD2 . ASP A 1 109 ? -7.668  -3.805  9.694   1.00 10.25 ? 109 ASP A OD2 1 
ATOM   835  N  N   . CYS A 1 110 ? -7.057  -0.481  5.191   1.00 9.69  ? 110 CYS A N   1 
ATOM   836  C  CA  . CYS A 1 110 ? -6.331  -0.089  3.978   1.00 9.40  ? 110 CYS A CA  1 
ATOM   837  C  C   . CYS A 1 110 ? -5.666  1.251   4.191   1.00 10.03 ? 110 CYS A C   1 
ATOM   838  O  O   . CYS A 1 110 ? -6.273  2.195   4.773   1.00 10.60 ? 110 CYS A O   1 
ATOM   839  C  CB  . CYS A 1 110 ? -7.295  -0.002  2.800   1.00 9.52  ? 110 CYS A CB  1 
ATOM   840  S  SG  . CYS A 1 110 ? -7.735  -1.620  2.126   1.00 11.67 ? 110 CYS A SG  1 
ATOM   841  N  N   . GLY A 1 111 ? -4.434  1.381   3.692   1.00 9.00  ? 111 GLY A N   1 
ATOM   842  C  CA  . GLY A 1 111 ? -3.667  2.618   3.821   1.00 9.03  ? 111 GLY A CA  1 
ATOM   843  C  C   . GLY A 1 111 ? -2.648  2.572   4.967   1.00 9.16  ? 111 GLY A C   1 
ATOM   844  O  O   . GLY A 1 111 ? -1.763  3.427   5.000   1.00 10.02 ? 111 GLY A O   1 
ATOM   845  N  N   . GLY A 1 112 ? -2.760  1.627   5.891   1.00 9.41  ? 112 GLY A N   1 
ATOM   846  C  CA  . GLY A 1 112 ? -1.737  1.475   6.918   1.00 8.58  ? 112 GLY A CA  1 
ATOM   847  C  C   . GLY A 1 112 ? -0.397  1.168   6.271   1.00 8.56  ? 112 GLY A C   1 
ATOM   848  O  O   . GLY A 1 112 ? -0.323  0.347   5.344   1.00 8.87  ? 112 GLY A O   1 
ATOM   849  N  N   . ILE A 1 113 ? 0.664   1.707   6.829   1.00 8.57  ? 113 ILE A N   1 
ATOM   850  C  CA  . ILE A 1 113 ? 2.016   1.516   6.249   1.00 8.58  ? 113 ILE A CA  1 
ATOM   851  C  C   . ILE A 1 113 ? 2.607   0.196   6.735   1.00 8.78  ? 113 ILE A C   1 
ATOM   852  O  O   . ILE A 1 113 ? 2.580   -0.121  7.929   1.00 9.01  ? 113 ILE A O   1 
ATOM   853  C  CB  . ILE A 1 113 ? 2.887   2.718   6.637   1.00 10.60 ? 113 ILE A CB  1 
ATOM   854  C  CG1 . ILE A 1 113 ? 2.507   3.867   5.698   1.00 13.20 ? 113 ILE A CG1 1 
ATOM   855  C  CG2 . ILE A 1 113 ? 4.395   2.436   6.569   1.00 10.56 ? 113 ILE A CG2 1 
ATOM   856  C  CD1 . ILE A 1 113 ? 3.163   5.188   6.033   1.00 15.29 ? 113 ILE A CD1 1 
ATOM   857  N  N   . LEU A 1 114 ? 3.274   -0.473  5.802   1.00 8.42  ? 114 LEU A N   1 
ATOM   858  C  CA  . LEU A 1 114 ? 4.266   -1.545  6.056   1.00 8.08  ? 114 LEU A CA  1 
ATOM   859  C  C   . LEU A 1 114 ? 5.637   -0.913  5.862   1.00 8.46  ? 114 LEU A C   1 
ATOM   860  O  O   . LEU A 1 114 ? 5.891   -0.291  4.810   1.00 8.90  ? 114 LEU A O   1 
ATOM   861  C  CB  . LEU A 1 114 ? 4.038   -2.667  5.034   1.00 8.54  ? 114 LEU A CB  1 
ATOM   862  C  CG  . LEU A 1 114 ? 5.090   -3.775  5.067   1.00 8.85  ? 114 LEU A CG  1 
ATOM   863  C  CD1 . LEU A 1 114 ? 5.064   -4.561  6.368   1.00 9.58  ? 114 LEU A CD1 1 
ATOM   864  C  CD2 . LEU A 1 114 ? 4.865   -4.719  3.871   1.00 8.97  ? 114 LEU A CD2 1 
ATOM   865  N  N   . ARG A 1 115 ? 6.516   -1.060  6.821   1.00 8.17  ? 115 ARG A N   1 
ATOM   866  C  CA  . ARG A 1 115 ? 7.881   -0.505  6.772   1.00 8.34  ? 115 ARG A CA  1 
ATOM   867  C  C   . ARG A 1 115 ? 8.906   -1.554  7.154   1.00 8.96  ? 115 ARG A C   1 
ATOM   868  O  O   . ARG A 1 115 ? 8.647   -2.434  7.969   1.00 9.07  ? 115 ARG A O   1 
ATOM   869  C  CB  . ARG A 1 115 ? 8.004   0.692   7.681   1.00 9.97  ? 115 ARG A CB  1 
ATOM   870  C  CG  . ARG A 1 115 ? 7.824   0.423   9.154   1.00 10.60 ? 115 ARG A CG  1 
ATOM   871  C  CD  . ARG A 1 115 ? 7.847   1.671   10.006  1.00 12.95 ? 115 ARG A CD  1 
ATOM   872  N  NE  . ARG A 1 115 ? 6.608   2.414   9.897   1.00 15.43 ? 115 ARG A NE  1 
ATOM   873  C  CZ  . ARG A 1 115 ? 6.492   3.691   9.493   1.00 16.79 ? 115 ARG A CZ  1 
ATOM   874  N  NH1 . ARG A 1 115 ? 7.532   4.359   9.008   1.00 20.77 ? 115 ARG A NH1 1 
ATOM   875  N  NH2 . ARG A 1 115 ? 5.314   4.281   9.516   1.00 20.41 ? 115 ARG A NH2 1 
ATOM   876  N  N   . CYS A 1 116 ? 10.085  -1.403  6.563   1.00 9.05  ? 116 CYS A N   1 
ATOM   877  C  CA  . CYS A 1 116 ? 11.275  -2.214  6.881   1.00 9.87  ? 116 CYS A CA  1 
ATOM   878  C  C   . CYS A 1 116 ? 12.361  -1.262  7.343   1.00 9.58  ? 116 CYS A C   1 
ATOM   879  O  O   . CYS A 1 116 ? 12.171  -0.061  7.401   1.00 10.68 ? 116 CYS A O   1 
ATOM   880  C  CB  . CYS A 1 116 ? 11.686  -3.049  5.666   1.00 9.78  ? 116 CYS A CB  1 
ATOM   881  S  SG  . CYS A 1 116 ? 12.299  -2.013  4.319   1.00 9.49  ? 116 CYS A SG  1 
ATOM   882  N  N   . GLN A 1 117 ? 13.546  -1.818  7.541   1.00 11.47 ? 117 GLN A N   1 
ATOM   883  C  CA  . GLN A 1 117 ? 14.714  -1.015  7.919   1.00 12.43 ? 117 GLN A CA  1 
ATOM   884  C  C   . GLN A 1 117 ? 15.041  0.041   6.867   1.00 11.94 ? 117 GLN A C   1 
ATOM   885  O  O   . GLN A 1 117 ? 15.696  1.029   7.190   1.00 14.90 ? 117 GLN A O   1 
ATOM   886  C  CB  . GLN A 1 117 ? 15.919  -1.916  8.191   1.00 13.67 ? 117 GLN A CB  1 
ATOM   887  C  CG  . GLN A 1 117 ? 16.470  -2.565  6.927   1.00 14.78 ? 117 GLN A CG  1 
ATOM   888  C  CD  . GLN A 1 117 ? 17.666  -3.453  7.149   1.00 19.05 ? 117 GLN A CD  1 
ATOM   889  O  OE1 . GLN A 1 117 ? 17.519  -4.647  7.412   1.00 25.26 ? 117 GLN A OE1 1 
ATOM   890  N  NE2 . GLN A 1 117 ? 18.823  -2.819  7.110   1.00 21.11 ? 117 GLN A NE2 1 
ATOM   891  N  N   . HIS A 1 118 ? 14.613  -0.093  5.629   1.00 11.14 ? 118 HIS A N   1 
ATOM   892  C  CA  . HIS A 1 118 ? 14.941  0.884   4.571   1.00 11.33 ? 118 HIS A CA  1 
ATOM   893  C  C   . HIS A 1 118 ? 13.875  1.967   4.352   1.00 11.82 ? 118 HIS A C   1 
ATOM   894  O  O   . HIS A 1 118 ? 14.102  2.888   3.522   1.00 13.73 ? 118 HIS A O   1 
ATOM   895  C  CB  . HIS A 1 118 ? 15.175  0.147   3.262   1.00 10.62 ? 118 HIS A CB  1 
ATOM   896  C  CG  . HIS A 1 118 ? 16.203  -0.917  3.340   1.00 10.57 ? 118 HIS A CG  1 
ATOM   897  N  ND1 . HIS A 1 118 ? 15.883  -2.238  3.476   1.00 10.50 ? 118 HIS A ND1 1 
ATOM   898  C  CD2 . HIS A 1 118 ? 17.564  -0.830  3.343   1.00 11.72 ? 118 HIS A CD2 1 
ATOM   899  C  CE1 . HIS A 1 118 ? 17.010  -2.959  3.564   1.00 11.50 ? 118 HIS A CE1 1 
ATOM   900  N  NE2 . HIS A 1 118 ? 18.034  -2.100  3.449   1.00 13.77 ? 118 HIS A NE2 1 
ATOM   901  N  N   . GLY A 1 119 ? 12.721  1.880   5.036   1.00 10.72 ? 119 GLY A N   1 
ATOM   902  C  CA  . GLY A 1 119 ? 11.616  2.834   4.855   1.00 10.35 ? 119 GLY A CA  1 
ATOM   903  C  C   . GLY A 1 119 ? 10.312  2.134   4.526   1.00 9.28  ? 119 GLY A C   1 
ATOM   904  O  O   . GLY A 1 119 ? 10.098  1.011   4.893   1.00 9.31  ? 119 GLY A O   1 
ATOM   905  N  N   . VAL A 1 120 ? 9.465   2.866   3.842   1.00 9.73  ? 120 VAL A N   1 
ATOM   906  C  CA  . VAL A 1 120 ? 8.088   2.410   3.555   1.00 9.31  ? 120 VAL A CA  1 
ATOM   907  C  C   . VAL A 1 120 ? 8.116   1.398   2.423   1.00 9.01  ? 120 VAL A C   1 
ATOM   908  O  O   . VAL A 1 120 ? 8.665   1.702   1.311   1.00 9.87  ? 120 VAL A O   1 
ATOM   909  C  CB  . VAL A 1 120 ? 7.174   3.597   3.227   1.00 10.20 ? 120 VAL A CB  1 
ATOM   910  C  CG1 . VAL A 1 120 ? 5.804   3.101   2.768   1.00 10.13 ? 120 VAL A CG1 1 
ATOM   911  C  CG2 . VAL A 1 120 ? 7.082   4.551   4.411   1.00 10.64 ? 120 VAL A CG2 1 
ATOM   912  N  N   . VAL A 1 121 ? 7.556   0.235   2.644   1.00 8.62  ? 121 VAL A N   1 
ATOM   913  C  CA  . VAL A 1 121 ? 7.483   -0.873  1.662   1.00 8.68  ? 121 VAL A CA  1 
ATOM   914  C  C   . VAL A 1 121 ? 6.215   -0.776  0.851   1.00 8.40  ? 121 VAL A C   1 
ATOM   915  O  O   . VAL A 1 121 ? 6.197   -1.082  -0.329  1.00 9.33  ? 121 VAL A O   1 
ATOM   916  C  CB  . VAL A 1 121 ? 7.582   -2.192  2.423   1.00 9.04  ? 121 VAL A CB  1 
ATOM   917  C  CG1 . VAL A 1 121 ? 7.385   -3.382  1.515   1.00 9.24  ? 121 VAL A CG1 1 
ATOM   918  C  CG2 . VAL A 1 121 ? 8.875   -2.310  3.194   1.00 10.81 ? 121 VAL A CG2 1 
ATOM   919  N  N   . GLY A 1 122 ? 5.096   -0.470  1.511   1.00 8.68  ? 122 GLY A N   1 
ATOM   920  C  CA  . GLY A 1 122 ? 3.780   -0.462  0.850   1.00 9.15  ? 122 GLY A CA  1 
ATOM   921  C  C   . GLY A 1 122 ? 2.693   -0.118  1.824   1.00 8.33  ? 122 GLY A C   1 
ATOM   922  O  O   . GLY A 1 122 ? 2.989   0.318   2.970   1.00 9.06  ? 122 GLY A O   1 
ATOM   923  N  N   . ILE A 1 123 ? 1.464   -0.269  1.380   1.00 8.22  ? 123 ILE A N   1 
ATOM   924  C  CA  . ILE A 1 123 ? 0.290   0.082   2.212   1.00 8.23  ? 123 ILE A CA  1 
ATOM   925  C  C   . ILE A 1 123 ? -0.658  -1.113  2.216   1.00 8.08  ? 123 ILE A C   1 
ATOM   926  O  O   . ILE A 1 123 ? -0.791  -1.841  1.204   1.00 8.32  ? 123 ILE A O   1 
ATOM   927  C  CB  . ILE A 1 123 ? -0.432  1.374   1.790   1.00 8.75  ? 123 ILE A CB  1 
ATOM   928  C  CG1 . ILE A 1 123 ? -0.769  1.372   0.290   1.00 9.58  ? 123 ILE A CG1 1 
ATOM   929  C  CG2 . ILE A 1 123 ? 0.367   2.592   2.220   1.00 9.58  ? 123 ILE A CG2 1 
ATOM   930  C  CD1 . ILE A 1 123 ? -1.651  2.548   -0.152  1.00 10.23 ? 123 ILE A CD1 1 
ATOM   931  N  N   . VAL A 1 124 ? -1.399  -1.266  3.287   1.00 7.66  ? 124 VAL A N   1 
ATOM   932  C  CA  . VAL A 1 124 ? -2.432  -2.323  3.370   1.00 8.31  ? 124 VAL A CA  1 
ATOM   933  C  C   . VAL A 1 124 ? -3.411  -2.115  2.234   1.00 8.04  ? 124 VAL A C   1 
ATOM   934  O  O   . VAL A 1 124 ? -3.908  -0.987  2.002   1.00 8.02  ? 124 VAL A O   1 
ATOM   935  C  CB  . VAL A 1 124 ? -3.159  -2.302  4.710   1.00 8.58  ? 124 VAL A CB  1 
ATOM   936  C  CG1 . VAL A 1 124 ? -4.335  -3.274  4.731   1.00 8.83  ? 124 VAL A CG1 1 
ATOM   937  C  CG2 . VAL A 1 124 ? -2.227  -2.573  5.866   1.00 8.50  ? 124 VAL A CG2 1 
ATOM   938  N  N   . SER A 1 125 ? -3.743  -3.187  1.543   1.00 8.37  ? 125 SER A N   1 
ATOM   939  C  CA  . SER A 1 125 ? -4.709  -3.192  0.433   1.00 9.37  ? 125 SER A CA  1 
ATOM   940  C  C   . SER A 1 125 ? -5.718  -4.330  0.484   1.00 9.91  ? 125 SER A C   1 
ATOM   941  O  O   . SER A 1 125 ? -6.801  -4.170  -0.123  1.00 10.81 ? 125 SER A O   1 
ATOM   942  C  CB  . SER A 1 125 ? -3.922  -3.211  -0.855  1.00 9.42  ? 125 SER A CB  1 
ATOM   943  O  OG  . SER A 1 125 ? -4.770  -3.257  -2.009  1.00 11.23 ? 125 SER A OG  1 
ATOM   944  N  N   . THR A 1 126 ? -5.396  -5.456  1.105   1.00 9.78  ? 126 THR A N   1 
ATOM   945  C  CA  . THR A 1 126 ? -6.331  -6.598  1.142   1.00 9.78  ? 126 THR A CA  1 
ATOM   946  C  C   . THR A 1 126 ? -6.387  -7.177  2.549   1.00 10.05 ? 126 THR A C   1 
ATOM   947  O  O   . THR A 1 126 ? -5.505  -6.912  3.385   1.00 9.42  ? 126 THR A O   1 
ATOM   948  C  CB  . THR A 1 126 ? -6.030  -7.732  0.139   1.00 10.43 ? 126 THR A CB  1 
ATOM   949  O  OG1 . THR A 1 126 ? -4.910  -8.481  0.628   1.00 10.61 ? 126 THR A OG1 1 
ATOM   950  C  CG2 . THR A 1 126 ? -5.708  -7.228  -1.251  1.00 10.60 ? 126 THR A CG2 1 
ATOM   951  N  N   . GLY A 1 127 ? -7.421  -7.967  2.813   1.00 10.16 ? 127 GLY A N   1 
ATOM   952  C  CA  . GLY A 1 127 ? -7.540  -8.665  4.082   1.00 11.22 ? 127 GLY A CA  1 
ATOM   953  C  C   . GLY A 1 127 ? -8.450  -9.857  3.959   1.00 11.68 ? 127 GLY A C   1 
ATOM   954  O  O   . GLY A 1 127 ? -8.745  -10.313 2.870   1.00 13.70 ? 127 GLY A O   1 
ATOM   955  N  N   . GLY A 1 128 ? -8.818  -10.408 5.083   1.00 12.98 ? 128 GLY A N   1 
ATOM   956  C  CA  . GLY A 1 128 ? -9.670  -11.614 5.146   1.00 13.72 ? 128 GLY A CA  1 
ATOM   957  C  C   . GLY A 1 128 ? -8.893  -12.894 5.313   1.00 13.60 ? 128 GLY A C   1 
ATOM   958  O  O   . GLY A 1 128 ? -7.725  -12.998 4.917   1.00 13.33 ? 128 GLY A O   1 
ATOM   959  N  N   . ASN A 1 129 ? -9.541  -13.910 5.874   1.00 14.69 ? 129 ASN A N   1 
ATOM   960  C  CA  . ASN A 1 129 ? -8.968  -15.278 5.993   1.00 15.35 ? 129 ASN A CA  1 
ATOM   961  C  C   . ASN A 1 129 ? -7.599  -15.235 6.655   1.00 13.06 ? 129 ASN A C   1 
ATOM   962  O  O   . ASN A 1 129 ? -6.716  -16.060 6.328   1.00 13.69 ? 129 ASN A O   1 
ATOM   963  C  CB  . ASN A 1 129 ? -8.879  -16.035 4.669   1.00 17.42 ? 129 ASN A CB  1 
ATOM   964  C  CG  . ASN A 1 129 ? -10.213 -16.447 4.088   1.00 23.07 ? 129 ASN A CG  1 
ATOM   965  O  OD1 . ASN A 1 129 ? -11.075 -16.941 4.824   1.00 26.37 ? 129 ASN A OD1 1 
ATOM   966  N  ND2 . ASN A 1 129 ? -10.366 -16.236 2.787   1.00 24.72 ? 129 ASN A ND2 1 
ATOM   967  N  N   . GLY A 1 130 ? -7.443  -14.348 7.632   1.00 12.45 ? 130 GLY A N   1 
ATOM   968  C  CA  . GLY A 1 130 ? -6.243  -14.322 8.477   1.00 11.24 ? 130 GLY A CA  1 
ATOM   969  C  C   . GLY A 1 130 ? -4.991  -13.813 7.774   1.00 10.77 ? 130 GLY A C   1 
ATOM   970  O  O   . GLY A 1 130 ? -3.946  -13.981 8.359   1.00 10.19 ? 130 GLY A O   1 
ATOM   971  N  N   . LEU A 1 131 ? -5.134  -13.198 6.608   1.00 10.93 ? 131 LEU A N   1 
ATOM   972  C  CA  . LEU A 1 131 ? -4.007  -12.588 5.900   1.00 9.98  ? 131 LEU A CA  1 
ATOM   973  C  C   . LEU A 1 131 ? -4.205  -11.075 5.833   1.00 9.91  ? 131 LEU A C   1 
ATOM   974  O  O   . LEU A 1 131 ? -5.357  -10.562 5.805   1.00 11.68 ? 131 LEU A O   1 
ATOM   975  C  CB  . LEU A 1 131 ? -3.790  -13.144 4.510   1.00 11.57 ? 131 LEU A CB  1 
ATOM   976  C  CG  . LEU A 1 131 ? -3.648  -14.653 4.370   1.00 11.62 ? 131 LEU A CG  1 
ATOM   977  C  CD1 . LEU A 1 131 ? -3.268  -14.981 2.920   1.00 12.99 ? 131 LEU A CD1 1 
ATOM   978  C  CD2 . LEU A 1 131 ? -2.611  -15.201 5.337   1.00 11.89 ? 131 LEU A CD2 1 
ATOM   979  N  N   . VAL A 1 132 ? -3.089  -10.385 5.678   1.00 9.74  ? 132 VAL A N   1 
ATOM   980  C  CA  . VAL A 1 132 ? -3.101  -8.964  5.292   1.00 9.24  ? 132 VAL A CA  1 
ATOM   981  C  C   . VAL A 1 132 ? -2.287  -8.870  4.018   1.00 9.57  ? 132 VAL A C   1 
ATOM   982  O  O   . VAL A 1 132 ? -1.165  -9.443  3.937   1.00 9.86  ? 132 VAL A O   1 
ATOM   983  C  CB  . VAL A 1 132 ? -2.536  -8.098  6.428   1.00 9.96  ? 132 VAL A CB  1 
ATOM   984  C  CG1 . VAL A 1 132 ? -1.233  -8.577  7.032   1.00 11.85 ? 132 VAL A CG1 1 
ATOM   985  C  CG2 . VAL A 1 132 ? -2.484  -6.644  5.993   1.00 10.03 ? 132 VAL A CG2 1 
ATOM   986  N  N   . GLY A 1 133 ? -2.807  -8.173  3.029   1.00 8.50  ? 133 GLY A N   1 
ATOM   987  C  CA  . GLY A 1 133 ? -2.108  -7.939  1.765   1.00 7.96  ? 133 GLY A CA  1 
ATOM   988  C  C   . GLY A 1 133 ? -1.692  -6.497  1.656   1.00 8.03  ? 133 GLY A C   1 
ATOM   989  O  O   . GLY A 1 133 ? -2.471  -5.599  2.026   1.00 9.54  ? 133 GLY A O   1 
ATOM   990  N  N   . PHE A 1 134 ? -0.528  -6.277  1.104   1.00 8.21  ? 134 PHE A N   1 
ATOM   991  C  CA  . PHE A 1 134 ? 0.080   -4.945  0.966   1.00 8.17  ? 134 PHE A CA  1 
ATOM   992  C  C   . PHE A 1 134 ? 0.427   -4.661  -0.484  1.00 8.56  ? 134 PHE A C   1 
ATOM   993  O  O   . PHE A 1 134 ? 0.996   -5.540  -1.174  1.00 8.95  ? 134 PHE A O   1 
ATOM   994  C  CB  . PHE A 1 134 ? 1.385   -4.844  1.742   1.00 8.20  ? 134 PHE A CB  1 
ATOM   995  C  CG  . PHE A 1 134 ? 1.293   -5.273  3.165   1.00 8.50  ? 134 PHE A CG  1 
ATOM   996  C  CD1 . PHE A 1 134 ? 0.865   -4.384  4.141   1.00 8.56  ? 134 PHE A CD1 1 
ATOM   997  C  CD2 . PHE A 1 134 ? 1.607   -6.583  3.536   1.00 9.26  ? 134 PHE A CD2 1 
ATOM   998  C  CE1 . PHE A 1 134 ? 0.782   -4.780  5.466   1.00 9.12  ? 134 PHE A CE1 1 
ATOM   999  C  CE2 . PHE A 1 134 ? 1.533   -6.959  4.881   1.00 9.51  ? 134 PHE A CE2 1 
ATOM   1000 C  CZ  . PHE A 1 134 ? 1.123   -6.046  5.837   1.00 9.35  ? 134 PHE A CZ  1 
ATOM   1001 N  N   . ALA A 1 135 ? 0.007   -3.494  -0.961  1.00 8.38  ? 135 ALA A N   1 
ATOM   1002 C  CA  . ALA A 1 135 ? 0.420   -2.993  -2.287  1.00 8.17  ? 135 ALA A CA  1 
ATOM   1003 C  C   . ALA A 1 135 ? 1.846   -2.489  -2.169  1.00 8.04  ? 135 ALA A C   1 
ATOM   1004 O  O   . ALA A 1 135 ? 2.092   -1.509  -1.483  1.00 8.99  ? 135 ALA A O   1 
ATOM   1005 C  CB  . ALA A 1 135 ? -0.521  -1.939  -2.721  1.00 8.20  ? 135 ALA A CB  1 
ATOM   1006 N  N   . ASP A 1 136 ? 2.765   -3.131  -2.905  1.00 8.57  ? 136 ASP A N   1 
ATOM   1007 C  CA  . ASP A 1 136 ? 4.172   -2.718  -2.917  1.00 8.74  ? 136 ASP A CA  1 
ATOM   1008 C  C   . ASP A 1 136 ? 4.325   -1.359  -3.594  1.00 8.65  ? 136 ASP A C   1 
ATOM   1009 O  O   . ASP A 1 136 ? 3.619   -1.094  -4.587  1.00 9.53  ? 136 ASP A O   1 
ATOM   1010 C  CB  . ASP A 1 136 ? 5.022   -3.732  -3.668  1.00 9.41  ? 136 ASP A CB  1 
ATOM   1011 C  CG  . ASP A 1 136 ? 6.491   -3.463  -3.629  1.00 10.06 ? 136 ASP A CG  1 
ATOM   1012 O  OD1 . ASP A 1 136 ? 7.027   -3.265  -2.575  1.00 10.73 ? 136 ASP A OD1 1 
ATOM   1013 O  OD2 . ASP A 1 136 ? 7.066   -3.346  -4.727  1.00 12.43 ? 136 ASP A OD2 1 
ATOM   1014 N  N   . VAL A 1 137 ? 5.273   -0.565  -3.128  1.00 8.49  ? 137 VAL A N   1 
ATOM   1015 C  CA  . VAL A 1 137 ? 5.656   0.688   -3.834  1.00 9.19  ? 137 VAL A CA  1 
ATOM   1016 C  C   . VAL A 1 137 ? 7.163   0.728   -4.101  1.00 9.19  ? 137 VAL A C   1 
ATOM   1017 O  O   . VAL A 1 137 ? 7.630   1.732   -4.642  1.00 10.00 ? 137 VAL A O   1 
ATOM   1018 C  CB  . VAL A 1 137 ? 5.217   1.928   -3.051  1.00 9.47  ? 137 VAL A CB  1 
ATOM   1019 C  CG1 . VAL A 1 137 ? 3.698   1.979   -2.925  1.00 10.23 ? 137 VAL A CG1 1 
ATOM   1020 C  CG2 . VAL A 1 137 ? 5.869   2.018   -1.694  1.00 10.06 ? 137 VAL A CG2 1 
ATOM   1021 N  N   . ARG A 1 138 ? 7.914   -0.304  -3.710  1.00 9.52  ? 138 ARG A N   1 
ATOM   1022 C  CA  . ARG A 1 138 ? 9.393   -0.219  -3.809  1.00 9.34  ? 138 ARG A CA  1 
ATOM   1023 C  C   . ARG A 1 138 ? 9.868   -0.228  -5.249  1.00 9.43  ? 138 ARG A C   1 
ATOM   1024 O  O   . ARG A 1 138 ? 11.030  0.174   -5.452  1.00 10.73 ? 138 ARG A O   1 
ATOM   1025 C  CB  . ARG A 1 138 ? 10.035  -1.353  -3.031  1.00 9.14  ? 138 ARG A CB  1 
ATOM   1026 C  CG  . ARG A 1 138 ? 9.737   -1.313  -1.539  1.00 9.14  ? 138 ARG A CG  1 
ATOM   1027 C  CD  . ARG A 1 138 ? 10.333  -2.542  -0.908  1.00 9.27  ? 138 ARG A CD  1 
ATOM   1028 N  NE  . ARG A 1 138 ? 9.581   -3.717  -1.274  1.00 9.54  ? 138 ARG A NE  1 
ATOM   1029 C  CZ  . ARG A 1 138 ? 9.795   -4.939  -0.839  1.00 9.08  ? 138 ARG A CZ  1 
ATOM   1030 N  NH1 . ARG A 1 138 ? 10.844  -5.210  -0.083  1.00 8.96  ? 138 ARG A NH1 1 
ATOM   1031 N  NH2 . ARG A 1 138 ? 8.910   -5.877  -1.120  1.00 9.60  ? 138 ARG A NH2 1 
ATOM   1032 N  N   . ASP A 1 139 ? 9.076   -0.685  -6.174  1.00 9.49  ? 139 ASP A N   1 
ATOM   1033 C  CA  . ASP A 1 139 ? 9.468   -0.631  -7.603  1.00 10.69 ? 139 ASP A CA  1 
ATOM   1034 C  C   . ASP A 1 139 ? 9.188   0.741   -8.211  1.00 11.94 ? 139 ASP A C   1 
ATOM   1035 O  O   . ASP A 1 139 ? 9.648   0.948   -9.372  1.00 14.03 ? 139 ASP A O   1 
ATOM   1036 C  CB  . ASP A 1 139 ? 8.755   -1.694  -8.415  1.00 11.90 ? 139 ASP A CB  1 
ATOM   1037 C  CG  . ASP A 1 139 ? 7.250   -1.522  -8.457  1.00 12.94 ? 139 ASP A CG  1 
ATOM   1038 O  OD1 . ASP A 1 139 ? 6.658   -1.120  -7.419  1.00 12.76 ? 139 ASP A OD1 1 
ATOM   1039 O  OD2 . ASP A 1 139 ? 6.672   -1.770  -9.524  1.00 15.60 ? 139 ASP A OD2 1 
ATOM   1040 N  N   . LEU A 1 140 ? 8.496   1.643   -7.528  1.00 10.93 ? 140 LEU A N   1 
ATOM   1041 C  CA  . LEU A 1 140 ? 8.112   2.932   -8.117  1.00 11.31 ? 140 LEU A CA  1 
ATOM   1042 C  C   . LEU A 1 140 ? 9.235   3.923   -7.847  1.00 11.74 ? 140 LEU A C   1 
ATOM   1043 O  O   . LEU A 1 140 ? 9.157   4.828   -7.017  1.00 11.81 ? 140 LEU A O   1 
ATOM   1044 C  CB  . LEU A 1 140 ? 6.774   3.350   -7.522  1.00 11.51 ? 140 LEU A CB  1 
ATOM   1045 C  CG  . LEU A 1 140 ? 5.605   2.395   -7.739  1.00 12.86 ? 140 LEU A CG  1 
ATOM   1046 C  CD1 . LEU A 1 140 ? 4.361   2.911   -7.022  1.00 12.52 ? 140 LEU A CD1 1 
ATOM   1047 C  CD2 . LEU A 1 140 ? 5.319   2.138   -9.207  1.00 13.69 ? 140 LEU A CD2 1 
ATOM   1048 N  N   . LEU A 1 141 ? 10.336  3.781   -8.621  1.00 12.17 ? 141 LEU A N   1 
ATOM   1049 C  CA  . LEU A 1 141 ? 11.569  4.549   -8.314  1.00 12.92 ? 141 LEU A CA  1 
ATOM   1050 C  C   . LEU A 1 141 ? 11.390  6.054   -8.534  1.00 12.98 ? 141 LEU A C   1 
ATOM   1051 O  O   . LEU A 1 141 ? 12.004  6.833   -7.868  1.00 14.86 ? 141 LEU A O   1 
ATOM   1052 C  CB  . LEU A 1 141 ? 12.739  4.050   -9.171  1.00 14.08 ? 141 LEU A CB  1 
ATOM   1053 C  CG  . LEU A 1 141 ? 13.052  2.564   -9.144  1.00 16.70 ? 141 LEU A CG  1 
ATOM   1054 C  CD1 . LEU A 1 141 ? 14.412  2.371   -9.789  1.00 18.06 ? 141 LEU A CD1 1 
ATOM   1055 C  CD2 . LEU A 1 141 ? 13.078  1.926   -7.765  1.00 15.91 ? 141 LEU A CD2 1 
ATOM   1056 N  N   . TRP A 1 142 ? 10.461  6.404   -9.434  1.00 12.85 ? 142 TRP A N   1 
ATOM   1057 C  CA  . TRP A 1 142 ? 10.161  7.811   -9.754  1.00 14.35 ? 142 TRP A CA  1 
ATOM   1058 C  C   . TRP A 1 142 ? 9.587   8.557   -8.549  1.00 14.47 ? 142 TRP A C   1 
ATOM   1059 O  O   . TRP A 1 142 ? 9.580   9.805   -8.535  1.00 16.18 ? 142 TRP A O   1 
ATOM   1060 C  CB  . TRP A 1 142 ? 9.273   7.846   -10.991 1.00 13.35 ? 142 TRP A CB  1 
ATOM   1061 C  CG  . TRP A 1 142 ? 7.974   7.097   -10.867 1.00 13.76 ? 142 TRP A CG  1 
ATOM   1062 C  CD1 . TRP A 1 142 ? 7.734   5.849   -11.351 1.00 14.40 ? 142 TRP A CD1 1 
ATOM   1063 C  CD2 . TRP A 1 142 ? 6.765   7.538   -10.214 1.00 14.00 ? 142 TRP A CD2 1 
ATOM   1064 N  NE1 . TRP A 1 142 ? 6.448   5.456   -11.051 1.00 15.60 ? 142 TRP A NE1 1 
ATOM   1065 C  CE2 . TRP A 1 142 ? 5.830   6.486   -10.394 1.00 15.03 ? 142 TRP A CE2 1 
ATOM   1066 C  CE3 . TRP A 1 142 ? 6.376   8.744   -9.624  1.00 14.49 ? 142 TRP A CE3 1 
ATOM   1067 C  CZ2 . TRP A 1 142 ? 4.533   6.589   -9.881  1.00 15.11 ? 142 TRP A CZ2 1 
ATOM   1068 C  CZ3 . TRP A 1 142 ? 5.093   8.832   -9.098  1.00 14.95 ? 142 TRP A CZ3 1 
ATOM   1069 C  CH2 . TRP A 1 142 ? 4.194   7.776   -9.274  1.00 15.46 ? 142 TRP A CH2 1 
ATOM   1070 N  N   . LEU A 1 143 ? 9.069   7.870   -7.532  1.00 14.22 ? 143 LEU A N   1 
ATOM   1071 C  CA  . LEU A 1 143 ? 8.558   8.560   -6.328  1.00 14.32 ? 143 LEU A CA  1 
ATOM   1072 C  C   . LEU A 1 143 ? 9.679   9.375   -5.654  1.00 16.65 ? 143 LEU A C   1 
ATOM   1073 O  O   . LEU A 1 143 ? 9.376   10.278  -4.864  1.00 16.89 ? 143 LEU A O   1 
ATOM   1074 C  CB  . LEU A 1 143 ? 7.991   7.574   -5.307  1.00 13.93 ? 143 LEU A CB  1 
ATOM   1075 C  CG  . LEU A 1 143 ? 6.647   6.943   -5.667  1.00 12.82 ? 143 LEU A CG  1 
ATOM   1076 C  CD1 . LEU A 1 143 ? 6.330   5.822   -4.699  1.00 13.68 ? 143 LEU A CD1 1 
ATOM   1077 C  CD2 . LEU A 1 143 ? 5.513   7.989   -5.674  1.00 13.95 ? 143 LEU A CD2 1 
ATOM   1078 N  N   . ASP A 1 144 ? 10.949  9.002   -5.903  1.00 16.99 ? 144 ASP A N   1 
ATOM   1079 C  CA  . ASP A 1 144 ? 12.102  9.553   -5.132  1.00 19.87 ? 144 ASP A CA  1 
ATOM   1080 C  C   . ASP A 1 144 ? 12.584  10.870  -5.715  1.00 22.21 ? 144 ASP A C   1 
ATOM   1081 O  O   . ASP A 1 144 ? 13.430  11.511  -5.022  1.00 24.06 ? 144 ASP A O   1 
ATOM   1082 C  CB  . ASP A 1 144 ? 13.289  8.597   -5.081  1.00 20.54 ? 144 ASP A CB  1 
ATOM   1083 C  CG  . ASP A 1 144 ? 13.039  7.340   -4.279  1.00 17.47 ? 144 ASP A CG  1 
ATOM   1084 O  OD1 . ASP A 1 144 ? 12.016  7.275   -3.551  1.00 20.44 ? 144 ASP A OD1 1 
ATOM   1085 O  OD2 . ASP A 1 144 ? 13.796  6.366   -4.461  1.00 21.39 ? 144 ASP A OD2 1 
ATOM   1086 N  N   . GLU A 1 145 ? 12.052  11.290  -6.863  1.00 25.32 ? 145 GLU A N   1 
ATOM   1087 C  CA  . GLU A 1 145 ? 12.467  12.563  -7.523  1.00 31.95 ? 145 GLU A CA  1 
ATOM   1088 C  C   . GLU A 1 145 ? 11.277  13.354  -8.076  1.00 32.74 ? 145 GLU A C   1 
ATOM   1089 O  O   . GLU A 1 145 ? 10.170  12.793  -8.172  1.00 26.51 ? 145 GLU A O   1 
ATOM   1090 C  CB  . GLU A 1 145 ? 13.398  12.232  -8.680  1.00 34.51 ? 145 GLU A CB  1 
ATOM   1091 C  CG  . GLU A 1 145 ? 12.706  11.452  -9.795  1.00 39.37 ? 145 GLU A CG  1 
ATOM   1092 C  CD  . GLU A 1 145 ? 13.457  10.226  -10.291 1.00 45.96 ? 145 GLU A CD  1 
ATOM   1093 O  OE1 . GLU A 1 145 ? 12.940  9.532   -11.212 1.00 49.51 ? 145 GLU A OE1 1 
ATOM   1094 O  OE2 . GLU A 1 145 ? 14.547  9.962   -9.756  1.00 57.39 ? 145 GLU A OE2 1 
ATOM   1095 N  N   . GLU A 1 146 ? 11.535  14.608  -8.457  1.00 38.72 ? 146 GLU A N   1 
ATOM   1096 C  CA  . GLU A 1 146 ? 10.717  15.395  -9.424  1.00 45.91 ? 146 GLU A CA  1 
ATOM   1097 C  C   . GLU A 1 146 ? 9.324   15.627  -8.830  1.00 54.73 ? 146 GLU A C   1 
ATOM   1098 O  O   . GLU A 1 146 ? 8.583   16.531  -9.223  1.00 63.75 ? 146 GLU A O   1 
ATOM   1099 C  CB  . GLU A 1 146 ? 10.716  14.666  -10.775 1.00 44.42 ? 146 GLU A CB  1 
ATOM   1100 C  CG  . GLU A 1 146 ? 9.354   14.550  -11.443 1.00 49.40 ? 146 GLU A CG  1 
ATOM   1101 C  CD  . GLU A 1 146 ? 8.958   15.630  -12.436 1.00 55.51 ? 146 GLU A CD  1 
ATOM   1102 O  OE1 . GLU A 1 146 ? 7.854   15.499  -13.015 1.00 52.51 ? 146 GLU A OE1 1 
ATOM   1103 O  OE2 . GLU A 1 146 ? 9.745   16.590  -12.646 1.00 55.91 ? 146 GLU A OE2 1 
HETATM 1104 N  N1  . UVS B 2 .   ? -3.594  13.277  -15.532 0.46 30.29 ? 201 UVS A N1  1 
HETATM 1105 N  N   . UVS B 2 .   ? -3.615  11.956  -15.998 0.46 30.85 ? 201 UVS A N   1 
HETATM 1106 C  C   . UVS B 2 .   ? -3.244  8.359   -17.669 0.46 30.57 ? 201 UVS A C   1 
HETATM 1107 O  O   . UVS B 2 .   ? -3.478  9.402   -16.727 0.46 30.85 ? 201 UVS A O   1 
HETATM 1108 C  C1  . UVS B 2 .   ? -2.277  9.888   -16.140 0.46 30.59 ? 201 UVS A C1  1 
HETATM 1109 C  C2  . UVS B 2 .   ? -2.532  11.303  -15.742 0.46 30.07 ? 201 UVS A C2  1 
HETATM 1110 C  C3  . UVS B 2 .   ? -2.468  13.567  -14.923 0.46 30.61 ? 201 UVS A C3  1 
HETATM 1111 N  N2  . UVS B 2 .   ? -2.203  14.754  -14.364 0.46 31.07 ? 201 UVS A N2  1 
HETATM 1112 S  S   . UVS B 2 .   ? -1.336  12.241  -14.878 0.46 28.99 ? 201 UVS A S   1 
HETATM 1113 ZN ZN  . ZN  C 3 .   ? 14.019  -3.147  3.306   1.00 9.84  ? 202 ZN  A ZN  1 
HETATM 1114 S  S   . DMS D 4 .   ? 13.468  5.555   6.826   1.00 27.31 ? 203 DMS A S   1 
HETATM 1115 O  O   . DMS D 4 .   ? 13.939  6.774   7.663   1.00 34.09 ? 203 DMS A O   1 
HETATM 1116 C  C1  . DMS D 4 .   ? 14.190  4.157   7.669   1.00 24.60 ? 203 DMS A C1  1 
HETATM 1117 C  C2  . DMS D 4 .   ? 11.814  5.364   7.332   1.00 23.67 ? 203 DMS A C2  1 
HETATM 1118 S  S   . DMS E 4 .   ? -4.174  -1.082  -14.684 1.00 27.45 ? 204 DMS A S   1 
HETATM 1119 O  O   . DMS E 4 .   ? -5.122  -1.901  -13.881 1.00 23.33 ? 204 DMS A O   1 
HETATM 1120 C  C1  . DMS E 4 .   ? -2.952  -2.231  -15.289 1.00 25.56 ? 204 DMS A C1  1 
HETATM 1121 C  C2  . DMS E 4 .   ? -4.997  -0.744  -16.234 1.00 25.82 ? 204 DMS A C2  1 
HETATM 1122 S  S   . DMS F 4 .   ? -1.381  6.084   13.133  1.00 57.76 ? 205 DMS A S   1 
HETATM 1123 O  O   . DMS F 4 .   ? -1.504  5.975   14.628  1.00 56.89 ? 205 DMS A O   1 
HETATM 1124 C  C1  . DMS F 4 .   ? -0.362  7.516   12.828  1.00 57.95 ? 205 DMS A C1  1 
HETATM 1125 C  C2  . DMS F 4 .   ? -0.190  4.868   12.668  1.00 50.67 ? 205 DMS A C2  1 
HETATM 1126 S  S   . DMS G 4 .   ? -0.794  -13.644 13.338  1.00 30.32 ? 206 DMS A S   1 
HETATM 1127 O  O   . DMS G 4 .   ? -2.219  -13.413 12.924  1.00 28.26 ? 206 DMS A O   1 
HETATM 1128 C  C1  . DMS G 4 .   ? -0.523  -12.682 14.801  1.00 29.00 ? 206 DMS A C1  1 
HETATM 1129 C  C2  . DMS G 4 .   ? -0.739  -15.240 14.107  1.00 28.33 ? 206 DMS A C2  1 
HETATM 1130 S  S   . DMS H 4 .   ? -17.247 -3.081  -4.850  1.00 27.59 ? 207 DMS A S   1 
HETATM 1131 O  O   . DMS H 4 .   ? -16.994 -2.252  -6.097  1.00 34.28 ? 207 DMS A O   1 
HETATM 1132 C  C1  . DMS H 4 .   ? -19.014 -3.164  -4.724  1.00 28.90 ? 207 DMS A C1  1 
HETATM 1133 C  C2  . DMS H 4 .   ? -16.962 -4.719  -5.333  1.00 25.23 ? 207 DMS A C2  1 
HETATM 1134 O  O   . HOH I 5 .   ? -12.985 -2.560  10.451  1.00 31.03 ? 301 HOH A O   1 
HETATM 1135 O  O   . HOH I 5 .   ? -5.619  -18.623 -12.000 1.00 36.78 ? 302 HOH A O   1 
HETATM 1136 O  O   . HOH I 5 .   ? 11.861  19.458  2.278   1.00 48.52 ? 303 HOH A O   1 
HETATM 1137 O  O   . HOH I 5 .   ? -8.653  -11.915 1.125   1.00 10.90 ? 304 HOH A O   1 
HETATM 1138 O  O   . HOH I 5 .   ? 4.645   23.014  -3.489  1.00 44.52 ? 305 HOH A O   1 
HETATM 1139 O  O   . HOH I 5 .   ? -6.205  -4.107  20.040  1.00 21.11 ? 306 HOH A O   1 
HETATM 1140 O  O   . HOH I 5 .   ? 5.996   -14.280 -4.699  1.00 34.36 ? 307 HOH A O   1 
HETATM 1141 O  O   . HOH I 5 .   ? 7.036   16.053  -7.355  1.00 31.03 ? 308 HOH A O   1 
HETATM 1142 O  O   . HOH I 5 .   ? -10.805 -0.367  -10.335 1.00 27.62 ? 309 HOH A O   1 
HETATM 1143 O  O   . HOH I 5 .   ? 5.335   12.108  6.253   1.00 20.72 ? 310 HOH A O   1 
HETATM 1144 O  O   . HOH I 5 .   ? -3.525  3.826   16.951  1.00 33.99 ? 311 HOH A O   1 
HETATM 1145 O  O   . HOH I 5 .   ? -5.874  4.432   13.628  1.00 19.66 ? 312 HOH A O   1 
HETATM 1146 O  O   . HOH I 5 .   ? -3.229  11.237  5.324   1.00 29.06 ? 313 HOH A O   1 
HETATM 1147 O  O   . HOH I 5 .   ? -4.013  6.390   -15.864 1.00 23.19 ? 314 HOH A O   1 
HETATM 1148 O  O   . HOH I 5 .   ? -12.445 6.586   -4.106  1.00 32.90 ? 315 HOH A O   1 
HETATM 1149 O  O   . HOH I 5 .   ? 2.412   8.750   5.902   1.00 19.44 ? 316 HOH A O   1 
HETATM 1150 O  O   . HOH I 5 .   ? -3.310  -7.849  19.141  1.00 22.70 ? 317 HOH A O   1 
HETATM 1151 O  O   . HOH I 5 .   ? 14.799  -10.700 1.531   1.00 37.53 ? 318 HOH A O   1 
HETATM 1152 O  O   . HOH I 5 .   ? 11.344  15.635  -0.199  1.00 30.94 ? 319 HOH A O   1 
HETATM 1153 O  O   . HOH I 5 .   ? -15.249 -12.737 -0.018  1.00 31.15 ? 320 HOH A O   1 
HETATM 1154 O  O   . HOH I 5 .   ? -3.296  0.135   21.091  1.00 33.37 ? 321 HOH A O   1 
HETATM 1155 O  O   . HOH I 5 .   ? -8.271  8.848   0.871   1.00 32.79 ? 322 HOH A O   1 
HETATM 1156 O  O   . HOH I 5 .   ? -5.431  -6.408  20.664  1.00 22.91 ? 323 HOH A O   1 
HETATM 1157 O  O   . HOH I 5 .   ? -5.450  4.807   1.202   1.00 12.18 ? 324 HOH A O   1 
HETATM 1158 O  O   . HOH I 5 .   ? -14.961 -13.974 -3.378  1.00 18.52 ? 325 HOH A O   1 
HETATM 1159 O  O   . HOH I 5 .   ? 8.432   -10.602 -6.907  1.00 28.05 ? 326 HOH A O   1 
HETATM 1160 O  O   . HOH I 5 .   ? -10.942 0.363   2.284   1.00 15.75 ? 327 HOH A O   1 
HETATM 1161 O  O   . HOH I 5 .   ? 11.085  -8.319  -3.206  1.00 17.74 ? 328 HOH A O   1 
HETATM 1162 O  O   . HOH I 5 .   ? -7.985  -7.767  -11.887 1.00 31.63 ? 329 HOH A O   1 
HETATM 1163 O  O   . HOH I 5 .   ? 2.863   -12.306 -2.965  1.00 14.51 ? 330 HOH A O   1 
HETATM 1164 O  O   . HOH I 5 .   ? -10.331 8.738   1.257   1.00 23.83 ? 331 HOH A O   1 
HETATM 1165 O  O   . HOH I 5 .   ? 2.940   16.054  1.785   1.00 19.20 ? 332 HOH A O   1 
HETATM 1166 O  O   . HOH I 5 .   ? 9.743   12.519  1.712   1.00 18.46 ? 333 HOH A O   1 
HETATM 1167 O  O   . HOH I 5 .   ? 16.412  4.264   3.528   1.00 22.69 ? 334 HOH A O   1 
HETATM 1168 O  O   . HOH I 5 .   ? -19.736 -3.765  -0.979  1.00 37.81 ? 335 HOH A O   1 
HETATM 1169 O  O   . HOH I 5 .   ? -2.737  15.299  -3.299  1.00 27.15 ? 336 HOH A O   1 
HETATM 1170 O  O   . HOH I 5 .   ? 9.955   12.904  -4.663  1.00 34.57 ? 337 HOH A O   1 
HETATM 1171 O  O   . HOH I 5 .   ? -5.990  1.688   -13.867 1.00 19.00 ? 338 HOH A O   1 
HETATM 1172 O  O   . HOH I 5 .   ? 2.258   -12.995 11.627  1.00 19.37 ? 339 HOH A O   1 
HETATM 1173 O  O   . HOH I 5 .   ? -5.510  15.068  -2.331  1.00 25.73 ? 340 HOH A O   1 
HETATM 1174 O  O   . HOH I 5 .   ? 6.322   -4.578  -7.043  1.00 16.63 ? 341 HOH A O   1 
HETATM 1175 O  O   . HOH I 5 .   ? -7.983  3.015   14.562  1.00 21.89 ? 342 HOH A O   1 
HETATM 1176 O  O   . HOH I 5 .   ? 11.608  9.515   6.151   1.00 18.01 ? 343 HOH A O   1 
HETATM 1177 O  O   . HOH I 5 .   ? 2.509   -10.490 13.683  1.00 22.03 ? 344 HOH A O   1 
HETATM 1178 O  O   . HOH I 5 .   ? -13.579 -9.333  -10.984 1.00 22.05 ? 345 HOH A O   1 
HETATM 1179 O  O   . HOH I 5 .   ? 10.416  15.876  2.234   1.00 32.90 ? 346 HOH A O   1 
HETATM 1180 O  O   . HOH I 5 .   ? 16.451  6.769   -3.978  1.00 23.52 ? 347 HOH A O   1 
HETATM 1181 O  O   . HOH I 5 .   ? -4.386  2.911   8.870   1.00 15.69 ? 348 HOH A O   1 
HETATM 1182 O  O   . HOH I 5 .   ? -7.893  -11.772 11.217  1.00 26.46 ? 349 HOH A O   1 
HETATM 1183 O  O   . HOH I 5 .   ? -7.845  14.574  -0.804  1.00 24.96 ? 350 HOH A O   1 
HETATM 1184 O  O   . HOH I 5 .   ? 9.570   -4.375  -5.176  1.00 12.33 ? 351 HOH A O   1 
HETATM 1185 O  O   . HOH I 5 .   ? -13.042 9.727   -5.628  1.00 19.82 ? 352 HOH A O   1 
HETATM 1186 O  O   . HOH I 5 .   ? 11.491  -5.662  -3.783  1.00 12.65 ? 353 HOH A O   1 
HETATM 1187 O  O   . HOH I 5 .   ? -14.224 0.558   -4.695  1.00 19.45 ? 354 HOH A O   1 
HETATM 1188 O  O   . HOH I 5 .   ? -6.493  -16.251 -2.819  1.00 17.03 ? 355 HOH A O   1 
HETATM 1189 O  O   . HOH I 5 .   ? 3.425   -13.730 7.878   1.00 10.41 ? 356 HOH A O   1 
HETATM 1190 O  O   . HOH I 5 .   ? 12.024  7.876   -0.862  1.00 15.51 ? 357 HOH A O   1 
HETATM 1191 O  O   . HOH I 5 .   ? -4.277  0.097   9.064   1.00 10.26 ? 358 HOH A O   1 
HETATM 1192 O  O   . HOH I 5 .   ? 8.407   15.038  -5.194  1.00 27.00 ? 359 HOH A O   1 
HETATM 1193 O  O   . HOH I 5 .   ? -13.386 13.174  -9.506  1.00 17.40 ? 360 HOH A O   1 
HETATM 1194 O  O   . HOH I 5 .   ? 6.394   11.987  -11.521 1.00 33.32 ? 361 HOH A O   1 
HETATM 1195 O  O   . HOH I 5 .   ? -6.186  15.223  -13.095 1.00 21.11 ? 362 HOH A O   1 
HETATM 1196 O  O   . HOH I 5 .   ? -1.029  -4.145  -5.062  1.00 14.06 ? 363 HOH A O   1 
HETATM 1197 O  O   . HOH I 5 .   ? -4.713  17.450  -13.181 1.00 23.29 ? 364 HOH A O   1 
HETATM 1198 O  O   . HOH I 5 .   ? 7.688   7.345   8.113   1.00 29.57 ? 365 HOH A O   1 
HETATM 1199 O  O   . HOH I 5 .   ? 4.170   14.164  0.328   1.00 17.03 ? 366 HOH A O   1 
HETATM 1200 O  O   . HOH I 5 .   ? -8.766  -17.599 -1.964  1.00 16.39 ? 367 HOH A O   1 
HETATM 1201 O  O   . HOH I 5 .   ? 7.160   -0.358  -11.864 1.00 25.94 ? 368 HOH A O   1 
HETATM 1202 O  O   . HOH I 5 .   ? 7.152   21.446  2.127   1.00 24.67 ? 369 HOH A O   1 
HETATM 1203 O  O   . HOH I 5 .   ? 7.814   -4.021  -10.691 1.00 28.48 ? 370 HOH A O   1 
HETATM 1204 O  O   . HOH I 5 .   ? -6.789  -13.083 2.298   1.00 14.71 ? 371 HOH A O   1 
HETATM 1205 O  O   . HOH I 5 .   ? 15.982  1.778   9.856   1.00 21.08 ? 372 HOH A O   1 
HETATM 1206 O  O   . HOH I 5 .   ? -14.733 -6.965  2.928   1.00 26.51 ? 373 HOH A O   1 
HETATM 1207 O  O   . HOH I 5 .   ? -12.188 -13.566 6.690   1.00 28.77 ? 374 HOH A O   1 
HETATM 1208 O  O   . HOH I 5 .   ? -7.106  -10.588 7.982   1.00 15.59 ? 375 HOH A O   1 
HETATM 1209 O  O   . HOH I 5 .   ? 14.816  10.972  -2.655  1.00 41.33 ? 376 HOH A O   1 
HETATM 1210 O  O   . HOH I 5 .   ? 2.096   12.201  -14.366 1.00 31.70 ? 377 HOH A O   1 
HETATM 1211 O  O   . HOH I 5 .   ? -13.568 -1.686  7.901   1.00 19.21 ? 378 HOH A O   1 
HETATM 1212 O  O   . HOH I 5 .   ? 9.369   -8.130  11.323  1.00 29.17 ? 379 HOH A O   1 
HETATM 1213 O  O   . HOH I 5 .   ? -4.088  -14.460 11.114  1.00 14.26 ? 380 HOH A O   1 
HETATM 1214 O  O   . HOH I 5 .   ? -10.059 1.667   -7.487  1.00 17.12 ? 381 HOH A O   1 
HETATM 1215 O  O   . HOH I 5 .   ? -11.101 6.218   -6.824  1.00 21.19 ? 382 HOH A O   1 
HETATM 1216 O  O   . HOH I 5 .   ? -10.322 -10.419 0.120   1.00 15.35 ? 383 HOH A O   1 
HETATM 1217 O  O   . HOH I 5 .   ? 17.141  -8.907  -5.174  1.00 26.17 ? 384 HOH A O   1 
HETATM 1218 O  O   . HOH I 5 .   ? -10.668 -9.669  8.034   1.00 28.21 ? 385 HOH A O   1 
HETATM 1219 O  O   . HOH I 5 .   ? 9.753   -8.543  -0.824  1.00 14.30 ? 386 HOH A O   1 
HETATM 1220 O  O   . HOH I 5 .   ? 1.305   -2.217  -5.724  1.00 11.48 ? 387 HOH A O   1 
HETATM 1221 O  O   . HOH I 5 .   ? 6.009   -11.867 13.594  1.00 35.72 ? 388 HOH A O   1 
HETATM 1222 O  O   . HOH I 5 .   ? -3.796  14.696  2.538   1.00 31.17 ? 389 HOH A O   1 
HETATM 1223 O  O   . HOH I 5 .   ? -0.551  5.614   6.294   1.00 18.06 ? 390 HOH A O   1 
HETATM 1224 O  O   . HOH I 5 .   ? -10.585 3.670   5.631   1.00 21.43 ? 391 HOH A O   1 
HETATM 1225 O  O   . HOH I 5 .   ? -13.949 2.514   -1.681  1.00 40.62 ? 392 HOH A O   1 
HETATM 1226 O  O   . HOH I 5 .   ? -9.335  -3.416  -12.885 1.00 29.16 ? 393 HOH A O   1 
HETATM 1227 O  O   . HOH I 5 .   ? 13.235  -1.417  -4.702  1.00 11.21 ? 394 HOH A O   1 
HETATM 1228 O  O   . HOH I 5 .   ? -8.485  4.313   -14.679 1.00 20.01 ? 395 HOH A O   1 
HETATM 1229 O  O   . HOH I 5 .   ? -17.583 -6.992  -3.741  1.00 29.67 ? 396 HOH A O   1 
HETATM 1230 O  O   . HOH I 5 .   ? -5.702  -17.489 4.115   1.00 15.08 ? 397 HOH A O   1 
HETATM 1231 O  O   . HOH I 5 .   ? 5.333   3.388   -12.616 1.00 27.28 ? 398 HOH A O   1 
HETATM 1232 O  O   . HOH I 5 .   ? 4.198   16.236  -7.420  1.00 26.08 ? 399 HOH A O   1 
HETATM 1233 O  O   . HOH I 5 .   ? 11.602  0.199   10.167  1.00 23.43 ? 400 HOH A O   1 
HETATM 1234 O  O   . HOH I 5 .   ? -6.802  20.374  -10.585 1.00 25.28 ? 401 HOH A O   1 
HETATM 1235 O  O   . HOH I 5 .   ? 9.740   21.408  2.907   1.00 16.96 ? 402 HOH A O   1 
HETATM 1236 O  O   . HOH I 5 .   ? -5.975  -11.107 0.438   1.00 14.96 ? 403 HOH A O   1 
HETATM 1237 O  O   . HOH I 5 .   ? -7.696  -4.792  -2.745  1.00 14.16 ? 404 HOH A O   1 
HETATM 1238 O  O   . HOH I 5 .   ? -8.715  -16.120 0.479   1.00 16.26 ? 405 HOH A O   1 
HETATM 1239 O  O   . HOH I 5 .   ? -5.938  8.331   7.737   1.00 30.90 ? 406 HOH A O   1 
HETATM 1240 O  O   . HOH I 5 .   ? 14.069  -9.808  4.692   1.00 23.00 ? 407 HOH A O   1 
HETATM 1241 O  O   . HOH I 5 .   ? 17.533  -5.770  -0.130  1.00 16.10 ? 408 HOH A O   1 
HETATM 1242 O  O   . HOH I 5 .   ? 0.074   -3.543  -13.046 1.00 38.52 ? 409 HOH A O   1 
HETATM 1243 O  O   . HOH I 5 .   ? 2.813   -6.091  18.056  1.00 22.34 ? 410 HOH A O   1 
HETATM 1244 O  O   . HOH I 5 .   ? -11.622 15.838  -2.770  1.00 19.13 ? 411 HOH A O   1 
HETATM 1245 O  O   . HOH I 5 .   ? 2.853   -8.645  -9.678  1.00 17.47 ? 412 HOH A O   1 
HETATM 1246 O  O   . HOH I 5 .   ? -5.535  -13.300 -1.429  1.00 14.31 ? 413 HOH A O   1 
HETATM 1247 O  O   . HOH I 5 .   ? -8.521  -7.124  -5.099  1.00 19.97 ? 414 HOH A O   1 
HETATM 1248 O  O   . HOH I 5 .   ? 4.166   0.712   10.169  1.00 16.69 ? 415 HOH A O   1 
HETATM 1249 O  O   . HOH I 5 .   ? 11.026  -15.526 -1.215  1.00 28.38 ? 416 HOH A O   1 
HETATM 1250 O  O   . HOH I 5 .   ? -11.933 -7.778  14.442  1.00 16.12 ? 417 HOH A O   1 
HETATM 1251 O  O   . HOH I 5 .   ? -10.820 -8.200  -3.966  1.00 14.45 ? 418 HOH A O   1 
HETATM 1252 O  O   . HOH I 5 .   ? 8.056   -14.512 -2.025  1.00 17.08 ? 419 HOH A O   1 
HETATM 1253 O  O   . HOH I 5 .   ? 0.291   19.429  0.971   1.00 25.99 ? 420 HOH A O   1 
HETATM 1254 O  O   . HOH I 5 .   ? -5.804  -9.614  16.261  1.00 23.92 ? 421 HOH A O   1 
HETATM 1255 O  O   . HOH I 5 .   ? 9.863   16.997  -4.443  1.00 39.41 ? 422 HOH A O   1 
HETATM 1256 O  O   . HOH I 5 .   ? 9.986   6.692   6.099   1.00 23.34 ? 423 HOH A O   1 
HETATM 1257 O  O   . HOH I 5 .   ? -12.488 -10.335 1.814   1.00 23.25 ? 424 HOH A O   1 
HETATM 1258 O  O   . HOH I 5 .   ? 10.305  3.525   8.789   1.00 34.00 ? 425 HOH A O   1 
HETATM 1259 O  O   . HOH I 5 .   ? 3.252   -13.146 -10.012 1.00 27.23 ? 426 HOH A O   1 
HETATM 1260 O  O   . HOH I 5 .   ? -3.387  2.467   -15.472 1.00 40.80 ? 427 HOH A O   1 
HETATM 1261 O  O   . HOH I 5 .   ? 20.437  -3.697  3.070   1.00 31.32 ? 428 HOH A O   1 
HETATM 1262 O  O   . HOH I 5 .   ? -13.589 -5.025  14.098  1.00 15.23 ? 429 HOH A O   1 
HETATM 1263 O  O   . HOH I 5 .   ? -8.289  -0.534  20.826  1.00 13.34 ? 430 HOH A O   1 
HETATM 1264 O  O   . HOH I 5 .   ? -9.987  -6.349  -1.911  1.00 15.05 ? 431 HOH A O   1 
HETATM 1265 O  O   . HOH I 5 .   ? -7.894  3.520   9.330   1.00 23.43 ? 432 HOH A O   1 
HETATM 1266 O  O   . HOH I 5 .   ? 2.910   -1.203  -12.537 1.00 24.47 ? 433 HOH A O   1 
HETATM 1267 O  O   . HOH I 5 .   ? -5.829  9.241   3.175   1.00 19.99 ? 434 HOH A O   1 
HETATM 1268 O  O   . HOH I 5 .   ? 4.802   7.057   8.705   1.00 26.74 ? 435 HOH A O   1 
HETATM 1269 O  O   . HOH I 5 .   ? -9.112  -10.297 -12.273 1.00 23.14 ? 436 HOH A O   1 
HETATM 1270 O  O   . HOH I 5 .   ? -9.070  -12.160 8.733   1.00 19.91 ? 437 HOH A O   1 
HETATM 1271 O  O   . HOH I 5 .   ? 4.275   13.629  5.943   1.00 22.05 ? 438 HOH A O   1 
HETATM 1272 O  O   . HOH I 5 .   ? -2.131  -8.967  12.997  1.00 12.02 ? 439 HOH A O   1 
HETATM 1273 O  O   . HOH I 5 .   ? 15.605  8.571   5.038   1.00 38.37 ? 440 HOH A O   1 
HETATM 1274 O  O   . HOH I 5 .   ? 0.262   -10.082 12.194  1.00 14.98 ? 441 HOH A O   1 
HETATM 1275 O  O   . HOH I 5 .   ? 4.682   -13.001 10.200  1.00 16.27 ? 442 HOH A O   1 
HETATM 1276 O  O   . HOH I 5 .   ? -6.942  6.647   2.725   1.00 14.94 ? 443 HOH A O   1 
HETATM 1277 O  O   . HOH I 5 .   ? -13.825 12.743  -2.712  1.00 21.12 ? 444 HOH A O   1 
HETATM 1278 O  O   . HOH I 5 .   ? -10.236 -13.385 1.980   1.00 20.44 ? 445 HOH A O   1 
HETATM 1279 O  O   . HOH I 5 .   ? -8.383  -4.964  3.950   1.00 16.74 ? 446 HOH A O   1 
HETATM 1280 O  O   . HOH I 5 .   ? -8.265  -13.480 -0.697  1.00 14.59 ? 447 HOH A O   1 
HETATM 1281 O  O   . HOH I 5 .   ? -1.546  19.145  -1.090  1.00 27.98 ? 448 HOH A O   1 
HETATM 1282 O  O   . HOH I 5 .   ? 0.366   3.728   9.014   1.00 16.13 ? 449 HOH A O   1 
HETATM 1283 O  O   . HOH I 5 .   ? 7.220   21.681  -2.008  1.00 37.06 ? 450 HOH A O   1 
HETATM 1284 O  O   . HOH I 5 .   ? 14.927  6.256   -7.470  1.00 24.43 ? 451 HOH A O   1 
HETATM 1285 O  O   . HOH I 5 .   ? 11.827  8.469   -13.795 1.00 39.03 ? 452 HOH A O   1 
HETATM 1286 O  O   . HOH I 5 .   ? -1.470  6.444   -14.723 1.00 19.13 ? 453 HOH A O   1 
HETATM 1287 O  O   . HOH I 5 .   ? -8.258  10.674  2.035   1.00 27.51 ? 454 HOH A O   1 
HETATM 1288 O  O   . HOH I 5 .   ? -1.919  8.945   6.366   1.00 20.61 ? 455 HOH A O   1 
HETATM 1289 O  O   . HOH I 5 .   ? -15.744 -3.360  7.165   1.00 25.31 ? 456 HOH A O   1 
HETATM 1290 O  O   . HOH I 5 .   ? 13.127  -4.759  8.207   1.00 21.03 ? 457 HOH A O   1 
HETATM 1291 O  O   . HOH I 5 .   ? 19.162  -7.537  -1.454  1.00 25.67 ? 458 HOH A O   1 
HETATM 1292 O  O   . HOH I 5 .   ? 10.414  2.747   -11.709 1.00 20.94 ? 459 HOH A O   1 
HETATM 1293 O  O   . HOH I 5 .   ? 8.858   -11.413 11.072  1.00 29.17 ? 460 HOH A O   1 
HETATM 1294 O  O   . HOH I 5 .   ? -9.478  -7.767  0.541   1.00 12.87 ? 461 HOH A O   1 
HETATM 1295 O  O   . HOH I 5 .   ? -16.964 0.077   -0.426  1.00 38.64 ? 462 HOH A O   1 
HETATM 1296 O  O   . HOH I 5 .   ? -13.047 -16.341 1.232   1.00 37.04 ? 463 HOH A O   1 
HETATM 1297 O  O   . HOH I 5 .   ? -11.505 20.095  -9.793  1.00 27.30 ? 464 HOH A O   1 
HETATM 1298 O  O   . HOH I 5 .   ? 2.638   3.669   10.998  1.00 17.72 ? 465 HOH A O   1 
HETATM 1299 O  O   . HOH I 5 .   ? -13.890 0.780   5.398   1.00 28.93 ? 466 HOH A O   1 
HETATM 1300 O  O   . HOH I 5 .   ? 5.284   -7.931  -8.856  1.00 31.39 ? 467 HOH A O   1 
HETATM 1301 O  O   . HOH I 5 .   ? -14.242 -13.293 -10.119 1.00 34.01 ? 468 HOH A O   1 
HETATM 1302 O  O   . HOH I 5 .   ? -9.709  6.691   18.464  1.00 29.95 ? 469 HOH A O   1 
HETATM 1303 O  O   . HOH I 5 .   ? 15.300  -5.859  9.292   1.00 35.84 ? 470 HOH A O   1 
HETATM 1304 O  O   . HOH I 5 .   ? -2.028  19.682  -5.439  1.00 36.76 ? 471 HOH A O   1 
HETATM 1305 O  O   . HOH I 5 .   ? 0.388   8.134   -15.438 1.00 41.73 ? 472 HOH A O   1 
HETATM 1306 O  O   . HOH I 5 .   ? -13.536 0.803   2.366   1.00 32.57 ? 473 HOH A O   1 
HETATM 1307 O  O   . HOH I 5 .   ? -10.492 -6.606  2.914   1.00 19.65 ? 474 HOH A O   1 
HETATM 1308 O  O   . HOH I 5 .   ? -9.961  -5.851  -11.756 1.00 24.12 ? 475 HOH A O   1 
HETATM 1309 O  O   . HOH I 5 .   ? -14.985 -5.629  8.774   1.00 27.42 ? 476 HOH A O   1 
HETATM 1310 O  O   . HOH I 5 .   ? 13.258  6.263   -12.235 1.00 31.05 ? 477 HOH A O   1 
HETATM 1311 O  O   . HOH I 5 .   ? 7.063   22.794  -0.156  1.00 29.39 ? 478 HOH A O   1 
HETATM 1312 O  O   . HOH I 5 .   ? 7.788   2.107   -12.132 1.00 24.42 ? 479 HOH A O   1 
HETATM 1313 O  O   . HOH I 5 .   ? -4.500  -8.054  -12.759 1.00 37.26 ? 480 HOH A O   1 
HETATM 1314 O  O   . HOH I 5 .   ? -7.728  4.312   22.445  1.00 29.10 ? 481 HOH A O   1 
HETATM 1315 O  O   . HOH I 5 .   ? 16.885  -6.752  2.418   1.00 18.78 ? 482 HOH A O   1 
HETATM 1316 O  O   . HOH I 5 .   ? -5.787  -12.874 12.382  1.00 24.35 ? 483 HOH A O   1 
HETATM 1317 O  O   . HOH I 5 .   ? -13.675 7.970   -1.610  1.00 45.53 ? 484 HOH A O   1 
HETATM 1318 O  O   . HOH I 5 .   ? -8.024  13.336  1.884   1.00 38.02 ? 485 HOH A O   1 
HETATM 1319 O  O   . HOH I 5 .   ? -3.381  -10.036 15.194  1.00 21.74 ? 486 HOH A O   1 
HETATM 1320 O  O   . HOH I 5 .   ? 11.054  4.935   -12.827 1.00 25.16 ? 487 HOH A O   1 
HETATM 1321 O  O   . HOH I 5 .   ? -2.096  -7.272  -13.695 1.00 31.72 ? 488 HOH A O   1 
HETATM 1322 O  O   . HOH I 5 .   ? -12.136 2.165   4.103   1.00 33.87 ? 489 HOH A O   1 
HETATM 1323 O  O   . HOH I 5 .   ? -9.704  -16.555 9.765   1.00 37.15 ? 490 HOH A O   1 
HETATM 1324 O  O   . HOH I 5 .   ? 16.460  -9.466  2.696   1.00 34.87 ? 491 HOH A O   1 
HETATM 1325 O  O   . HOH I 5 .   ? 2.815   15.679  4.715   1.00 24.40 ? 492 HOH A O   1 
HETATM 1326 O  O   . HOH I 5 .   ? 5.013   4.812   -14.726 1.00 36.18 ? 493 HOH A O   1 
HETATM 1327 O  O   . HOH I 5 .   ? -11.900 -10.704 -12.597 1.00 26.04 ? 494 HOH A O   1 
HETATM 1328 O  O   . HOH I 5 .   ? 3.731   24.238  1.650   1.00 42.84 ? 495 HOH A O   1 
HETATM 1329 O  O   . HOH I 5 .   ? 15.752  10.299  7.151   1.00 27.53 ? 496 HOH A O   1 
HETATM 1330 O  O   . HOH I 5 .   ? 4.280   0.989   -13.107 1.00 40.87 ? 497 HOH A O   1 
HETATM 1331 O  O   . HOH I 5 .   ? -1.993  15.756  0.928   1.00 35.00 ? 498 HOH A O   1 
HETATM 1332 O  O   . HOH I 5 .   ? 0.240   16.876  1.886   1.00 27.77 ? 499 HOH A O   1 
HETATM 1333 O  O   . HOH I 5 .   ? -8.459  6.659   21.331  1.00 54.69 ? 500 HOH A O   1 
HETATM 1334 O  O   . HOH I 5 .   ? 8.965   -6.233  -6.981  1.00 24.51 ? 501 HOH A O   1 
HETATM 1335 O  O   . HOH I 5 .   ? -12.726 -9.224  6.054   1.00 28.17 ? 502 HOH A O   1 
HETATM 1336 O  O   . HOH I 5 .   ? -12.349 -8.239  3.587   1.00 24.96 ? 503 HOH A O   1 
HETATM 1337 O  O   . HOH I 5 .   ? -17.428 2.822   4.936   1.00 43.65 ? 504 HOH A O   1 
HETATM 1338 O  O   . HOH I 5 .   ? -12.786 -12.478 2.843   1.00 32.69 ? 505 HOH A O   1 
HETATM 1339 O  O   . HOH I 5 .   ? -6.261  -15.886 1.822   1.00 14.80 ? 506 HOH A O   1 
HETATM 1340 O  O   . HOH I 5 .   ? 19.223  -6.207  3.860   1.00 34.85 ? 507 HOH A O   1 
HETATM 1341 O  O   . HOH I 5 .   ? 11.084  9.366   9.628   1.00 22.85 ? 508 HOH A O   1 
HETATM 1342 O  O   . HOH I 5 .   ? 8.673   11.025  -12.702 1.00 37.67 ? 509 HOH A O   1 
HETATM 1343 O  O   . HOH I 5 .   ? -4.748  -15.912 -0.601  1.00 13.34 ? 510 HOH A O   1 
HETATM 1344 O  O   . HOH I 5 .   ? 10.315  -9.095  -5.883  1.00 26.93 ? 511 HOH A O   1 
HETATM 1345 O  O   . HOH I 5 .   ? -1.996  -10.794 17.554  1.00 30.68 ? 512 HOH A O   1 
HETATM 1346 O  O   . HOH I 5 .   ? -13.442 -11.983 5.499   1.00 34.63 ? 513 HOH A O   1 
HETATM 1347 O  O   . HOH I 5 .   ? -12.870 9.840   0.993   1.00 39.44 ? 514 HOH A O   1 
HETATM 1348 O  O   . HOH I 5 .   ? -5.937  -0.170  22.123  1.00 24.54 ? 515 HOH A O   1 
HETATM 1349 O  O   . HOH I 5 .   ? 10.728  24.011  2.554   1.00 26.83 ? 516 HOH A O   1 
HETATM 1350 O  O   . HOH I 5 .   ? -16.719 -14.176 -1.430  1.00 37.95 ? 517 HOH A O   1 
HETATM 1351 O  O   . HOH I 5 .   ? -9.580  7.137   3.261   1.00 21.09 ? 518 HOH A O   1 
HETATM 1352 O  O   . HOH I 5 .   ? 20.405  1.125   8.598   1.00 44.91 ? 519 HOH A O   1 
HETATM 1353 O  O   . HOH I 5 .   ? -4.244  3.038   21.600  1.00 43.52 ? 520 HOH A O   1 
HETATM 1354 O  O   . HOH I 5 .   ? 2.534   -10.553 16.478  1.00 28.78 ? 521 HOH A O   1 
HETATM 1355 O  O   . HOH I 5 .   ? -14.469 -14.354 1.626   1.00 31.18 ? 522 HOH A O   1 
HETATM 1356 O  O   . HOH I 5 .   ? 3.242   16.067  -10.108 1.00 35.73 ? 523 HOH A O   1 
HETATM 1357 O  O   . HOH I 5 .   ? -9.121  21.212  -10.445 1.00 30.35 ? 524 HOH A O   1 
HETATM 1358 O  O   . HOH I 5 .   ? -7.131  -20.568 -13.258 1.00 36.82 ? 525 HOH A O   1 
HETATM 1359 O  O   . HOH I 5 .   ? 9.569   9.084   -14.529 1.00 37.11 ? 526 HOH A O   1 
HETATM 1360 O  O   . HOH I 5 .   ? -11.753 5.618   4.359   1.00 27.71 ? 527 HOH A O   1 
HETATM 1361 O  O   . HOH I 5 .   ? 9.662   6.218   -14.735 1.00 32.95 ? 528 HOH A O   1 
HETATM 1362 O  O   . HOH I 5 .   ? 3.008   -8.803  18.004  1.00 32.70 ? 529 HOH A O   1 
HETATM 1363 O  O   . HOH I 5 .   ? 11.932  24.892  0.744   1.00 43.31 ? 530 HOH A O   1 
HETATM 1364 O  O   . HOH I 5 .   ? -4.244  -13.745 -14.209 1.00 47.45 ? 531 HOH A O   1 
HETATM 1365 O  O   . HOH I 5 .   ? 1.025   -8.185  19.306  1.00 36.97 ? 532 HOH A O   1 
HETATM 1366 O  O   . HOH I 5 .   ? -4.759  -11.309 -14.207 1.00 38.49 ? 533 HOH A O   1 
HETATM 1367 O  O   . HOH I 5 .   ? -13.737 4.193   3.455   1.00 28.82 ? 534 HOH A O   1 
HETATM 1368 O  O   . HOH I 5 .   ? -1.849  -13.054 -16.340 1.00 40.51 ? 535 HOH A O   1 
# 
